data_1R8O
# 
_entry.id   1R8O 
# 
_audit_conform.dict_name       mmcif_pdbx.dic 
_audit_conform.dict_version    5.398 
_audit_conform.dict_location   http://mmcif.pdb.org/dictionaries/ascii/mmcif_pdbx.dic 
# 
loop_
_database_2.database_id 
_database_2.database_code 
_database_2.pdbx_database_accession 
_database_2.pdbx_DOI 
PDB   1R8O         pdb_00001r8o 10.2210/pdb1r8o/pdb 
RCSB  RCSB020574   ?            ?                   
WWPDB D_1000020574 ?            ?                   
# 
loop_
_pdbx_audit_revision_history.ordinal 
_pdbx_audit_revision_history.data_content_type 
_pdbx_audit_revision_history.major_revision 
_pdbx_audit_revision_history.minor_revision 
_pdbx_audit_revision_history.revision_date 
1 'Structure model' 1 0 2004-05-25 
2 'Structure model' 1 1 2008-04-29 
3 'Structure model' 1 2 2011-07-13 
4 'Structure model' 1 3 2024-10-30 
# 
_pdbx_audit_revision_details.ordinal             1 
_pdbx_audit_revision_details.revision_ordinal    1 
_pdbx_audit_revision_details.data_content_type   'Structure model' 
_pdbx_audit_revision_details.provider            repository 
_pdbx_audit_revision_details.type                'Initial release' 
_pdbx_audit_revision_details.description         ? 
_pdbx_audit_revision_details.details             ? 
# 
loop_
_pdbx_audit_revision_group.ordinal 
_pdbx_audit_revision_group.revision_ordinal 
_pdbx_audit_revision_group.data_content_type 
_pdbx_audit_revision_group.group 
1 2 'Structure model' 'Version format compliance' 
2 3 'Structure model' Advisory                    
3 3 'Structure model' 'Refinement description'    
4 3 'Structure model' 'Version format compliance' 
5 4 'Structure model' 'Data collection'           
6 4 'Structure model' 'Database references'       
7 4 'Structure model' 'Structure summary'         
# 
loop_
_pdbx_audit_revision_category.ordinal 
_pdbx_audit_revision_category.revision_ordinal 
_pdbx_audit_revision_category.data_content_type 
_pdbx_audit_revision_category.category 
1 4 'Structure model' chem_comp_atom            
2 4 'Structure model' chem_comp_bond            
3 4 'Structure model' database_2                
4 4 'Structure model' pdbx_entry_details        
5 4 'Structure model' pdbx_modification_feature 
# 
loop_
_pdbx_audit_revision_item.ordinal 
_pdbx_audit_revision_item.revision_ordinal 
_pdbx_audit_revision_item.data_content_type 
_pdbx_audit_revision_item.item 
1 4 'Structure model' '_database_2.pdbx_DOI'                
2 4 'Structure model' '_database_2.pdbx_database_accession' 
# 
_pdbx_database_status.status_code                     REL 
_pdbx_database_status.entry_id                        1R8O 
_pdbx_database_status.recvd_initial_deposition_date   2003-10-27 
_pdbx_database_status.deposit_site                    RCSB 
_pdbx_database_status.process_site                    RCSB 
_pdbx_database_status.status_code_sf                  REL 
_pdbx_database_status.status_code_mr                  ? 
_pdbx_database_status.SG_entry                        ? 
_pdbx_database_status.pdb_format_compatible           Y 
_pdbx_database_status.status_code_cs                  ? 
_pdbx_database_status.status_code_nmr_data            ? 
_pdbx_database_status.methods_development_category    ? 
# 
_pdbx_database_related.db_name        PDB 
_pdbx_database_related.db_id          1R8N 
_pdbx_database_related.details        'The Crystal Structure of the Kunitz (STI) Type Inhibitor from Seeds of Delonix regia' 
_pdbx_database_related.content_type   unspecified 
# 
loop_
_audit_author.name 
_audit_author.pdbx_ordinal 
'Krauchenco, S.' 1 
'Nagem, R.A.P.'  2 
'da Silva, J.A.' 3 
'Marangoni, S.'  4 
'Polikarpov, I.' 5 
# 
loop_
_citation.id 
_citation.title 
_citation.journal_abbrev 
_citation.journal_volume 
_citation.page_first 
_citation.page_last 
_citation.year 
_citation.journal_id_ASTM 
_citation.country 
_citation.journal_id_ISSN 
_citation.journal_id_CSD 
_citation.book_publisher 
_citation.pdbx_database_id_PubMed 
_citation.pdbx_database_id_DOI 
primary 'Three-dimensional structure of an unusual Kunitz (STI) type trypsin inhibitor from Copaifera langsdorffii.' Biochimie 86 
167  172  2004 BICMBE FR 0300-9084 0466 ? 15134830 10.1016/j.biochi.2004.03.004 
1       
'Crystallization and preliminary X-ray diffraction analysis of a novel tryspin inhibitor from seeds of Copaifera langsdorffii' 
'Acta Crystallogr.,Sect.D' 57 1316 1318 2001 ABCRE6 DK 0907-4449 0766 ? ?        10.1107/S0907444901011131    
2       'Biochemical characterization and N-terminal sequences of two new trypsin inhibitors from Copaifera langsdorffii seeds' 
'J.PROTEIN CHEM.'          20 1    7    2001 JPCHD2 UK 0277-8033 0935 ? ?        10.1023/A:1011053002001      
# 
loop_
_citation_author.citation_id 
_citation_author.name 
_citation_author.ordinal 
_citation_author.identifier_ORCID 
primary 'Krauchenco, S.'         1  ? 
primary 'Nagem, R.A.P.'          2  ? 
primary 'Da Silva, J.A.'         3  ? 
primary 'Marangoni, S.'          4  ? 
primary 'Polikarpov, I.'         5  ? 
1       'Krauchenco, S.'         6  ? 
1       'Silva, J.A.'            7  ? 
1       'Nagem, R.A.P.'          8  ? 
1       'Brando Neto, J.R.'      9  ? 
1       'Forrer, V.P.'           10 ? 
1       'Carmona e Ferreira, R.' 11 ? 
1       'Macedo, M.L.R.'         12 ? 
1       'Novello, J.C.'          13 ? 
1       'Marangoni, S.'          14 ? 
1       'Polikarpov, I.'         15 ? 
2       'da Silva, J.A.'         16 ? 
2       'Macedo, M.L.R.'         17 ? 
2       'Novello, J.C.'          18 ? 
2       'Marangoni, S.'          19 ? 
# 
loop_
_entity.id 
_entity.type 
_entity.src_method 
_entity.pdbx_description 
_entity.formula_weight 
_entity.pdbx_number_of_molecules 
_entity.pdbx_ec 
_entity.pdbx_mutation 
_entity.pdbx_fragment 
_entity.details 
1 polymer nat 'Kunitz trypsin inhibitor' 10129.670 1   ? ? 'residues 1-96'   ? 
2 polymer nat 'Kunitz trypsin inhibitor' 7902.113  1   ? ? 'residues 97-167' ? 
3 water   nat water                      18.015    182 ? ? ?                 ? 
# 
loop_
_entity_name_com.entity_id 
_entity_name_com.name 
1 STI 
2 STI 
# 
loop_
_entity_poly.entity_id 
_entity_poly.type 
_entity_poly.nstd_linkage 
_entity_poly.nstd_monomer 
_entity_poly.pdbx_seq_one_letter_code 
_entity_poly.pdbx_seq_one_letter_code_can 
_entity_poly.pdbx_strand_id 
_entity_poly.pdbx_target_identifier 
1 'polypeptide(L)' no no 
;RLVDTDGKPIENDGAEYYILPSVRGKGGGLVLAKSGGEKCPLSVVQSPSELSNGLPVRFKASPRSKYISVGMLLGIEVIE
SPECAPKPSMWSVKSG
;
;RLVDTDGKPIENDGAEYYILPSVRGKGGGLVLAKSGGEKCPLSVVQSPSELSNGLPVRFKASPRSKYISVGMLLGIEVIE
SPECAPKPSMWSVKSG
;
A ? 
2 'polypeptide(L)' no no WKLPSVTVGNPKVSVFGGPFKIEEGKSGYKDVYSSSKGRDLDDGIEVNKKKEKRLVVKDGNPFIIRFKKSG                             
WKLPSVTVGNPKVSVFGGPFKIEEGKSGYKDVYSSSKGRDLDDGIEVNKKKEKRLVVKDGNPFIIRFKKSG                             B ? 
# 
_pdbx_entity_nonpoly.entity_id   3 
_pdbx_entity_nonpoly.name        water 
_pdbx_entity_nonpoly.comp_id     HOH 
# 
loop_
_entity_poly_seq.entity_id 
_entity_poly_seq.num 
_entity_poly_seq.mon_id 
_entity_poly_seq.hetero 
1 1  ARG n 
1 2  LEU n 
1 3  VAL n 
1 4  ASP n 
1 5  THR n 
1 6  ASP n 
1 7  GLY n 
1 8  LYS n 
1 9  PRO n 
1 10 ILE n 
1 11 GLU n 
1 12 ASN n 
1 13 ASP n 
1 14 GLY n 
1 15 ALA n 
1 16 GLU n 
1 17 TYR n 
1 18 TYR n 
1 19 ILE n 
1 20 LEU n 
1 21 PRO n 
1 22 SER n 
1 23 VAL n 
1 24 ARG n 
1 25 GLY n 
1 26 LYS n 
1 27 GLY n 
1 28 GLY n 
1 29 GLY n 
1 30 LEU n 
1 31 VAL n 
1 32 LEU n 
1 33 ALA n 
1 34 LYS n 
1 35 SER n 
1 36 GLY n 
1 37 GLY n 
1 38 GLU n 
1 39 LYS n 
1 40 CYS n 
1 41 PRO n 
1 42 LEU n 
1 43 SER n 
1 44 VAL n 
1 45 VAL n 
1 46 GLN n 
1 47 SER n 
1 48 PRO n 
1 49 SER n 
1 50 GLU n 
1 51 LEU n 
1 52 SER n 
1 53 ASN n 
1 54 GLY n 
1 55 LEU n 
1 56 PRO n 
1 57 VAL n 
1 58 ARG n 
1 59 PHE n 
1 60 LYS n 
1 61 ALA n 
1 62 SER n 
1 63 PRO n 
1 64 ARG n 
1 65 SER n 
1 66 LYS n 
1 67 TYR n 
1 68 ILE n 
1 69 SER n 
1 70 VAL n 
1 71 GLY n 
1 72 MET n 
1 73 LEU n 
1 74 LEU n 
1 75 GLY n 
1 76 ILE n 
1 77 GLU n 
1 78 VAL n 
1 79 ILE n 
1 80 GLU n 
1 81 SER n 
1 82 PRO n 
1 83 GLU n 
1 84 CYS n 
1 85 ALA n 
1 86 PRO n 
1 87 LYS n 
1 88 PRO n 
1 89 SER n 
1 90 MET n 
1 91 TRP n 
1 92 SER n 
1 93 VAL n 
1 94 LYS n 
1 95 SER n 
1 96 GLY n 
2 1  TRP n 
2 2  LYS n 
2 3  LEU n 
2 4  PRO n 
2 5  SER n 
2 6  VAL n 
2 7  THR n 
2 8  VAL n 
2 9  GLY n 
2 10 ASN n 
2 11 PRO n 
2 12 LYS n 
2 13 VAL n 
2 14 SER n 
2 15 VAL n 
2 16 PHE n 
2 17 GLY n 
2 18 GLY n 
2 19 PRO n 
2 20 PHE n 
2 21 LYS n 
2 22 ILE n 
2 23 GLU n 
2 24 GLU n 
2 25 GLY n 
2 26 LYS n 
2 27 SER n 
2 28 GLY n 
2 29 TYR n 
2 30 LYS n 
2 31 ASP n 
2 32 VAL n 
2 33 TYR n 
2 34 SER n 
2 35 SER n 
2 36 SER n 
2 37 LYS n 
2 38 GLY n 
2 39 ARG n 
2 40 ASP n 
2 41 LEU n 
2 42 ASP n 
2 43 ASP n 
2 44 GLY n 
2 45 ILE n 
2 46 GLU n 
2 47 VAL n 
2 48 ASN n 
2 49 LYS n 
2 50 LYS n 
2 51 LYS n 
2 52 GLU n 
2 53 LYS n 
2 54 ARG n 
2 55 LEU n 
2 56 VAL n 
2 57 VAL n 
2 58 LYS n 
2 59 ASP n 
2 60 GLY n 
2 61 ASN n 
2 62 PRO n 
2 63 PHE n 
2 64 ILE n 
2 65 ILE n 
2 66 ARG n 
2 67 PHE n 
2 68 LYS n 
2 69 LYS n 
2 70 SER n 
2 71 GLY n 
# 
loop_
_entity_src_nat.entity_id 
_entity_src_nat.pdbx_src_id 
_entity_src_nat.pdbx_alt_source_flag 
_entity_src_nat.pdbx_beg_seq_num 
_entity_src_nat.pdbx_end_seq_num 
_entity_src_nat.common_name 
_entity_src_nat.pdbx_organism_scientific 
_entity_src_nat.pdbx_ncbi_taxonomy_id 
_entity_src_nat.genus 
_entity_src_nat.species 
_entity_src_nat.strain 
_entity_src_nat.tissue 
_entity_src_nat.tissue_fraction 
_entity_src_nat.pdbx_secretion 
_entity_src_nat.pdbx_fragment 
_entity_src_nat.pdbx_variant 
_entity_src_nat.pdbx_cell_line 
_entity_src_nat.pdbx_atcc 
_entity_src_nat.pdbx_cellular_location 
_entity_src_nat.pdbx_organ 
_entity_src_nat.pdbx_organelle 
_entity_src_nat.pdbx_cell 
_entity_src_nat.pdbx_plasmid_name 
_entity_src_nat.pdbx_plasmid_details 
_entity_src_nat.details 
1 1 sample ? ? ? 'Copaifera langsdorffii' 280048 Copaifera ? ? ? ? ? ? ? ? ? ? ? ? ? ? ? ? 
2 1 sample ? ? ? 'Copaifera langsdorffii' 280048 Copaifera ? ? ? ? ? ? ? ? ? ? ? ? ? ? ? ? 
# 
loop_
_chem_comp.id 
_chem_comp.type 
_chem_comp.mon_nstd_flag 
_chem_comp.name 
_chem_comp.pdbx_synonyms 
_chem_comp.formula 
_chem_comp.formula_weight 
ALA 'L-peptide linking' y ALANINE         ? 'C3 H7 N O2'     89.093  
ARG 'L-peptide linking' y ARGININE        ? 'C6 H15 N4 O2 1' 175.209 
ASN 'L-peptide linking' y ASPARAGINE      ? 'C4 H8 N2 O3'    132.118 
ASP 'L-peptide linking' y 'ASPARTIC ACID' ? 'C4 H7 N O4'     133.103 
CYS 'L-peptide linking' y CYSTEINE        ? 'C3 H7 N O2 S'   121.158 
GLN 'L-peptide linking' y GLUTAMINE       ? 'C5 H10 N2 O3'   146.144 
GLU 'L-peptide linking' y 'GLUTAMIC ACID' ? 'C5 H9 N O4'     147.129 
GLY 'peptide linking'   y GLYCINE         ? 'C2 H5 N O2'     75.067  
HOH non-polymer         . WATER           ? 'H2 O'           18.015  
ILE 'L-peptide linking' y ISOLEUCINE      ? 'C6 H13 N O2'    131.173 
LEU 'L-peptide linking' y LEUCINE         ? 'C6 H13 N O2'    131.173 
LYS 'L-peptide linking' y LYSINE          ? 'C6 H15 N2 O2 1' 147.195 
MET 'L-peptide linking' y METHIONINE      ? 'C5 H11 N O2 S'  149.211 
PHE 'L-peptide linking' y PHENYLALANINE   ? 'C9 H11 N O2'    165.189 
PRO 'L-peptide linking' y PROLINE         ? 'C5 H9 N O2'     115.130 
SER 'L-peptide linking' y SERINE          ? 'C3 H7 N O3'     105.093 
THR 'L-peptide linking' y THREONINE       ? 'C4 H9 N O3'     119.119 
TRP 'L-peptide linking' y TRYPTOPHAN      ? 'C11 H12 N2 O2'  204.225 
TYR 'L-peptide linking' y TYROSINE        ? 'C9 H11 N O3'    181.189 
VAL 'L-peptide linking' y VALINE          ? 'C5 H11 N O2'    117.146 
# 
loop_
_pdbx_poly_seq_scheme.asym_id 
_pdbx_poly_seq_scheme.entity_id 
_pdbx_poly_seq_scheme.seq_id 
_pdbx_poly_seq_scheme.mon_id 
_pdbx_poly_seq_scheme.ndb_seq_num 
_pdbx_poly_seq_scheme.pdb_seq_num 
_pdbx_poly_seq_scheme.auth_seq_num 
_pdbx_poly_seq_scheme.pdb_mon_id 
_pdbx_poly_seq_scheme.auth_mon_id 
_pdbx_poly_seq_scheme.pdb_strand_id 
_pdbx_poly_seq_scheme.pdb_ins_code 
_pdbx_poly_seq_scheme.hetero 
A 1 1  ARG 1  1   1   ARG ARG A . n 
A 1 2  LEU 2  2   2   LEU LEU A . n 
A 1 3  VAL 3  3   3   VAL VAL A . n 
A 1 4  ASP 4  4   4   ASP ASP A . n 
A 1 5  THR 5  5   5   THR THR A . n 
A 1 6  ASP 6  6   6   ASP ASP A . n 
A 1 7  GLY 7  7   7   GLY GLY A . n 
A 1 8  LYS 8  8   8   LYS LYS A . n 
A 1 9  PRO 9  9   9   PRO PRO A . n 
A 1 10 ILE 10 10  10  ILE ILE A . n 
A 1 11 GLU 11 11  11  GLU GLU A . n 
A 1 12 ASN 12 12  12  ASN ASN A . n 
A 1 13 ASP 13 13  13  ASP ASP A . n 
A 1 14 GLY 14 14  14  GLY GLY A . n 
A 1 15 ALA 15 15  15  ALA ALA A . n 
A 1 16 GLU 16 16  16  GLU GLU A . n 
A 1 17 TYR 17 17  17  TYR TYR A . n 
A 1 18 TYR 18 18  18  TYR TYR A . n 
A 1 19 ILE 19 19  19  ILE ILE A . n 
A 1 20 LEU 20 20  20  LEU LEU A . n 
A 1 21 PRO 21 21  21  PRO PRO A . n 
A 1 22 SER 22 22  22  SER SER A . n 
A 1 23 VAL 23 23  23  VAL VAL A . n 
A 1 24 ARG 24 24  24  ARG ARG A . n 
A 1 25 GLY 25 25  25  GLY GLY A . n 
A 1 26 LYS 26 26  26  LYS LYS A . n 
A 1 27 GLY 27 27  27  GLY GLY A . n 
A 1 28 GLY 28 28  28  GLY GLY A . n 
A 1 29 GLY 29 29  29  GLY GLY A . n 
A 1 30 LEU 30 30  30  LEU LEU A . n 
A 1 31 VAL 31 31  31  VAL VAL A . n 
A 1 32 LEU 32 32  32  LEU LEU A . n 
A 1 33 ALA 33 33  33  ALA ALA A . n 
A 1 34 LYS 34 34  34  LYS LYS A . n 
A 1 35 SER 35 35  35  SER SER A . n 
A 1 36 GLY 36 36  36  GLY GLY A . n 
A 1 37 GLY 37 37  37  GLY GLY A . n 
A 1 38 GLU 38 38  38  GLU GLU A . n 
A 1 39 LYS 39 39  39  LYS LYS A . n 
A 1 40 CYS 40 40  40  CYS CYS A . n 
A 1 41 PRO 41 41  41  PRO PRO A . n 
A 1 42 LEU 42 42  42  LEU LEU A . n 
A 1 43 SER 43 43  43  SER SER A . n 
A 1 44 VAL 44 44  44  VAL VAL A . n 
A 1 45 VAL 45 45  45  VAL VAL A . n 
A 1 46 GLN 46 46  46  GLN GLN A . n 
A 1 47 SER 47 47  47  SER SER A . n 
A 1 48 PRO 48 48  48  PRO PRO A . n 
A 1 49 SER 49 49  49  SER SER A . n 
A 1 50 GLU 50 50  50  GLU GLU A . n 
A 1 51 LEU 51 51  51  LEU LEU A . n 
A 1 52 SER 52 52  52  SER SER A . n 
A 1 53 ASN 53 53  53  ASN ASN A . n 
A 1 54 GLY 54 54  54  GLY GLY A . n 
A 1 55 LEU 55 55  55  LEU LEU A . n 
A 1 56 PRO 56 56  56  PRO PRO A . n 
A 1 57 VAL 57 57  57  VAL VAL A . n 
A 1 58 ARG 58 58  58  ARG ARG A . n 
A 1 59 PHE 59 59  59  PHE PHE A . n 
A 1 60 LYS 60 60  60  LYS LYS A . n 
A 1 61 ALA 61 61  61  ALA ALA A . n 
A 1 62 SER 62 62  62  SER SER A . n 
A 1 63 PRO 63 63  63  PRO PRO A . n 
A 1 64 ARG 64 64  64  ARG ARG A . n 
A 1 65 SER 65 65  65  SER SER A . n 
A 1 66 LYS 66 66  66  LYS LYS A . n 
A 1 67 TYR 67 67  67  TYR TYR A . n 
A 1 68 ILE 68 68  68  ILE ILE A . n 
A 1 69 SER 69 69  69  SER SER A . n 
A 1 70 VAL 70 70  70  VAL VAL A . n 
A 1 71 GLY 71 71  71  GLY GLY A . n 
A 1 72 MET 72 72  72  MET MET A . n 
A 1 73 LEU 73 73  73  LEU LEU A . n 
A 1 74 LEU 74 74  74  LEU LEU A . n 
A 1 75 GLY 75 75  75  GLY GLY A . n 
A 1 76 ILE 76 76  76  ILE ILE A . n 
A 1 77 GLU 77 77  77  GLU GLU A . n 
A 1 78 VAL 78 78  78  VAL VAL A . n 
A 1 79 ILE 79 79  79  ILE ILE A . n 
A 1 80 GLU 80 80  80  GLU GLU A . n 
A 1 81 SER 81 81  81  SER SER A . n 
A 1 82 PRO 82 82  82  PRO PRO A . n 
A 1 83 GLU 83 83  83  GLU GLU A . n 
A 1 84 CYS 84 84  84  CYS CYS A . n 
A 1 85 ALA 85 85  85  ALA ALA A . n 
A 1 86 PRO 86 86  86  PRO PRO A . n 
A 1 87 LYS 87 87  87  LYS LYS A . n 
A 1 88 PRO 88 88  88  PRO PRO A . n 
A 1 89 SER 89 89  89  SER SER A . n 
A 1 90 MET 90 90  90  MET MET A . n 
A 1 91 TRP 91 91  91  TRP TRP A . n 
A 1 92 SER 92 92  92  SER SER A . n 
A 1 93 VAL 93 93  93  VAL VAL A . n 
A 1 94 LYS 94 94  94  LYS LYS A . n 
A 1 95 SER 95 95  95  SER SER A . n 
A 1 96 GLY 96 96  96  GLY GLY A . n 
B 2 1  TRP 1  97  97  TRP TRP B . n 
B 2 2  LYS 2  98  98  LYS LYS B . n 
B 2 3  LEU 3  99  99  LEU LEU B . n 
B 2 4  PRO 4  100 100 PRO PRO B . n 
B 2 5  SER 5  101 101 SER SER B . n 
B 2 6  VAL 6  102 102 VAL VAL B . n 
B 2 7  THR 7  103 103 THR THR B . n 
B 2 8  VAL 8  104 104 VAL VAL B . n 
B 2 9  GLY 9  105 105 GLY GLY B . n 
B 2 10 ASN 10 106 106 ASN ASN B . n 
B 2 11 PRO 11 107 107 PRO PRO B . n 
B 2 12 LYS 12 108 108 LYS LYS B . n 
B 2 13 VAL 13 109 109 VAL VAL B . n 
B 2 14 SER 14 110 110 SER SER B . n 
B 2 15 VAL 15 111 111 VAL VAL B . n 
B 2 16 PHE 16 112 112 PHE PHE B . n 
B 2 17 GLY 17 113 113 GLY GLY B . n 
B 2 18 GLY 18 114 114 GLY GLY B . n 
B 2 19 PRO 19 115 115 PRO PRO B . n 
B 2 20 PHE 20 116 116 PHE PHE B . n 
B 2 21 LYS 21 117 117 LYS LYS B . n 
B 2 22 ILE 22 118 118 ILE ILE B . n 
B 2 23 GLU 23 119 119 GLU GLU B . n 
B 2 24 GLU 24 120 120 GLU GLU B . n 
B 2 25 GLY 25 121 121 GLY GLY B . n 
B 2 26 LYS 26 122 122 LYS LYS B . n 
B 2 27 SER 27 123 123 SER SER B . n 
B 2 28 GLY 28 124 124 GLY GLY B . n 
B 2 29 TYR 29 125 125 TYR TYR B . n 
B 2 30 LYS 30 126 126 LYS LYS B . n 
B 2 31 ASP 31 127 127 ASP ASP B . n 
B 2 32 VAL 32 128 128 VAL VAL B . n 
B 2 33 TYR 33 129 129 TYR TYR B . n 
B 2 34 SER 34 130 130 SER SER B . n 
B 2 35 SER 35 131 131 SER SER B . n 
B 2 36 SER 36 132 132 SER SER B . n 
B 2 37 LYS 37 133 133 LYS LYS B . n 
B 2 38 GLY 38 134 134 GLY GLY B . n 
B 2 39 ARG 39 135 135 ARG ARG B . n 
B 2 40 ASP 40 136 136 ASP ASP B . n 
B 2 41 LEU 41 137 137 LEU LEU B . n 
B 2 42 ASP 42 138 138 ASP ASP B . n 
B 2 43 ASP 43 139 139 ASP ASP B . n 
B 2 44 GLY 44 140 140 GLY GLY B . n 
B 2 45 ILE 45 141 141 ILE ILE B . n 
B 2 46 GLU 46 142 142 GLU GLU B . n 
B 2 47 VAL 47 143 143 VAL VAL B . n 
B 2 48 ASN 48 144 144 ASN ASN B . n 
B 2 49 LYS 49 145 145 LYS LYS B . n 
B 2 50 LYS 50 146 146 LYS LYS B . n 
B 2 51 LYS 51 147 147 LYS LYS B . n 
B 2 52 GLU 52 148 148 GLU GLU B . n 
B 2 53 LYS 53 149 149 LYS LYS B . n 
B 2 54 ARG 54 150 150 ARG ARG B . n 
B 2 55 LEU 55 151 151 LEU LEU B . n 
B 2 56 VAL 56 152 152 VAL VAL B . n 
B 2 57 VAL 57 153 153 VAL VAL B . n 
B 2 58 LYS 58 154 154 LYS LYS B . n 
B 2 59 ASP 59 155 155 ASP ASP B . n 
B 2 60 GLY 60 156 156 GLY GLY B . n 
B 2 61 ASN 61 157 157 ASN ASN B . n 
B 2 62 PRO 62 158 158 PRO PRO B . n 
B 2 63 PHE 63 159 159 PHE PHE B . n 
B 2 64 ILE 64 160 160 ILE ILE B . n 
B 2 65 ILE 65 161 161 ILE ILE B . n 
B 2 66 ARG 66 162 162 ARG ARG B . n 
B 2 67 PHE 67 163 163 PHE PHE B . n 
B 2 68 LYS 68 164 164 LYS LYS B . n 
B 2 69 LYS 69 165 165 LYS LYS B . n 
B 2 70 SER 70 166 166 SER SER B . n 
B 2 71 GLY 71 167 167 GLY GLY B . n 
# 
loop_
_pdbx_nonpoly_scheme.asym_id 
_pdbx_nonpoly_scheme.entity_id 
_pdbx_nonpoly_scheme.mon_id 
_pdbx_nonpoly_scheme.ndb_seq_num 
_pdbx_nonpoly_scheme.pdb_seq_num 
_pdbx_nonpoly_scheme.auth_seq_num 
_pdbx_nonpoly_scheme.pdb_mon_id 
_pdbx_nonpoly_scheme.auth_mon_id 
_pdbx_nonpoly_scheme.pdb_strand_id 
_pdbx_nonpoly_scheme.pdb_ins_code 
C 3 HOH 1  97  1   HOH HOH A . 
C 3 HOH 2  98  2   HOH HOH A . 
C 3 HOH 3  99  3   HOH HOH A . 
C 3 HOH 4  100 5   HOH HOH A . 
C 3 HOH 5  101 6   HOH HOH A . 
C 3 HOH 6  102 7   HOH HOH A . 
C 3 HOH 7  103 8   HOH HOH A . 
C 3 HOH 8  104 9   HOH HOH A . 
C 3 HOH 9  105 10  HOH HOH A . 
C 3 HOH 10 106 11  HOH HOH A . 
C 3 HOH 11 107 12  HOH HOH A . 
C 3 HOH 12 108 15  HOH HOH A . 
C 3 HOH 13 109 16  HOH HOH A . 
C 3 HOH 14 110 17  HOH HOH A . 
C 3 HOH 15 111 18  HOH HOH A . 
C 3 HOH 16 112 19  HOH HOH A . 
C 3 HOH 17 113 20  HOH HOH A . 
C 3 HOH 18 114 21  HOH HOH A . 
C 3 HOH 19 115 28  HOH HOH A . 
C 3 HOH 20 116 31  HOH HOH A . 
C 3 HOH 21 117 32  HOH HOH A . 
C 3 HOH 22 118 33  HOH HOH A . 
C 3 HOH 23 119 34  HOH HOH A . 
C 3 HOH 24 120 35  HOH HOH A . 
C 3 HOH 25 121 38  HOH HOH A . 
C 3 HOH 26 122 41  HOH HOH A . 
C 3 HOH 27 123 42  HOH HOH A . 
C 3 HOH 28 124 43  HOH HOH A . 
C 3 HOH 29 125 47  HOH HOH A . 
C 3 HOH 30 126 48  HOH HOH A . 
C 3 HOH 31 127 49  HOH HOH A . 
C 3 HOH 32 128 50  HOH HOH A . 
C 3 HOH 33 129 55  HOH HOH A . 
C 3 HOH 34 130 58  HOH HOH A . 
C 3 HOH 35 131 59  HOH HOH A . 
C 3 HOH 36 132 62  HOH HOH A . 
C 3 HOH 37 133 65  HOH HOH A . 
C 3 HOH 38 134 67  HOH HOH A . 
C 3 HOH 39 135 68  HOH HOH A . 
C 3 HOH 40 136 71  HOH HOH A . 
C 3 HOH 41 137 72  HOH HOH A . 
C 3 HOH 42 138 75  HOH HOH A . 
C 3 HOH 43 139 76  HOH HOH A . 
C 3 HOH 44 140 77  HOH HOH A . 
C 3 HOH 45 141 79  HOH HOH A . 
C 3 HOH 46 142 80  HOH HOH A . 
C 3 HOH 47 143 82  HOH HOH A . 
C 3 HOH 48 144 85  HOH HOH A . 
C 3 HOH 49 145 87  HOH HOH A . 
C 3 HOH 50 146 89  HOH HOH A . 
C 3 HOH 51 147 90  HOH HOH A . 
C 3 HOH 52 148 92  HOH HOH A . 
C 3 HOH 53 149 94  HOH HOH A . 
C 3 HOH 54 150 95  HOH HOH A . 
C 3 HOH 55 151 97  HOH HOH A . 
C 3 HOH 56 152 98  HOH HOH A . 
C 3 HOH 57 153 101 HOH HOH A . 
C 3 HOH 58 154 103 HOH HOH A . 
C 3 HOH 59 155 107 HOH HOH A . 
C 3 HOH 60 156 109 HOH HOH A . 
C 3 HOH 61 157 112 HOH HOH A . 
C 3 HOH 62 158 113 HOH HOH A . 
C 3 HOH 63 159 116 HOH HOH A . 
C 3 HOH 64 160 118 HOH HOH A . 
C 3 HOH 65 161 121 HOH HOH A . 
C 3 HOH 66 162 122 HOH HOH A . 
C 3 HOH 67 163 124 HOH HOH A . 
C 3 HOH 68 164 126 HOH HOH A . 
C 3 HOH 69 165 129 HOH HOH A . 
C 3 HOH 70 166 130 HOH HOH A . 
C 3 HOH 71 167 131 HOH HOH A . 
C 3 HOH 72 168 135 HOH HOH A . 
C 3 HOH 73 169 136 HOH HOH A . 
C 3 HOH 74 170 141 HOH HOH A . 
C 3 HOH 75 171 142 HOH HOH A . 
C 3 HOH 76 172 143 HOH HOH A . 
C 3 HOH 77 173 144 HOH HOH A . 
C 3 HOH 78 174 148 HOH HOH A . 
C 3 HOH 79 175 149 HOH HOH A . 
C 3 HOH 80 176 150 HOH HOH A . 
C 3 HOH 81 177 159 HOH HOH A . 
C 3 HOH 82 178 163 HOH HOH A . 
C 3 HOH 83 179 165 HOH HOH A . 
C 3 HOH 84 180 167 HOH HOH A . 
C 3 HOH 85 181 168 HOH HOH A . 
C 3 HOH 86 182 169 HOH HOH A . 
C 3 HOH 87 183 172 HOH HOH A . 
C 3 HOH 88 184 173 HOH HOH A . 
C 3 HOH 89 185 174 HOH HOH A . 
C 3 HOH 90 186 175 HOH HOH A . 
C 3 HOH 91 187 176 HOH HOH A . 
C 3 HOH 92 188 179 HOH HOH A . 
C 3 HOH 93 189 180 HOH HOH A . 
C 3 HOH 94 190 181 HOH HOH A . 
D 3 HOH 1  168 4   HOH HOH B . 
D 3 HOH 2  169 13  HOH HOH B . 
D 3 HOH 3  170 14  HOH HOH B . 
D 3 HOH 4  171 22  HOH HOH B . 
D 3 HOH 5  172 23  HOH HOH B . 
D 3 HOH 6  173 24  HOH HOH B . 
D 3 HOH 7  174 25  HOH HOH B . 
D 3 HOH 8  175 26  HOH HOH B . 
D 3 HOH 9  176 27  HOH HOH B . 
D 3 HOH 10 177 29  HOH HOH B . 
D 3 HOH 11 178 30  HOH HOH B . 
D 3 HOH 12 179 36  HOH HOH B . 
D 3 HOH 13 180 37  HOH HOH B . 
D 3 HOH 14 181 39  HOH HOH B . 
D 3 HOH 15 182 40  HOH HOH B . 
D 3 HOH 16 183 44  HOH HOH B . 
D 3 HOH 17 184 45  HOH HOH B . 
D 3 HOH 18 185 46  HOH HOH B . 
D 3 HOH 19 186 51  HOH HOH B . 
D 3 HOH 20 187 52  HOH HOH B . 
D 3 HOH 21 188 53  HOH HOH B . 
D 3 HOH 22 189 54  HOH HOH B . 
D 3 HOH 23 190 56  HOH HOH B . 
D 3 HOH 24 191 57  HOH HOH B . 
D 3 HOH 25 192 60  HOH HOH B . 
D 3 HOH 26 193 61  HOH HOH B . 
D 3 HOH 27 194 63  HOH HOH B . 
D 3 HOH 28 195 64  HOH HOH B . 
D 3 HOH 29 196 66  HOH HOH B . 
D 3 HOH 30 197 69  HOH HOH B . 
D 3 HOH 31 198 70  HOH HOH B . 
D 3 HOH 32 199 73  HOH HOH B . 
D 3 HOH 33 200 74  HOH HOH B . 
D 3 HOH 34 201 78  HOH HOH B . 
D 3 HOH 35 202 81  HOH HOH B . 
D 3 HOH 36 203 83  HOH HOH B . 
D 3 HOH 37 204 84  HOH HOH B . 
D 3 HOH 38 205 86  HOH HOH B . 
D 3 HOH 39 206 88  HOH HOH B . 
D 3 HOH 40 207 91  HOH HOH B . 
D 3 HOH 41 208 93  HOH HOH B . 
D 3 HOH 42 209 96  HOH HOH B . 
D 3 HOH 43 210 99  HOH HOH B . 
D 3 HOH 44 211 100 HOH HOH B . 
D 3 HOH 45 212 102 HOH HOH B . 
D 3 HOH 46 213 104 HOH HOH B . 
D 3 HOH 47 214 105 HOH HOH B . 
D 3 HOH 48 215 106 HOH HOH B . 
D 3 HOH 49 216 108 HOH HOH B . 
D 3 HOH 50 217 110 HOH HOH B . 
D 3 HOH 51 218 111 HOH HOH B . 
D 3 HOH 52 219 114 HOH HOH B . 
D 3 HOH 53 220 115 HOH HOH B . 
D 3 HOH 54 221 117 HOH HOH B . 
D 3 HOH 55 222 119 HOH HOH B . 
D 3 HOH 56 223 120 HOH HOH B . 
D 3 HOH 57 224 123 HOH HOH B . 
D 3 HOH 58 225 125 HOH HOH B . 
D 3 HOH 59 226 127 HOH HOH B . 
D 3 HOH 60 227 128 HOH HOH B . 
D 3 HOH 61 228 132 HOH HOH B . 
D 3 HOH 62 229 133 HOH HOH B . 
D 3 HOH 63 230 134 HOH HOH B . 
D 3 HOH 64 231 137 HOH HOH B . 
D 3 HOH 65 232 138 HOH HOH B . 
D 3 HOH 66 233 139 HOH HOH B . 
D 3 HOH 67 234 140 HOH HOH B . 
D 3 HOH 68 235 145 HOH HOH B . 
D 3 HOH 69 236 146 HOH HOH B . 
D 3 HOH 70 237 147 HOH HOH B . 
D 3 HOH 71 238 151 HOH HOH B . 
D 3 HOH 72 239 152 HOH HOH B . 
D 3 HOH 73 240 153 HOH HOH B . 
D 3 HOH 74 241 154 HOH HOH B . 
D 3 HOH 75 242 155 HOH HOH B . 
D 3 HOH 76 243 156 HOH HOH B . 
D 3 HOH 77 244 157 HOH HOH B . 
D 3 HOH 78 245 158 HOH HOH B . 
D 3 HOH 79 246 160 HOH HOH B . 
D 3 HOH 80 247 161 HOH HOH B . 
D 3 HOH 81 248 162 HOH HOH B . 
D 3 HOH 82 249 164 HOH HOH B . 
D 3 HOH 83 250 166 HOH HOH B . 
D 3 HOH 84 251 170 HOH HOH B . 
D 3 HOH 85 252 171 HOH HOH B . 
D 3 HOH 86 253 177 HOH HOH B . 
D 3 HOH 87 254 178 HOH HOH B . 
D 3 HOH 88 255 182 HOH HOH B . 
# 
loop_
_software.name 
_software.classification 
_software.version 
_software.citation_id 
_software.pdbx_ordinal 
REFMAC    refinement       5.1.19 ? 1 
DENZO     'data reduction' .      ? 2 
SCALEPACK 'data scaling'   .      ? 3 
SHARP     phasing          .      ? 4 
# 
_cell.entry_id           1R8O 
_cell.length_a           58.710 
_cell.length_b           58.710 
_cell.length_c           93.750 
_cell.angle_alpha        90.00 
_cell.angle_beta         90.00 
_cell.angle_gamma        90.00 
_cell.Z_PDB              8 
_cell.pdbx_unique_axis   ? 
# 
_symmetry.entry_id                         1R8O 
_symmetry.space_group_name_H-M             'P 43 21 2' 
_symmetry.pdbx_full_space_group_name_H-M   ? 
_symmetry.cell_setting                     ? 
_symmetry.Int_Tables_number                96 
_symmetry.space_group_name_Hall            ? 
# 
_exptl.entry_id          1R8O 
_exptl.method            'X-RAY DIFFRACTION' 
_exptl.crystals_number   3 
# 
_exptl_crystal.id                    1 
_exptl_crystal.density_meas          ? 
_exptl_crystal.density_percent_sol   45.05 
_exptl_crystal.description           ? 
_exptl_crystal.density_Matthews      2.24 
_exptl_crystal.F_000                 ? 
_exptl_crystal.preparation           ? 
# 
_exptl_crystal_grow.crystal_id      1 
_exptl_crystal_grow.method          'VAPOR DIFFUSION, HANGING DROP' 
_exptl_crystal_grow.temp            291 
_exptl_crystal_grow.temp_details    ? 
_exptl_crystal_grow.pH              4.3 
_exptl_crystal_grow.pdbx_details    
'25% PEG4000 in 0.1M sodium acetate buffer, pH 4.3, VAPOR DIFFUSION, HANGING DROP, temperature 291K' 
_exptl_crystal_grow.pdbx_pH_range   . 
# 
loop_
_diffrn.id 
_diffrn.ambient_temp 
_diffrn.ambient_temp_details 
_diffrn.crystal_id 
1     100 ? 1 
2     100 ? 1 
3     100 ? 1 
1,2,3 ?   ? 1 
# 
loop_
_diffrn_detector.diffrn_id 
_diffrn_detector.detector 
_diffrn_detector.type 
_diffrn_detector.pdbx_collection_date 
_diffrn_detector.details 
1 'IMAGE PLATE' MARRESEARCH 2000-09-04 ? 
2 'IMAGE PLATE' MARRESEARCH 2000-09-15 ? 
3 'IMAGE PLATE' MARRESEARCH 2000-09-18 ? 
# 
loop_
_diffrn_radiation.diffrn_id 
_diffrn_radiation.wavelength_id 
_diffrn_radiation.pdbx_monochromatic_or_laue_m_l 
_diffrn_radiation.monochromator 
_diffrn_radiation.pdbx_diffrn_protocol 
_diffrn_radiation.pdbx_scattering_type 
1 1 M 'triangular bent crystal monochromator' 'SINGLE WAVELENGTH' x-ray 
2 1 M 'triangular bent crystal monochromator' 'SINGLE WAVELENGTH' x-ray 
3 1 M 'triangular bent crystal monochromator' 'SINGLE WAVELENGTH' x-ray 
# 
_diffrn_radiation_wavelength.id           1 
_diffrn_radiation_wavelength.wavelength   1.54 
_diffrn_radiation_wavelength.wt           1.0 
# 
loop_
_diffrn_source.diffrn_id 
_diffrn_source.source 
_diffrn_source.type 
_diffrn_source.pdbx_synchrotron_site 
_diffrn_source.pdbx_synchrotron_beamline 
_diffrn_source.pdbx_wavelength 
_diffrn_source.pdbx_wavelength_list 
1 SYNCHROTRON 'LNLS BEAMLINE D03B-MX1' LNLS D03B-MX1 ? 1.54 
2 SYNCHROTRON 'LNLS BEAMLINE D03B-MX1' LNLS D03B-MX1 ? 1.54 
3 SYNCHROTRON 'LNLS BEAMLINE D03B-MX1' LNLS D03B-MX1 ? 1.54 
# 
_reflns.entry_id                     1R8O 
_reflns.observed_criterion_sigma_F   0.0 
_reflns.observed_criterion_sigma_I   0.0 
_reflns.d_resolution_high            1.83 
_reflns.d_resolution_low             25.28 
_reflns.number_all                   15027 
_reflns.number_obs                   14387 
_reflns.percent_possible_obs         95.7 
_reflns.pdbx_Rmerge_I_obs            0.089 
_reflns.pdbx_Rsym_value              ? 
_reflns.pdbx_netI_over_sigmaI        23.6 
_reflns.B_iso_Wilson_estimate        14.2 
_reflns.pdbx_redundancy              8.2 
_reflns.R_free_details               ? 
_reflns.limit_h_max                  ? 
_reflns.limit_h_min                  ? 
_reflns.limit_k_max                  ? 
_reflns.limit_k_min                  ? 
_reflns.limit_l_max                  ? 
_reflns.limit_l_min                  ? 
_reflns.observed_criterion_F_max     ? 
_reflns.observed_criterion_F_min     ? 
_reflns.pdbx_chi_squared             ? 
_reflns.pdbx_scaling_rejects         ? 
_reflns.pdbx_ordinal                 1 
_reflns.pdbx_diffrn_id               1,2,3 
# 
_reflns_shell.d_res_high             1.83 
_reflns_shell.d_res_low              1.87 
_reflns_shell.percent_possible_all   97.6 
_reflns_shell.Rmerge_I_obs           0.508 
_reflns_shell.pdbx_Rsym_value        ? 
_reflns_shell.meanI_over_sigI_obs    3.3 
_reflns_shell.pdbx_redundancy        5.4 
_reflns_shell.percent_possible_obs   ? 
_reflns_shell.number_unique_all      14387 
_reflns_shell.number_measured_all    ? 
_reflns_shell.number_measured_obs    ? 
_reflns_shell.number_unique_obs      ? 
_reflns_shell.pdbx_chi_squared       ? 
_reflns_shell.pdbx_ordinal           1 
_reflns_shell.pdbx_diffrn_id         1,2,3 
# 
_refine.entry_id                                 1R8O 
_refine.ls_number_reflns_obs                     14387 
_refine.ls_number_reflns_all                     15027 
_refine.pdbx_ls_sigma_I                          ? 
_refine.pdbx_ls_sigma_F                          0.0 
_refine.pdbx_data_cutoff_high_absF               ? 
_refine.pdbx_data_cutoff_low_absF                ? 
_refine.pdbx_data_cutoff_high_rms_absF           ? 
_refine.ls_d_res_low                             25.28 
_refine.ls_d_res_high                            1.83 
_refine.ls_percent_reflns_obs                    95.70 
_refine.ls_R_factor_obs                          0.17 
_refine.ls_R_factor_all                          0.17 
_refine.ls_R_factor_R_work                       0.16844 
_refine.ls_R_factor_R_free                       0.21237 
_refine.ls_R_factor_R_free_error                 ? 
_refine.ls_R_factor_R_free_error_details         ? 
_refine.ls_percent_reflns_R_free                 5.0 
_refine.ls_number_reflns_R_free                  703 
_refine.ls_number_parameters                     ? 
_refine.ls_number_restraints                     ? 
_refine.occupancy_min                            ? 
_refine.occupancy_max                            ? 
_refine.correlation_coeff_Fo_to_Fc               0.958 
_refine.correlation_coeff_Fo_to_Fc_free          0.937 
_refine.B_iso_mean                               13.229 
_refine.aniso_B[1][1]                            0.21 
_refine.aniso_B[2][2]                            0.21 
_refine.aniso_B[3][3]                            -0.41 
_refine.aniso_B[1][2]                            0.00 
_refine.aniso_B[1][3]                            0.00 
_refine.aniso_B[2][3]                            0.00 
_refine.solvent_model_details                    'BABINET MODEL WITH MASK' 
_refine.solvent_model_param_ksol                 ? 
_refine.solvent_model_param_bsol                 ? 
_refine.pdbx_solvent_vdw_probe_radii             1.40 
_refine.pdbx_solvent_ion_probe_radii             0.80 
_refine.pdbx_solvent_shrinkage_radii             0.80 
_refine.pdbx_ls_cross_valid_method               THROUGHOUT 
_refine.details                                  ? 
_refine.pdbx_starting_model                      ? 
_refine.pdbx_method_to_determine_struct          'SIR QUICK CRIO-SOAKING METHOD' 
_refine.pdbx_isotropic_thermal_model             ? 
_refine.pdbx_stereochemistry_target_values       ? 
_refine.pdbx_stereochem_target_val_spec_case     ? 
_refine.pdbx_R_Free_selection_details            RANDOM 
_refine.pdbx_overall_ESU_R                       0.137 
_refine.pdbx_overall_ESU_R_Free                  0.131 
_refine.overall_SU_ML                            0.080 
_refine.overall_SU_B                             2.543 
_refine.ls_redundancy_reflns_obs                 ? 
_refine.B_iso_min                                ? 
_refine.B_iso_max                                ? 
_refine.overall_SU_R_Cruickshank_DPI             ? 
_refine.overall_SU_R_free                        ? 
_refine.ls_wR_factor_R_free                      ? 
_refine.ls_wR_factor_R_work                      ? 
_refine.overall_FOM_free_R_set                   ? 
_refine.overall_FOM_work_R_set                   ? 
_refine.pdbx_refine_id                           'X-RAY DIFFRACTION' 
_refine.pdbx_TLS_residual_ADP_flag               'LIKELY RESIDUAL' 
_refine.pdbx_diffrn_id                           1 
_refine.pdbx_overall_phase_error                 ? 
_refine.pdbx_overall_SU_R_free_Cruickshank_DPI   ? 
_refine.pdbx_overall_SU_R_Blow_DPI               ? 
_refine.pdbx_overall_SU_R_free_Blow_DPI          ? 
# 
_refine_analyze.entry_id                        1R8O 
_refine_analyze.Luzzati_coordinate_error_obs    0.22 
_refine_analyze.Luzzati_sigma_a_obs             0.16 
_refine_analyze.Luzzati_d_res_low_obs           5.00 
_refine_analyze.Luzzati_coordinate_error_free   0.23 
_refine_analyze.Luzzati_sigma_a_free            0.16 
_refine_analyze.Luzzati_d_res_low_free          ? 
_refine_analyze.number_disordered_residues      ? 
_refine_analyze.occupancy_sum_non_hydrogen      ? 
_refine_analyze.occupancy_sum_hydrogen          ? 
_refine_analyze.pdbx_Luzzati_d_res_high_obs     ? 
_refine_analyze.pdbx_refine_id                  'X-RAY DIFFRACTION' 
# 
_refine_hist.pdbx_refine_id                   'X-RAY DIFFRACTION' 
_refine_hist.cycle_id                         LAST 
_refine_hist.pdbx_number_atoms_protein        1267 
_refine_hist.pdbx_number_atoms_nucleic_acid   0 
_refine_hist.pdbx_number_atoms_ligand         0 
_refine_hist.number_atoms_solvent             182 
_refine_hist.number_atoms_total               1449 
_refine_hist.d_res_high                       1.83 
_refine_hist.d_res_low                        25.28 
# 
loop_
_refine_ls_restr.type 
_refine_ls_restr.dev_ideal 
_refine_ls_restr.dev_ideal_target 
_refine_ls_restr.weight 
_refine_ls_restr.number 
_refine_ls_restr.pdbx_refine_id 
_refine_ls_restr.pdbx_restraint_function 
r_bond_refined_d         0.019 0.022 ? 1293 'X-RAY DIFFRACTION' ? 
r_angle_refined_deg      1.734 2.006 ? 1736 'X-RAY DIFFRACTION' ? 
r_dihedral_angle_1_deg   6.559 5.000 ? 165  'X-RAY DIFFRACTION' ? 
r_chiral_restr           0.134 0.200 ? 186  'X-RAY DIFFRACTION' ? 
r_gen_planes_refined     0.008 0.020 ? 950  'X-RAY DIFFRACTION' ? 
r_nbd_refined            0.229 0.200 ? 583  'X-RAY DIFFRACTION' ? 
r_xyhbond_nbd_refined    0.256 0.200 ? 145  'X-RAY DIFFRACTION' ? 
r_symmetry_vdw_refined   0.396 0.200 ? 69   'X-RAY DIFFRACTION' ? 
r_symmetry_hbond_refined 0.464 0.200 ? 15   'X-RAY DIFFRACTION' ? 
r_mcbond_it              1.064 1.500 ? 827  'X-RAY DIFFRACTION' ? 
r_mcangle_it             1.885 2.000 ? 1332 'X-RAY DIFFRACTION' ? 
r_scbond_it              3.052 3.000 ? 466  'X-RAY DIFFRACTION' ? 
r_scangle_it             4.823 4.500 ? 404  'X-RAY DIFFRACTION' ? 
# 
loop_
_refine_ls_shell.pdbx_total_number_of_bins_used 
_refine_ls_shell.d_res_high 
_refine_ls_shell.d_res_low 
_refine_ls_shell.number_reflns_R_work 
_refine_ls_shell.R_factor_R_work 
_refine_ls_shell.percent_reflns_obs 
_refine_ls_shell.R_factor_R_free 
_refine_ls_shell.R_factor_R_free_error 
_refine_ls_shell.percent_reflns_R_free 
_refine_ls_shell.number_reflns_R_free 
_refine_ls_shell.number_reflns_obs 
_refine_ls_shell.redundancy_reflns_obs 
_refine_ls_shell.number_reflns_all 
_refine_ls_shell.pdbx_refine_id 
_refine_ls_shell.R_factor_all 
20 1.83 1.92  874 0.247 87.7 0.267 0.031 . 74  1594 . . 'X-RAY DIFFRACTION' . 
20 1.92 2.02  .   0.246 93.1 0.244 0.026 . 91  1729 . . 'X-RAY DIFFRACTION' . 
20 2.02 2.14  .   0.235 96.9 0.251 0.027 . 84  1775 . . 'X-RAY DIFFRACTION' . 
20 2.14 2.31  .   0.24  97.9 0.226 0.023 . 95  1815 . . 'X-RAY DIFFRACTION' . 
20 2.31 2.54  .   0.231 96.5 0.256 0.027 . 87  1787 . . 'X-RAY DIFFRACTION' . 
20 2.54 2.91  .   0.231 95.8 0.256 0.028 . 82  1805 . . 'X-RAY DIFFRACTION' . 
20 2.91 3.66  .   200.  98.2 0.2   0.022 . 84  1881 . . 'X-RAY DIFFRACTION' . 
20 3.66 25.28 .   0.2   98.8 0.211 0.020 . 106 2001 . . 'X-RAY DIFFRACTION' . 
# 
_struct.entry_id                  1R8O 
_struct.title                     'Crystal structure of an unusual Kunitz-type trypsin inhibitor from Copaifera langsdorffii seeds' 
_struct.pdbx_model_details        ? 
_struct.pdbx_CASP_flag            ? 
_struct.pdbx_model_type_details   ? 
# 
_struct_keywords.entry_id        1R8O 
_struct_keywords.pdbx_keywords   'HYDROLASE INHIBITOR' 
_struct_keywords.text            'Kunitz (STI) trypsin inhibitor, beta-trefoil fold, Copaifera langsdorffii, HYDROLASE INHIBITOR' 
# 
loop_
_struct_asym.id 
_struct_asym.pdbx_blank_PDB_chainid_flag 
_struct_asym.pdbx_modified 
_struct_asym.entity_id 
_struct_asym.details 
A N N 1 ? 
B N N 2 ? 
C N N 3 ? 
D N N 3 ? 
# 
loop_
_struct_ref.id 
_struct_ref.db_name 
_struct_ref.db_code 
_struct_ref.pdbx_db_accession 
_struct_ref.entity_id 
_struct_ref.pdbx_align_begin 
_struct_ref.pdbx_db_isoform 
_struct_ref.pdbx_seq_one_letter_code 
1 UNP P84144_COPLA P84144 1 1 ? ? 
2 UNP P84145_COPLA P84145 2 1 ? ? 
# 
loop_
_struct_ref_seq.align_id 
_struct_ref_seq.ref_id 
_struct_ref_seq.pdbx_PDB_id_code 
_struct_ref_seq.pdbx_strand_id 
_struct_ref_seq.seq_align_beg 
_struct_ref_seq.pdbx_seq_align_beg_ins_code 
_struct_ref_seq.seq_align_end 
_struct_ref_seq.pdbx_seq_align_end_ins_code 
_struct_ref_seq.pdbx_db_accession 
_struct_ref_seq.db_align_beg 
_struct_ref_seq.pdbx_db_align_beg_ins_code 
_struct_ref_seq.db_align_end 
_struct_ref_seq.pdbx_db_align_end_ins_code 
_struct_ref_seq.pdbx_auth_seq_align_beg 
_struct_ref_seq.pdbx_auth_seq_align_end 
1 1 1R8O A 1 ? 96 ? P84144 1 ? 96 ? 1  96  
2 2 1R8O B 1 ? 71 ? P84145 1 ? 71 ? 97 167 
# 
_pdbx_struct_assembly.id                   1 
_pdbx_struct_assembly.details              author_and_software_defined_assembly 
_pdbx_struct_assembly.method_details       PISA 
_pdbx_struct_assembly.oligomeric_details   dimeric 
_pdbx_struct_assembly.oligomeric_count     2 
# 
loop_
_pdbx_struct_assembly_prop.biol_id 
_pdbx_struct_assembly_prop.type 
_pdbx_struct_assembly_prop.value 
_pdbx_struct_assembly_prop.details 
1 'ABSA (A^2)' 4570 ? 
1 MORE         -27  ? 
1 'SSA (A^2)'  8400 ? 
# 
_pdbx_struct_assembly_gen.assembly_id       1 
_pdbx_struct_assembly_gen.oper_expression   1 
_pdbx_struct_assembly_gen.asym_id_list      A,B,C,D 
# 
_pdbx_struct_oper_list.id                   1 
_pdbx_struct_oper_list.type                 'identity operation' 
_pdbx_struct_oper_list.name                 1_555 
_pdbx_struct_oper_list.symmetry_operation   x,y,z 
_pdbx_struct_oper_list.matrix[1][1]         1.0000000000 
_pdbx_struct_oper_list.matrix[1][2]         0.0000000000 
_pdbx_struct_oper_list.matrix[1][3]         0.0000000000 
_pdbx_struct_oper_list.vector[1]            0.0000000000 
_pdbx_struct_oper_list.matrix[2][1]         0.0000000000 
_pdbx_struct_oper_list.matrix[2][2]         1.0000000000 
_pdbx_struct_oper_list.matrix[2][3]         0.0000000000 
_pdbx_struct_oper_list.vector[2]            0.0000000000 
_pdbx_struct_oper_list.matrix[3][1]         0.0000000000 
_pdbx_struct_oper_list.matrix[3][2]         0.0000000000 
_pdbx_struct_oper_list.matrix[3][3]         1.0000000000 
_pdbx_struct_oper_list.vector[3]            0.0000000000 
# 
_struct_biol.id                    1 
_struct_biol.pdbx_parent_biol_id   ? 
_struct_biol.details               ? 
# 
_struct_conn.id                            disulf1 
_struct_conn.conn_type_id                  disulf 
_struct_conn.pdbx_leaving_atom_flag        ? 
_struct_conn.pdbx_PDB_id                   ? 
_struct_conn.ptnr1_label_asym_id           A 
_struct_conn.ptnr1_label_comp_id           CYS 
_struct_conn.ptnr1_label_seq_id            40 
_struct_conn.ptnr1_label_atom_id           SG 
_struct_conn.pdbx_ptnr1_label_alt_id       ? 
_struct_conn.pdbx_ptnr1_PDB_ins_code       ? 
_struct_conn.pdbx_ptnr1_standard_comp_id   ? 
_struct_conn.ptnr1_symmetry                1_555 
_struct_conn.ptnr2_label_asym_id           A 
_struct_conn.ptnr2_label_comp_id           CYS 
_struct_conn.ptnr2_label_seq_id            84 
_struct_conn.ptnr2_label_atom_id           SG 
_struct_conn.pdbx_ptnr2_label_alt_id       ? 
_struct_conn.pdbx_ptnr2_PDB_ins_code       ? 
_struct_conn.ptnr1_auth_asym_id            A 
_struct_conn.ptnr1_auth_comp_id            CYS 
_struct_conn.ptnr1_auth_seq_id             40 
_struct_conn.ptnr2_auth_asym_id            A 
_struct_conn.ptnr2_auth_comp_id            CYS 
_struct_conn.ptnr2_auth_seq_id             84 
_struct_conn.ptnr2_symmetry                1_555 
_struct_conn.pdbx_ptnr3_label_atom_id      ? 
_struct_conn.pdbx_ptnr3_label_seq_id       ? 
_struct_conn.pdbx_ptnr3_label_comp_id      ? 
_struct_conn.pdbx_ptnr3_label_asym_id      ? 
_struct_conn.pdbx_ptnr3_label_alt_id       ? 
_struct_conn.pdbx_ptnr3_PDB_ins_code       ? 
_struct_conn.details                       ? 
_struct_conn.pdbx_dist_value               2.004 
_struct_conn.pdbx_value_order              ? 
_struct_conn.pdbx_role                     ? 
# 
_struct_conn_type.id          disulf 
_struct_conn_type.criteria    ? 
_struct_conn_type.reference   ? 
# 
_pdbx_modification_feature.ordinal                            1 
_pdbx_modification_feature.label_comp_id                      CYS 
_pdbx_modification_feature.label_asym_id                      A 
_pdbx_modification_feature.label_seq_id                       40 
_pdbx_modification_feature.label_alt_id                       ? 
_pdbx_modification_feature.modified_residue_label_comp_id     CYS 
_pdbx_modification_feature.modified_residue_label_asym_id     A 
_pdbx_modification_feature.modified_residue_label_seq_id      84 
_pdbx_modification_feature.modified_residue_label_alt_id      ? 
_pdbx_modification_feature.auth_comp_id                       CYS 
_pdbx_modification_feature.auth_asym_id                       A 
_pdbx_modification_feature.auth_seq_id                        40 
_pdbx_modification_feature.PDB_ins_code                       ? 
_pdbx_modification_feature.symmetry                           1_555 
_pdbx_modification_feature.modified_residue_auth_comp_id      CYS 
_pdbx_modification_feature.modified_residue_auth_asym_id      A 
_pdbx_modification_feature.modified_residue_auth_seq_id       84 
_pdbx_modification_feature.modified_residue_PDB_ins_code      ? 
_pdbx_modification_feature.modified_residue_symmetry          1_555 
_pdbx_modification_feature.comp_id_linking_atom               SG 
_pdbx_modification_feature.modified_residue_id_linking_atom   SG 
_pdbx_modification_feature.modified_residue_id                . 
_pdbx_modification_feature.ref_pcm_id                         . 
_pdbx_modification_feature.ref_comp_id                        . 
_pdbx_modification_feature.type                               None 
_pdbx_modification_feature.category                           'Disulfide bridge' 
# 
_struct_mon_prot_cis.pdbx_id                1 
_struct_mon_prot_cis.label_comp_id          LYS 
_struct_mon_prot_cis.label_seq_id           87 
_struct_mon_prot_cis.label_asym_id          A 
_struct_mon_prot_cis.label_alt_id           . 
_struct_mon_prot_cis.pdbx_PDB_ins_code      ? 
_struct_mon_prot_cis.auth_comp_id           LYS 
_struct_mon_prot_cis.auth_seq_id            87 
_struct_mon_prot_cis.auth_asym_id           A 
_struct_mon_prot_cis.pdbx_label_comp_id_2   PRO 
_struct_mon_prot_cis.pdbx_label_seq_id_2    88 
_struct_mon_prot_cis.pdbx_label_asym_id_2   A 
_struct_mon_prot_cis.pdbx_PDB_ins_code_2    ? 
_struct_mon_prot_cis.pdbx_auth_comp_id_2    PRO 
_struct_mon_prot_cis.pdbx_auth_seq_id_2     88 
_struct_mon_prot_cis.pdbx_auth_asym_id_2    A 
_struct_mon_prot_cis.pdbx_PDB_model_num     1 
_struct_mon_prot_cis.pdbx_omega_angle       -4.42 
# 
loop_
_struct_sheet.id 
_struct_sheet.type 
_struct_sheet.number_strands 
_struct_sheet.details 
A ? 2 ? 
B ? 6 ? 
C ? 3 ? 
D ? 2 ? 
# 
loop_
_struct_sheet_order.sheet_id 
_struct_sheet_order.range_id_1 
_struct_sheet_order.range_id_2 
_struct_sheet_order.offset 
_struct_sheet_order.sense 
A 1 2 ? anti-parallel 
B 1 2 ? anti-parallel 
B 2 3 ? anti-parallel 
B 3 4 ? anti-parallel 
B 4 5 ? anti-parallel 
B 5 6 ? anti-parallel 
C 1 2 ? anti-parallel 
C 2 3 ? anti-parallel 
D 1 2 ? anti-parallel 
# 
loop_
_struct_sheet_range.sheet_id 
_struct_sheet_range.id 
_struct_sheet_range.beg_label_comp_id 
_struct_sheet_range.beg_label_asym_id 
_struct_sheet_range.beg_label_seq_id 
_struct_sheet_range.pdbx_beg_PDB_ins_code 
_struct_sheet_range.end_label_comp_id 
_struct_sheet_range.end_label_asym_id 
_struct_sheet_range.end_label_seq_id 
_struct_sheet_range.pdbx_end_PDB_ins_code 
_struct_sheet_range.beg_auth_comp_id 
_struct_sheet_range.beg_auth_asym_id 
_struct_sheet_range.beg_auth_seq_id 
_struct_sheet_range.end_auth_comp_id 
_struct_sheet_range.end_auth_asym_id 
_struct_sheet_range.end_auth_seq_id 
A 1 TYR A 17 ? PRO A 21 ? TYR A 17  PRO A 21  
A 2 ILE B 65 ? LYS B 69 ? ILE B 161 LYS B 165 
B 1 LEU A 30 ? ALA A 33 ? LEU A 30  ALA A 33  
B 2 SER A 43 ? GLN A 46 ? SER A 43  GLN A 46  
B 3 LYS B 53 ? VAL B 57 ? LYS B 149 VAL B 153 
B 4 ASP B 40 ? VAL B 47 ? ASP B 136 VAL B 143 
B 5 GLY B 28 ? SER B 34 ? GLY B 124 SER B 130 
B 6 PHE B 20 ? GLY B 25 ? PHE B 116 GLY B 121 
C 1 VAL A 57 ? LYS A 60 ? VAL A 57  LYS A 60  
C 2 GLY A 75 ? VAL A 78 ? GLY A 75  VAL A 78  
C 3 SER A 89 ? MET A 90 ? SER A 89  MET A 90  
D 1 SER A 92 ? LYS A 94 ? SER A 92  LYS A 94  
D 2 SER B 5  ? THR B 7  ? SER B 101 THR B 103 
# 
loop_
_pdbx_struct_sheet_hbond.sheet_id 
_pdbx_struct_sheet_hbond.range_id_1 
_pdbx_struct_sheet_hbond.range_id_2 
_pdbx_struct_sheet_hbond.range_1_label_atom_id 
_pdbx_struct_sheet_hbond.range_1_label_comp_id 
_pdbx_struct_sheet_hbond.range_1_label_asym_id 
_pdbx_struct_sheet_hbond.range_1_label_seq_id 
_pdbx_struct_sheet_hbond.range_1_PDB_ins_code 
_pdbx_struct_sheet_hbond.range_1_auth_atom_id 
_pdbx_struct_sheet_hbond.range_1_auth_comp_id 
_pdbx_struct_sheet_hbond.range_1_auth_asym_id 
_pdbx_struct_sheet_hbond.range_1_auth_seq_id 
_pdbx_struct_sheet_hbond.range_2_label_atom_id 
_pdbx_struct_sheet_hbond.range_2_label_comp_id 
_pdbx_struct_sheet_hbond.range_2_label_asym_id 
_pdbx_struct_sheet_hbond.range_2_label_seq_id 
_pdbx_struct_sheet_hbond.range_2_PDB_ins_code 
_pdbx_struct_sheet_hbond.range_2_auth_atom_id 
_pdbx_struct_sheet_hbond.range_2_auth_comp_id 
_pdbx_struct_sheet_hbond.range_2_auth_asym_id 
_pdbx_struct_sheet_hbond.range_2_auth_seq_id 
A 1 2 N LEU A 20 ? N LEU A 20  O ARG B 66 ? O ARG B 162 
B 1 2 N VAL A 31 ? N VAL A 31  O VAL A 45 ? O VAL A 45  
B 2 3 N GLN A 46 ? N GLN A 46  O LYS B 53 ? O LYS B 149 
B 3 4 O VAL B 56 ? O VAL B 152 N GLY B 44 ? N GLY B 140 
B 4 5 O LEU B 41 ? O LEU B 137 N TYR B 33 ? N TYR B 129 
B 5 6 O LYS B 30 ? O LYS B 126 N GLU B 23 ? N GLU B 119 
C 1 2 N LYS A 60 ? N LYS A 60  O GLY A 75 ? O GLY A 75  
C 2 3 N VAL A 78 ? N VAL A 78  O SER A 89 ? O SER A 89  
D 1 2 N SER A 92 ? N SER A 92  O THR B 7  ? O THR B 103 
# 
_pdbx_entry_details.entry_id                   1R8O 
_pdbx_entry_details.compound_details           ? 
_pdbx_entry_details.source_details             ? 
_pdbx_entry_details.nonpolymer_details         ? 
_pdbx_entry_details.sequence_details           ? 
_pdbx_entry_details.has_ligand_of_interest     ? 
_pdbx_entry_details.has_protein_modification   Y 
# 
loop_
_pdbx_validate_close_contact.id 
_pdbx_validate_close_contact.PDB_model_num 
_pdbx_validate_close_contact.auth_atom_id_1 
_pdbx_validate_close_contact.auth_asym_id_1 
_pdbx_validate_close_contact.auth_comp_id_1 
_pdbx_validate_close_contact.auth_seq_id_1 
_pdbx_validate_close_contact.PDB_ins_code_1 
_pdbx_validate_close_contact.label_alt_id_1 
_pdbx_validate_close_contact.auth_atom_id_2 
_pdbx_validate_close_contact.auth_asym_id_2 
_pdbx_validate_close_contact.auth_comp_id_2 
_pdbx_validate_close_contact.auth_seq_id_2 
_pdbx_validate_close_contact.PDB_ins_code_2 
_pdbx_validate_close_contact.label_alt_id_2 
_pdbx_validate_close_contact.dist 
1 1 OD1 B ASP 127 ? ? O B HOH 231 ? ? 1.82 
2 1 O   A HOH 115 ? ? O A HOH 187 ? ? 1.83 
3 1 O   A HOH 187 ? ? O B HOH 216 ? ? 1.89 
4 1 O   A HOH 166 ? ? O A HOH 181 ? ? 2.00 
5 1 O   A HOH 172 ? ? O A HOH 178 ? ? 2.05 
6 1 O   B HOH 218 ? ? O B HOH 223 ? ? 2.14 
7 1 NZ  B LYS 147 ? ? O B HOH 235 ? ? 2.16 
8 1 O   A HOH 188 ? ? O B HOH 251 ? ? 2.17 
# 
loop_
_pdbx_validate_symm_contact.id 
_pdbx_validate_symm_contact.PDB_model_num 
_pdbx_validate_symm_contact.auth_atom_id_1 
_pdbx_validate_symm_contact.auth_asym_id_1 
_pdbx_validate_symm_contact.auth_comp_id_1 
_pdbx_validate_symm_contact.auth_seq_id_1 
_pdbx_validate_symm_contact.PDB_ins_code_1 
_pdbx_validate_symm_contact.label_alt_id_1 
_pdbx_validate_symm_contact.site_symmetry_1 
_pdbx_validate_symm_contact.auth_atom_id_2 
_pdbx_validate_symm_contact.auth_asym_id_2 
_pdbx_validate_symm_contact.auth_comp_id_2 
_pdbx_validate_symm_contact.auth_seq_id_2 
_pdbx_validate_symm_contact.PDB_ins_code_2 
_pdbx_validate_symm_contact.label_alt_id_2 
_pdbx_validate_symm_contact.site_symmetry_2 
_pdbx_validate_symm_contact.dist 
1 1 NZ  B LYS 133 ? ? 1_555 NZ B LYS 133 ? ? 7_555 1.10 
2 1 O   B HOH 180 ? ? 1_555 O  B HOH 217 ? ? 6_455 1.83 
3 1 O   A HOH 156 ? ? 1_555 O  B HOH 245 ? ? 6_555 1.83 
4 1 O   A HOH 116 ? ? 1_555 O  B HOH 252 ? ? 4_555 1.94 
5 1 OE1 A GLU 83  ? ? 1_555 NZ B LYS 133 ? ? 6_555 2.05 
6 1 CE  B LYS 133 ? ? 1_555 NZ B LYS 133 ? ? 7_555 2.12 
# 
_pdbx_validate_rmsd_bond.id                        1 
_pdbx_validate_rmsd_bond.PDB_model_num             1 
_pdbx_validate_rmsd_bond.auth_atom_id_1            CB 
_pdbx_validate_rmsd_bond.auth_asym_id_1            A 
_pdbx_validate_rmsd_bond.auth_comp_id_1            GLN 
_pdbx_validate_rmsd_bond.auth_seq_id_1             46 
_pdbx_validate_rmsd_bond.PDB_ins_code_1            ? 
_pdbx_validate_rmsd_bond.label_alt_id_1            ? 
_pdbx_validate_rmsd_bond.auth_atom_id_2            CG 
_pdbx_validate_rmsd_bond.auth_asym_id_2            A 
_pdbx_validate_rmsd_bond.auth_comp_id_2            GLN 
_pdbx_validate_rmsd_bond.auth_seq_id_2             46 
_pdbx_validate_rmsd_bond.PDB_ins_code_2            ? 
_pdbx_validate_rmsd_bond.label_alt_id_2            ? 
_pdbx_validate_rmsd_bond.bond_value                1.312 
_pdbx_validate_rmsd_bond.bond_target_value         1.521 
_pdbx_validate_rmsd_bond.bond_deviation            -0.209 
_pdbx_validate_rmsd_bond.bond_standard_deviation   0.027 
_pdbx_validate_rmsd_bond.linker_flag               N 
# 
loop_
_pdbx_validate_torsion.id 
_pdbx_validate_torsion.PDB_model_num 
_pdbx_validate_torsion.auth_comp_id 
_pdbx_validate_torsion.auth_asym_id 
_pdbx_validate_torsion.auth_seq_id 
_pdbx_validate_torsion.PDB_ins_code 
_pdbx_validate_torsion.label_alt_id 
_pdbx_validate_torsion.phi 
_pdbx_validate_torsion.psi 
1 1 VAL A 31  ? ? -145.40 -157.01 
2 1 LYS B 122 ? ? 4.37    95.37   
# 
loop_
_pdbx_refine_tls.pdbx_refine_id 
_pdbx_refine_tls.id 
_pdbx_refine_tls.details 
_pdbx_refine_tls.method 
_pdbx_refine_tls.origin_x 
_pdbx_refine_tls.origin_y 
_pdbx_refine_tls.origin_z 
_pdbx_refine_tls.T[1][1] 
_pdbx_refine_tls.T[2][2] 
_pdbx_refine_tls.T[3][3] 
_pdbx_refine_tls.T[1][2] 
_pdbx_refine_tls.T[1][3] 
_pdbx_refine_tls.T[2][3] 
_pdbx_refine_tls.L[1][1] 
_pdbx_refine_tls.L[2][2] 
_pdbx_refine_tls.L[3][3] 
_pdbx_refine_tls.L[1][2] 
_pdbx_refine_tls.L[1][3] 
_pdbx_refine_tls.L[2][3] 
_pdbx_refine_tls.S[1][1] 
_pdbx_refine_tls.S[2][2] 
_pdbx_refine_tls.S[3][3] 
_pdbx_refine_tls.S[1][2] 
_pdbx_refine_tls.S[1][3] 
_pdbx_refine_tls.S[2][3] 
_pdbx_refine_tls.S[2][1] 
_pdbx_refine_tls.S[3][1] 
_pdbx_refine_tls.S[3][2] 
'X-RAY DIFFRACTION' 1 ? refined -4.2220 -1.5363 0.6990  0.1925 0.2254 0.2028 0.0039 0.0136 -0.0083 2.7122 1.7905 1.9293 -0.0465 -0.2610 -0.0351 0.0625 -0.0784 0.0158  0.1391 -0.0353 0.1980  -0.0561 -0.0646 -0.1570 
'X-RAY DIFFRACTION' 2 ? refined 4.8710  2.0123  -1.2168 0.2089 0.2138 0.1968 0.0097 0.0212 0.0143  2.7411 2.5315 1.9846 0.2731  -0.5692 -0.0415 0.1019 -0.1150 0.0131  0.1519 0.0496  -0.1000 -0.0597 -0.1203 0.0113  
'X-RAY DIFFRACTION' 3 ? refined 0.2932  0.8277  0.6731  0.1438 0.1491 0.1201 0.0159 0.0140 -0.0049 2.3805 2.4354 1.7515 0.1953  -0.3955 -0.4834 0.1096 -0.0901 -0.0195 0.0458 0.0519  0.0508  -0.0547 -0.1501 -0.0910  
# 
loop_
_pdbx_refine_tls_group.pdbx_refine_id 
_pdbx_refine_tls_group.id 
_pdbx_refine_tls_group.refine_tls_id 
_pdbx_refine_tls_group.beg_auth_asym_id 
_pdbx_refine_tls_group.beg_auth_seq_id 
_pdbx_refine_tls_group.end_auth_asym_id 
_pdbx_refine_tls_group.end_auth_seq_id 
_pdbx_refine_tls_group.selection_details 
_pdbx_refine_tls_group.beg_label_asym_id 
_pdbx_refine_tls_group.beg_label_seq_id 
_pdbx_refine_tls_group.end_label_asym_id 
_pdbx_refine_tls_group.end_label_seq_id 
_pdbx_refine_tls_group.selection 
'X-RAY DIFFRACTION' 1 1 A 1   A 96  ? . . . . ? 
'X-RAY DIFFRACTION' 2 2 B 97  B 167 ? . . . . ? 
'X-RAY DIFFRACTION' 3 3 A 97  A 189 ? . . . . ? 
'X-RAY DIFFRACTION' 4 3 B 168 B 255 ? . . . . ? 
# 
loop_
_chem_comp_atom.comp_id 
_chem_comp_atom.atom_id 
_chem_comp_atom.type_symbol 
_chem_comp_atom.pdbx_aromatic_flag 
_chem_comp_atom.pdbx_stereo_config 
_chem_comp_atom.pdbx_ordinal 
ALA N    N N N 1   
ALA CA   C N S 2   
ALA C    C N N 3   
ALA O    O N N 4   
ALA CB   C N N 5   
ALA OXT  O N N 6   
ALA H    H N N 7   
ALA H2   H N N 8   
ALA HA   H N N 9   
ALA HB1  H N N 10  
ALA HB2  H N N 11  
ALA HB3  H N N 12  
ALA HXT  H N N 13  
ARG N    N N N 14  
ARG CA   C N S 15  
ARG C    C N N 16  
ARG O    O N N 17  
ARG CB   C N N 18  
ARG CG   C N N 19  
ARG CD   C N N 20  
ARG NE   N N N 21  
ARG CZ   C N N 22  
ARG NH1  N N N 23  
ARG NH2  N N N 24  
ARG OXT  O N N 25  
ARG H    H N N 26  
ARG H2   H N N 27  
ARG HA   H N N 28  
ARG HB2  H N N 29  
ARG HB3  H N N 30  
ARG HG2  H N N 31  
ARG HG3  H N N 32  
ARG HD2  H N N 33  
ARG HD3  H N N 34  
ARG HE   H N N 35  
ARG HH11 H N N 36  
ARG HH12 H N N 37  
ARG HH21 H N N 38  
ARG HH22 H N N 39  
ARG HXT  H N N 40  
ASN N    N N N 41  
ASN CA   C N S 42  
ASN C    C N N 43  
ASN O    O N N 44  
ASN CB   C N N 45  
ASN CG   C N N 46  
ASN OD1  O N N 47  
ASN ND2  N N N 48  
ASN OXT  O N N 49  
ASN H    H N N 50  
ASN H2   H N N 51  
ASN HA   H N N 52  
ASN HB2  H N N 53  
ASN HB3  H N N 54  
ASN HD21 H N N 55  
ASN HD22 H N N 56  
ASN HXT  H N N 57  
ASP N    N N N 58  
ASP CA   C N S 59  
ASP C    C N N 60  
ASP O    O N N 61  
ASP CB   C N N 62  
ASP CG   C N N 63  
ASP OD1  O N N 64  
ASP OD2  O N N 65  
ASP OXT  O N N 66  
ASP H    H N N 67  
ASP H2   H N N 68  
ASP HA   H N N 69  
ASP HB2  H N N 70  
ASP HB3  H N N 71  
ASP HD2  H N N 72  
ASP HXT  H N N 73  
CYS N    N N N 74  
CYS CA   C N R 75  
CYS C    C N N 76  
CYS O    O N N 77  
CYS CB   C N N 78  
CYS SG   S N N 79  
CYS OXT  O N N 80  
CYS H    H N N 81  
CYS H2   H N N 82  
CYS HA   H N N 83  
CYS HB2  H N N 84  
CYS HB3  H N N 85  
CYS HG   H N N 86  
CYS HXT  H N N 87  
GLN N    N N N 88  
GLN CA   C N S 89  
GLN C    C N N 90  
GLN O    O N N 91  
GLN CB   C N N 92  
GLN CG   C N N 93  
GLN CD   C N N 94  
GLN OE1  O N N 95  
GLN NE2  N N N 96  
GLN OXT  O N N 97  
GLN H    H N N 98  
GLN H2   H N N 99  
GLN HA   H N N 100 
GLN HB2  H N N 101 
GLN HB3  H N N 102 
GLN HG2  H N N 103 
GLN HG3  H N N 104 
GLN HE21 H N N 105 
GLN HE22 H N N 106 
GLN HXT  H N N 107 
GLU N    N N N 108 
GLU CA   C N S 109 
GLU C    C N N 110 
GLU O    O N N 111 
GLU CB   C N N 112 
GLU CG   C N N 113 
GLU CD   C N N 114 
GLU OE1  O N N 115 
GLU OE2  O N N 116 
GLU OXT  O N N 117 
GLU H    H N N 118 
GLU H2   H N N 119 
GLU HA   H N N 120 
GLU HB2  H N N 121 
GLU HB3  H N N 122 
GLU HG2  H N N 123 
GLU HG3  H N N 124 
GLU HE2  H N N 125 
GLU HXT  H N N 126 
GLY N    N N N 127 
GLY CA   C N N 128 
GLY C    C N N 129 
GLY O    O N N 130 
GLY OXT  O N N 131 
GLY H    H N N 132 
GLY H2   H N N 133 
GLY HA2  H N N 134 
GLY HA3  H N N 135 
GLY HXT  H N N 136 
HOH O    O N N 137 
HOH H1   H N N 138 
HOH H2   H N N 139 
ILE N    N N N 140 
ILE CA   C N S 141 
ILE C    C N N 142 
ILE O    O N N 143 
ILE CB   C N S 144 
ILE CG1  C N N 145 
ILE CG2  C N N 146 
ILE CD1  C N N 147 
ILE OXT  O N N 148 
ILE H    H N N 149 
ILE H2   H N N 150 
ILE HA   H N N 151 
ILE HB   H N N 152 
ILE HG12 H N N 153 
ILE HG13 H N N 154 
ILE HG21 H N N 155 
ILE HG22 H N N 156 
ILE HG23 H N N 157 
ILE HD11 H N N 158 
ILE HD12 H N N 159 
ILE HD13 H N N 160 
ILE HXT  H N N 161 
LEU N    N N N 162 
LEU CA   C N S 163 
LEU C    C N N 164 
LEU O    O N N 165 
LEU CB   C N N 166 
LEU CG   C N N 167 
LEU CD1  C N N 168 
LEU CD2  C N N 169 
LEU OXT  O N N 170 
LEU H    H N N 171 
LEU H2   H N N 172 
LEU HA   H N N 173 
LEU HB2  H N N 174 
LEU HB3  H N N 175 
LEU HG   H N N 176 
LEU HD11 H N N 177 
LEU HD12 H N N 178 
LEU HD13 H N N 179 
LEU HD21 H N N 180 
LEU HD22 H N N 181 
LEU HD23 H N N 182 
LEU HXT  H N N 183 
LYS N    N N N 184 
LYS CA   C N S 185 
LYS C    C N N 186 
LYS O    O N N 187 
LYS CB   C N N 188 
LYS CG   C N N 189 
LYS CD   C N N 190 
LYS CE   C N N 191 
LYS NZ   N N N 192 
LYS OXT  O N N 193 
LYS H    H N N 194 
LYS H2   H N N 195 
LYS HA   H N N 196 
LYS HB2  H N N 197 
LYS HB3  H N N 198 
LYS HG2  H N N 199 
LYS HG3  H N N 200 
LYS HD2  H N N 201 
LYS HD3  H N N 202 
LYS HE2  H N N 203 
LYS HE3  H N N 204 
LYS HZ1  H N N 205 
LYS HZ2  H N N 206 
LYS HZ3  H N N 207 
LYS HXT  H N N 208 
MET N    N N N 209 
MET CA   C N S 210 
MET C    C N N 211 
MET O    O N N 212 
MET CB   C N N 213 
MET CG   C N N 214 
MET SD   S N N 215 
MET CE   C N N 216 
MET OXT  O N N 217 
MET H    H N N 218 
MET H2   H N N 219 
MET HA   H N N 220 
MET HB2  H N N 221 
MET HB3  H N N 222 
MET HG2  H N N 223 
MET HG3  H N N 224 
MET HE1  H N N 225 
MET HE2  H N N 226 
MET HE3  H N N 227 
MET HXT  H N N 228 
PHE N    N N N 229 
PHE CA   C N S 230 
PHE C    C N N 231 
PHE O    O N N 232 
PHE CB   C N N 233 
PHE CG   C Y N 234 
PHE CD1  C Y N 235 
PHE CD2  C Y N 236 
PHE CE1  C Y N 237 
PHE CE2  C Y N 238 
PHE CZ   C Y N 239 
PHE OXT  O N N 240 
PHE H    H N N 241 
PHE H2   H N N 242 
PHE HA   H N N 243 
PHE HB2  H N N 244 
PHE HB3  H N N 245 
PHE HD1  H N N 246 
PHE HD2  H N N 247 
PHE HE1  H N N 248 
PHE HE2  H N N 249 
PHE HZ   H N N 250 
PHE HXT  H N N 251 
PRO N    N N N 252 
PRO CA   C N S 253 
PRO C    C N N 254 
PRO O    O N N 255 
PRO CB   C N N 256 
PRO CG   C N N 257 
PRO CD   C N N 258 
PRO OXT  O N N 259 
PRO H    H N N 260 
PRO HA   H N N 261 
PRO HB2  H N N 262 
PRO HB3  H N N 263 
PRO HG2  H N N 264 
PRO HG3  H N N 265 
PRO HD2  H N N 266 
PRO HD3  H N N 267 
PRO HXT  H N N 268 
SER N    N N N 269 
SER CA   C N S 270 
SER C    C N N 271 
SER O    O N N 272 
SER CB   C N N 273 
SER OG   O N N 274 
SER OXT  O N N 275 
SER H    H N N 276 
SER H2   H N N 277 
SER HA   H N N 278 
SER HB2  H N N 279 
SER HB3  H N N 280 
SER HG   H N N 281 
SER HXT  H N N 282 
THR N    N N N 283 
THR CA   C N S 284 
THR C    C N N 285 
THR O    O N N 286 
THR CB   C N R 287 
THR OG1  O N N 288 
THR CG2  C N N 289 
THR OXT  O N N 290 
THR H    H N N 291 
THR H2   H N N 292 
THR HA   H N N 293 
THR HB   H N N 294 
THR HG1  H N N 295 
THR HG21 H N N 296 
THR HG22 H N N 297 
THR HG23 H N N 298 
THR HXT  H N N 299 
TRP N    N N N 300 
TRP CA   C N S 301 
TRP C    C N N 302 
TRP O    O N N 303 
TRP CB   C N N 304 
TRP CG   C Y N 305 
TRP CD1  C Y N 306 
TRP CD2  C Y N 307 
TRP NE1  N Y N 308 
TRP CE2  C Y N 309 
TRP CE3  C Y N 310 
TRP CZ2  C Y N 311 
TRP CZ3  C Y N 312 
TRP CH2  C Y N 313 
TRP OXT  O N N 314 
TRP H    H N N 315 
TRP H2   H N N 316 
TRP HA   H N N 317 
TRP HB2  H N N 318 
TRP HB3  H N N 319 
TRP HD1  H N N 320 
TRP HE1  H N N 321 
TRP HE3  H N N 322 
TRP HZ2  H N N 323 
TRP HZ3  H N N 324 
TRP HH2  H N N 325 
TRP HXT  H N N 326 
TYR N    N N N 327 
TYR CA   C N S 328 
TYR C    C N N 329 
TYR O    O N N 330 
TYR CB   C N N 331 
TYR CG   C Y N 332 
TYR CD1  C Y N 333 
TYR CD2  C Y N 334 
TYR CE1  C Y N 335 
TYR CE2  C Y N 336 
TYR CZ   C Y N 337 
TYR OH   O N N 338 
TYR OXT  O N N 339 
TYR H    H N N 340 
TYR H2   H N N 341 
TYR HA   H N N 342 
TYR HB2  H N N 343 
TYR HB3  H N N 344 
TYR HD1  H N N 345 
TYR HD2  H N N 346 
TYR HE1  H N N 347 
TYR HE2  H N N 348 
TYR HH   H N N 349 
TYR HXT  H N N 350 
VAL N    N N N 351 
VAL CA   C N S 352 
VAL C    C N N 353 
VAL O    O N N 354 
VAL CB   C N N 355 
VAL CG1  C N N 356 
VAL CG2  C N N 357 
VAL OXT  O N N 358 
VAL H    H N N 359 
VAL H2   H N N 360 
VAL HA   H N N 361 
VAL HB   H N N 362 
VAL HG11 H N N 363 
VAL HG12 H N N 364 
VAL HG13 H N N 365 
VAL HG21 H N N 366 
VAL HG22 H N N 367 
VAL HG23 H N N 368 
VAL HXT  H N N 369 
# 
loop_
_chem_comp_bond.comp_id 
_chem_comp_bond.atom_id_1 
_chem_comp_bond.atom_id_2 
_chem_comp_bond.value_order 
_chem_comp_bond.pdbx_aromatic_flag 
_chem_comp_bond.pdbx_stereo_config 
_chem_comp_bond.pdbx_ordinal 
ALA N   CA   sing N N 1   
ALA N   H    sing N N 2   
ALA N   H2   sing N N 3   
ALA CA  C    sing N N 4   
ALA CA  CB   sing N N 5   
ALA CA  HA   sing N N 6   
ALA C   O    doub N N 7   
ALA C   OXT  sing N N 8   
ALA CB  HB1  sing N N 9   
ALA CB  HB2  sing N N 10  
ALA CB  HB3  sing N N 11  
ALA OXT HXT  sing N N 12  
ARG N   CA   sing N N 13  
ARG N   H    sing N N 14  
ARG N   H2   sing N N 15  
ARG CA  C    sing N N 16  
ARG CA  CB   sing N N 17  
ARG CA  HA   sing N N 18  
ARG C   O    doub N N 19  
ARG C   OXT  sing N N 20  
ARG CB  CG   sing N N 21  
ARG CB  HB2  sing N N 22  
ARG CB  HB3  sing N N 23  
ARG CG  CD   sing N N 24  
ARG CG  HG2  sing N N 25  
ARG CG  HG3  sing N N 26  
ARG CD  NE   sing N N 27  
ARG CD  HD2  sing N N 28  
ARG CD  HD3  sing N N 29  
ARG NE  CZ   sing N N 30  
ARG NE  HE   sing N N 31  
ARG CZ  NH1  sing N N 32  
ARG CZ  NH2  doub N N 33  
ARG NH1 HH11 sing N N 34  
ARG NH1 HH12 sing N N 35  
ARG NH2 HH21 sing N N 36  
ARG NH2 HH22 sing N N 37  
ARG OXT HXT  sing N N 38  
ASN N   CA   sing N N 39  
ASN N   H    sing N N 40  
ASN N   H2   sing N N 41  
ASN CA  C    sing N N 42  
ASN CA  CB   sing N N 43  
ASN CA  HA   sing N N 44  
ASN C   O    doub N N 45  
ASN C   OXT  sing N N 46  
ASN CB  CG   sing N N 47  
ASN CB  HB2  sing N N 48  
ASN CB  HB3  sing N N 49  
ASN CG  OD1  doub N N 50  
ASN CG  ND2  sing N N 51  
ASN ND2 HD21 sing N N 52  
ASN ND2 HD22 sing N N 53  
ASN OXT HXT  sing N N 54  
ASP N   CA   sing N N 55  
ASP N   H    sing N N 56  
ASP N   H2   sing N N 57  
ASP CA  C    sing N N 58  
ASP CA  CB   sing N N 59  
ASP CA  HA   sing N N 60  
ASP C   O    doub N N 61  
ASP C   OXT  sing N N 62  
ASP CB  CG   sing N N 63  
ASP CB  HB2  sing N N 64  
ASP CB  HB3  sing N N 65  
ASP CG  OD1  doub N N 66  
ASP CG  OD2  sing N N 67  
ASP OD2 HD2  sing N N 68  
ASP OXT HXT  sing N N 69  
CYS N   CA   sing N N 70  
CYS N   H    sing N N 71  
CYS N   H2   sing N N 72  
CYS CA  C    sing N N 73  
CYS CA  CB   sing N N 74  
CYS CA  HA   sing N N 75  
CYS C   O    doub N N 76  
CYS C   OXT  sing N N 77  
CYS CB  SG   sing N N 78  
CYS CB  HB2  sing N N 79  
CYS CB  HB3  sing N N 80  
CYS SG  HG   sing N N 81  
CYS OXT HXT  sing N N 82  
GLN N   CA   sing N N 83  
GLN N   H    sing N N 84  
GLN N   H2   sing N N 85  
GLN CA  C    sing N N 86  
GLN CA  CB   sing N N 87  
GLN CA  HA   sing N N 88  
GLN C   O    doub N N 89  
GLN C   OXT  sing N N 90  
GLN CB  CG   sing N N 91  
GLN CB  HB2  sing N N 92  
GLN CB  HB3  sing N N 93  
GLN CG  CD   sing N N 94  
GLN CG  HG2  sing N N 95  
GLN CG  HG3  sing N N 96  
GLN CD  OE1  doub N N 97  
GLN CD  NE2  sing N N 98  
GLN NE2 HE21 sing N N 99  
GLN NE2 HE22 sing N N 100 
GLN OXT HXT  sing N N 101 
GLU N   CA   sing N N 102 
GLU N   H    sing N N 103 
GLU N   H2   sing N N 104 
GLU CA  C    sing N N 105 
GLU CA  CB   sing N N 106 
GLU CA  HA   sing N N 107 
GLU C   O    doub N N 108 
GLU C   OXT  sing N N 109 
GLU CB  CG   sing N N 110 
GLU CB  HB2  sing N N 111 
GLU CB  HB3  sing N N 112 
GLU CG  CD   sing N N 113 
GLU CG  HG2  sing N N 114 
GLU CG  HG3  sing N N 115 
GLU CD  OE1  doub N N 116 
GLU CD  OE2  sing N N 117 
GLU OE2 HE2  sing N N 118 
GLU OXT HXT  sing N N 119 
GLY N   CA   sing N N 120 
GLY N   H    sing N N 121 
GLY N   H2   sing N N 122 
GLY CA  C    sing N N 123 
GLY CA  HA2  sing N N 124 
GLY CA  HA3  sing N N 125 
GLY C   O    doub N N 126 
GLY C   OXT  sing N N 127 
GLY OXT HXT  sing N N 128 
HOH O   H1   sing N N 129 
HOH O   H2   sing N N 130 
ILE N   CA   sing N N 131 
ILE N   H    sing N N 132 
ILE N   H2   sing N N 133 
ILE CA  C    sing N N 134 
ILE CA  CB   sing N N 135 
ILE CA  HA   sing N N 136 
ILE C   O    doub N N 137 
ILE C   OXT  sing N N 138 
ILE CB  CG1  sing N N 139 
ILE CB  CG2  sing N N 140 
ILE CB  HB   sing N N 141 
ILE CG1 CD1  sing N N 142 
ILE CG1 HG12 sing N N 143 
ILE CG1 HG13 sing N N 144 
ILE CG2 HG21 sing N N 145 
ILE CG2 HG22 sing N N 146 
ILE CG2 HG23 sing N N 147 
ILE CD1 HD11 sing N N 148 
ILE CD1 HD12 sing N N 149 
ILE CD1 HD13 sing N N 150 
ILE OXT HXT  sing N N 151 
LEU N   CA   sing N N 152 
LEU N   H    sing N N 153 
LEU N   H2   sing N N 154 
LEU CA  C    sing N N 155 
LEU CA  CB   sing N N 156 
LEU CA  HA   sing N N 157 
LEU C   O    doub N N 158 
LEU C   OXT  sing N N 159 
LEU CB  CG   sing N N 160 
LEU CB  HB2  sing N N 161 
LEU CB  HB3  sing N N 162 
LEU CG  CD1  sing N N 163 
LEU CG  CD2  sing N N 164 
LEU CG  HG   sing N N 165 
LEU CD1 HD11 sing N N 166 
LEU CD1 HD12 sing N N 167 
LEU CD1 HD13 sing N N 168 
LEU CD2 HD21 sing N N 169 
LEU CD2 HD22 sing N N 170 
LEU CD2 HD23 sing N N 171 
LEU OXT HXT  sing N N 172 
LYS N   CA   sing N N 173 
LYS N   H    sing N N 174 
LYS N   H2   sing N N 175 
LYS CA  C    sing N N 176 
LYS CA  CB   sing N N 177 
LYS CA  HA   sing N N 178 
LYS C   O    doub N N 179 
LYS C   OXT  sing N N 180 
LYS CB  CG   sing N N 181 
LYS CB  HB2  sing N N 182 
LYS CB  HB3  sing N N 183 
LYS CG  CD   sing N N 184 
LYS CG  HG2  sing N N 185 
LYS CG  HG3  sing N N 186 
LYS CD  CE   sing N N 187 
LYS CD  HD2  sing N N 188 
LYS CD  HD3  sing N N 189 
LYS CE  NZ   sing N N 190 
LYS CE  HE2  sing N N 191 
LYS CE  HE3  sing N N 192 
LYS NZ  HZ1  sing N N 193 
LYS NZ  HZ2  sing N N 194 
LYS NZ  HZ3  sing N N 195 
LYS OXT HXT  sing N N 196 
MET N   CA   sing N N 197 
MET N   H    sing N N 198 
MET N   H2   sing N N 199 
MET CA  C    sing N N 200 
MET CA  CB   sing N N 201 
MET CA  HA   sing N N 202 
MET C   O    doub N N 203 
MET C   OXT  sing N N 204 
MET CB  CG   sing N N 205 
MET CB  HB2  sing N N 206 
MET CB  HB3  sing N N 207 
MET CG  SD   sing N N 208 
MET CG  HG2  sing N N 209 
MET CG  HG3  sing N N 210 
MET SD  CE   sing N N 211 
MET CE  HE1  sing N N 212 
MET CE  HE2  sing N N 213 
MET CE  HE3  sing N N 214 
MET OXT HXT  sing N N 215 
PHE N   CA   sing N N 216 
PHE N   H    sing N N 217 
PHE N   H2   sing N N 218 
PHE CA  C    sing N N 219 
PHE CA  CB   sing N N 220 
PHE CA  HA   sing N N 221 
PHE C   O    doub N N 222 
PHE C   OXT  sing N N 223 
PHE CB  CG   sing N N 224 
PHE CB  HB2  sing N N 225 
PHE CB  HB3  sing N N 226 
PHE CG  CD1  doub Y N 227 
PHE CG  CD2  sing Y N 228 
PHE CD1 CE1  sing Y N 229 
PHE CD1 HD1  sing N N 230 
PHE CD2 CE2  doub Y N 231 
PHE CD2 HD2  sing N N 232 
PHE CE1 CZ   doub Y N 233 
PHE CE1 HE1  sing N N 234 
PHE CE2 CZ   sing Y N 235 
PHE CE2 HE2  sing N N 236 
PHE CZ  HZ   sing N N 237 
PHE OXT HXT  sing N N 238 
PRO N   CA   sing N N 239 
PRO N   CD   sing N N 240 
PRO N   H    sing N N 241 
PRO CA  C    sing N N 242 
PRO CA  CB   sing N N 243 
PRO CA  HA   sing N N 244 
PRO C   O    doub N N 245 
PRO C   OXT  sing N N 246 
PRO CB  CG   sing N N 247 
PRO CB  HB2  sing N N 248 
PRO CB  HB3  sing N N 249 
PRO CG  CD   sing N N 250 
PRO CG  HG2  sing N N 251 
PRO CG  HG3  sing N N 252 
PRO CD  HD2  sing N N 253 
PRO CD  HD3  sing N N 254 
PRO OXT HXT  sing N N 255 
SER N   CA   sing N N 256 
SER N   H    sing N N 257 
SER N   H2   sing N N 258 
SER CA  C    sing N N 259 
SER CA  CB   sing N N 260 
SER CA  HA   sing N N 261 
SER C   O    doub N N 262 
SER C   OXT  sing N N 263 
SER CB  OG   sing N N 264 
SER CB  HB2  sing N N 265 
SER CB  HB3  sing N N 266 
SER OG  HG   sing N N 267 
SER OXT HXT  sing N N 268 
THR N   CA   sing N N 269 
THR N   H    sing N N 270 
THR N   H2   sing N N 271 
THR CA  C    sing N N 272 
THR CA  CB   sing N N 273 
THR CA  HA   sing N N 274 
THR C   O    doub N N 275 
THR C   OXT  sing N N 276 
THR CB  OG1  sing N N 277 
THR CB  CG2  sing N N 278 
THR CB  HB   sing N N 279 
THR OG1 HG1  sing N N 280 
THR CG2 HG21 sing N N 281 
THR CG2 HG22 sing N N 282 
THR CG2 HG23 sing N N 283 
THR OXT HXT  sing N N 284 
TRP N   CA   sing N N 285 
TRP N   H    sing N N 286 
TRP N   H2   sing N N 287 
TRP CA  C    sing N N 288 
TRP CA  CB   sing N N 289 
TRP CA  HA   sing N N 290 
TRP C   O    doub N N 291 
TRP C   OXT  sing N N 292 
TRP CB  CG   sing N N 293 
TRP CB  HB2  sing N N 294 
TRP CB  HB3  sing N N 295 
TRP CG  CD1  doub Y N 296 
TRP CG  CD2  sing Y N 297 
TRP CD1 NE1  sing Y N 298 
TRP CD1 HD1  sing N N 299 
TRP CD2 CE2  doub Y N 300 
TRP CD2 CE3  sing Y N 301 
TRP NE1 CE2  sing Y N 302 
TRP NE1 HE1  sing N N 303 
TRP CE2 CZ2  sing Y N 304 
TRP CE3 CZ3  doub Y N 305 
TRP CE3 HE3  sing N N 306 
TRP CZ2 CH2  doub Y N 307 
TRP CZ2 HZ2  sing N N 308 
TRP CZ3 CH2  sing Y N 309 
TRP CZ3 HZ3  sing N N 310 
TRP CH2 HH2  sing N N 311 
TRP OXT HXT  sing N N 312 
TYR N   CA   sing N N 313 
TYR N   H    sing N N 314 
TYR N   H2   sing N N 315 
TYR CA  C    sing N N 316 
TYR CA  CB   sing N N 317 
TYR CA  HA   sing N N 318 
TYR C   O    doub N N 319 
TYR C   OXT  sing N N 320 
TYR CB  CG   sing N N 321 
TYR CB  HB2  sing N N 322 
TYR CB  HB3  sing N N 323 
TYR CG  CD1  doub Y N 324 
TYR CG  CD2  sing Y N 325 
TYR CD1 CE1  sing Y N 326 
TYR CD1 HD1  sing N N 327 
TYR CD2 CE2  doub Y N 328 
TYR CD2 HD2  sing N N 329 
TYR CE1 CZ   doub Y N 330 
TYR CE1 HE1  sing N N 331 
TYR CE2 CZ   sing Y N 332 
TYR CE2 HE2  sing N N 333 
TYR CZ  OH   sing N N 334 
TYR OH  HH   sing N N 335 
TYR OXT HXT  sing N N 336 
VAL N   CA   sing N N 337 
VAL N   H    sing N N 338 
VAL N   H2   sing N N 339 
VAL CA  C    sing N N 340 
VAL CA  CB   sing N N 341 
VAL CA  HA   sing N N 342 
VAL C   O    doub N N 343 
VAL C   OXT  sing N N 344 
VAL CB  CG1  sing N N 345 
VAL CB  CG2  sing N N 346 
VAL CB  HB   sing N N 347 
VAL CG1 HG11 sing N N 348 
VAL CG1 HG12 sing N N 349 
VAL CG1 HG13 sing N N 350 
VAL CG2 HG21 sing N N 351 
VAL CG2 HG22 sing N N 352 
VAL CG2 HG23 sing N N 353 
VAL OXT HXT  sing N N 354 
# 
_atom_sites.entry_id                    1R8O 
_atom_sites.fract_transf_matrix[1][1]   -0.00171374 
_atom_sites.fract_transf_matrix[1][2]   -0.01016745 
_atom_sites.fract_transf_matrix[1][3]   0.01355763 
_atom_sites.fract_transf_matrix[2][1]   -0.00901663 
_atom_sites.fract_transf_matrix[2][2]   0.01208492 
_atom_sites.fract_transf_matrix[2][3]   0.00792326 
_atom_sites.fract_transf_matrix[3][1]   -0.00898597 
_atom_sites.fract_transf_matrix[3][2]   -0.00399533 
_atom_sites.fract_transf_matrix[3][3]   -0.00413214 
_atom_sites.fract_transf_vector[1]      0.343808 
_atom_sites.fract_transf_vector[2]      0.231391 
_atom_sites.fract_transf_vector[3]      0.239247 
# 
loop_
_atom_type.symbol 
C 
N 
O 
S 
# 
loop_
_atom_site.group_PDB 
_atom_site.id 
_atom_site.type_symbol 
_atom_site.label_atom_id 
_atom_site.label_alt_id 
_atom_site.label_comp_id 
_atom_site.label_asym_id 
_atom_site.label_entity_id 
_atom_site.label_seq_id 
_atom_site.pdbx_PDB_ins_code 
_atom_site.Cartn_x 
_atom_site.Cartn_y 
_atom_site.Cartn_z 
_atom_site.occupancy 
_atom_site.B_iso_or_equiv 
_atom_site.pdbx_formal_charge 
_atom_site.auth_seq_id 
_atom_site.auth_comp_id 
_atom_site.auth_asym_id 
_atom_site.auth_atom_id 
_atom_site.pdbx_PDB_model_num 
ATOM   1    N N   . ARG A 1 1  ? -7.406  12.453  -12.588 1.00 10.61 ? 1   ARG A N   1 
ATOM   2    C CA  . ARG A 1 1  ? -8.206  12.333  -11.335 1.00 10.93 ? 1   ARG A CA  1 
ATOM   3    C C   . ARG A 1 1  ? -8.163  10.901  -10.753 1.00 9.91  ? 1   ARG A C   1 
ATOM   4    O O   . ARG A 1 1  ? -8.075  9.918   -11.476 1.00 9.13  ? 1   ARG A O   1 
ATOM   5    C CB  . ARG A 1 1  ? -9.654  12.797  -11.591 1.00 11.62 ? 1   ARG A CB  1 
ATOM   6    C CG  . ARG A 1 1  ? -10.527 11.797  -12.360 1.00 15.19 ? 1   ARG A CG  1 
ATOM   7    C CD  . ARG A 1 1  ? -10.234 11.707  -13.839 1.00 18.33 ? 1   ARG A CD  1 
ATOM   8    N NE  . ARG A 1 1  ? -9.759  10.395  -14.293 1.00 17.48 ? 1   ARG A NE  1 
ATOM   9    C CZ  . ARG A 1 1  ? -8.480  10.010  -14.335 1.00 15.71 ? 1   ARG A CZ  1 
ATOM   10   N NH1 . ARG A 1 1  ? -7.524  10.799  -13.902 1.00 14.67 ? 1   ARG A NH1 1 
ATOM   11   N NH2 . ARG A 1 1  ? -8.157  8.822   -14.794 1.00 16.37 ? 1   ARG A NH2 1 
ATOM   12   N N   . LEU A 1 2  ? -8.254  10.800  -9.436  1.00 9.77  ? 2   LEU A N   1 
ATOM   13   C CA  . LEU A 1 2  ? -8.226  9.502   -8.767  1.00 8.39  ? 2   LEU A CA  1 
ATOM   14   C C   . LEU A 1 2  ? -9.615  8.842   -8.768  1.00 7.96  ? 2   LEU A C   1 
ATOM   15   O O   . LEU A 1 2  ? -10.591 9.351   -8.163  1.00 7.85  ? 2   LEU A O   1 
ATOM   16   C CB  . LEU A 1 2  ? -7.710  9.672   -7.346  1.00 8.46  ? 2   LEU A CB  1 
ATOM   17   C CG  . LEU A 1 2  ? -7.707  8.437   -6.472  1.00 7.17  ? 2   LEU A CG  1 
ATOM   18   C CD1 . LEU A 1 2  ? -6.861  7.309   -7.106  1.00 6.28  ? 2   LEU A CD1 1 
ATOM   19   C CD2 . LEU A 1 2  ? -7.229  8.814   -5.016  1.00 8.07  ? 2   LEU A CD2 1 
ATOM   20   N N   . VAL A 1 3  ? -9.701  7.708   -9.467  1.00 7.48  ? 3   VAL A N   1 
ATOM   21   C CA  . VAL A 1 3  ? -10.921 6.898   -9.429  1.00 6.74  ? 3   VAL A CA  1 
ATOM   22   C C   . VAL A 1 3  ? -10.570 5.437   -9.302  1.00 7.31  ? 3   VAL A C   1 
ATOM   23   O O   . VAL A 1 3  ? -9.405  5.048   -9.559  1.00 7.48  ? 3   VAL A O   1 
ATOM   24   C CB  . VAL A 1 3  ? -11.841 7.129   -10.683 1.00 7.08  ? 3   VAL A CB  1 
ATOM   25   C CG1 . VAL A 1 3  ? -12.403 8.518   -10.674 1.00 6.84  ? 3   VAL A CG1 1 
ATOM   26   C CG2 . VAL A 1 3  ? -11.070 6.852   -11.977 1.00 6.89  ? 3   VAL A CG2 1 
ATOM   27   N N   . ASP A 1 4  ? -11.551 4.631   -8.926  1.00 6.42  ? 4   ASP A N   1 
ATOM   28   C CA  . ASP A 1 4  ? -11.373 3.178   -8.913  1.00 7.43  ? 4   ASP A CA  1 
ATOM   29   C C   . ASP A 1 4  ? -11.519 2.592   -10.321 1.00 7.35  ? 4   ASP A C   1 
ATOM   30   O O   . ASP A 1 4  ? -11.716 3.325   -11.289 1.00 8.62  ? 4   ASP A O   1 
ATOM   31   C CB  . ASP A 1 4  ? -12.323 2.485   -7.913  1.00 6.44  ? 4   ASP A CB  1 
ATOM   32   C CG  . ASP A 1 4  ? -13.824 2.619   -8.271  1.00 7.53  ? 4   ASP A CG  1 
ATOM   33   O OD1 . ASP A 1 4  ? -14.211 2.842   -9.429  1.00 7.01  ? 4   ASP A OD1 1 
ATOM   34   O OD2 . ASP A 1 4  ? -14.701 2.478   -7.397  1.00 8.83  ? 4   ASP A OD2 1 
ATOM   35   N N   . THR A 1 5  ? -11.444 1.267   -10.435 1.00 8.45  ? 5   THR A N   1 
ATOM   36   C CA  . THR A 1 5  ? -11.448 0.626   -11.760 1.00 8.41  ? 5   THR A CA  1 
ATOM   37   C C   . THR A 1 5  ? -12.777 0.793   -12.516 1.00 8.81  ? 5   THR A C   1 
ATOM   38   O O   . THR A 1 5  ? -12.809 0.673   -13.734 1.00 8.34  ? 5   THR A O   1 
ATOM   39   C CB  . THR A 1 5  ? -11.061 -0.867  -11.659 1.00 8.25  ? 5   THR A CB  1 
ATOM   40   O OG1 . THR A 1 5  ? -11.925 -1.551  -10.736 1.00 9.94  ? 5   THR A OG1 1 
ATOM   41   C CG2 . THR A 1 5  ? -9.675  -1.012  -11.061 1.00 10.34 ? 5   THR A CG2 1 
ATOM   42   N N   . ASP A 1 6  ? -13.857 1.079   -11.800 1.00 8.54  ? 6   ASP A N   1 
ATOM   43   C CA  . ASP A 1 6  ? -15.163 1.430   -12.433 1.00 9.31  ? 6   ASP A CA  1 
ATOM   44   C C   . ASP A 1 6  ? -15.395 2.925   -12.584 1.00 7.92  ? 6   ASP A C   1 
ATOM   45   O O   . ASP A 1 6  ? -16.532 3.375   -12.842 1.00 9.72  ? 6   ASP A O   1 
ATOM   46   C CB  . ASP A 1 6  ? -16.334 0.857   -11.642 1.00 10.06 ? 6   ASP A CB  1 
ATOM   47   C CG  . ASP A 1 6  ? -16.219 -0.614  -11.413 1.00 16.50 ? 6   ASP A CG  1 
ATOM   48   O OD1 . ASP A 1 6  ? -16.192 -1.365  -12.425 1.00 22.65 ? 6   ASP A OD1 1 
ATOM   49   O OD2 . ASP A 1 6  ? -16.144 -1.111  -10.254 1.00 26.00 ? 6   ASP A OD2 1 
ATOM   50   N N   . GLY A 1 7  ? -14.339 3.705   -12.434 1.00 7.70  ? 7   GLY A N   1 
ATOM   51   C CA  . GLY A 1 7  ? -14.394 5.149   -12.621 1.00 7.32  ? 7   GLY A CA  1 
ATOM   52   C C   . GLY A 1 7  ? -15.086 5.983   -11.546 1.00 7.04  ? 7   GLY A C   1 
ATOM   53   O O   . GLY A 1 7  ? -15.484 7.123   -11.819 1.00 6.77  ? 7   GLY A O   1 
ATOM   54   N N   . LYS A 1 8  ? -15.272 5.418   -10.354 1.00 6.51  ? 8   LYS A N   1 
ATOM   55   C CA  . LYS A 1 8  ? -15.909 6.134   -9.243  1.00 6.71  ? 8   LYS A CA  1 
ATOM   56   C C   . LYS A 1 8  ? -14.856 6.686   -8.295  1.00 6.71  ? 8   LYS A C   1 
ATOM   57   O O   . LYS A 1 8  ? -13.813 6.047   -8.063  1.00 6.38  ? 8   LYS A O   1 
ATOM   58   C CB  . LYS A 1 8  ? -16.908 5.235   -8.475  1.00 6.93  ? 8   LYS A CB  1 
ATOM   59   C CG  . LYS A 1 8  ? -18.095 4.718   -9.320  1.00 8.78  ? 8   LYS A CG  1 
ATOM   60   C CD  . LYS A 1 8  ? -19.444 5.162   -8.783  1.00 12.96 ? 8   LYS A CD  1 
ATOM   61   C CE  . LYS A 1 8  ? -20.536 4.846   -9.792  1.00 13.42 ? 8   LYS A CE  1 
ATOM   62   N NZ  . LYS A 1 8  ? -21.148 6.066   -10.464 1.00 15.43 ? 8   LYS A NZ  1 
ATOM   63   N N   . PRO A 1 9  ? -15.086 7.851   -7.699  1.00 5.85  ? 9   PRO A N   1 
ATOM   64   C CA  . PRO A 1 9  ? -14.119 8.316   -6.693  1.00 5.97  ? 9   PRO A CA  1 
ATOM   65   C C   . PRO A 1 9  ? -13.931 7.292   -5.579  1.00 6.27  ? 9   PRO A C   1 
ATOM   66   O O   . PRO A 1 9  ? -14.844 6.500   -5.256  1.00 6.33  ? 9   PRO A O   1 
ATOM   67   C CB  . PRO A 1 9  ? -14.744 9.627   -6.166  1.00 5.68  ? 9   PRO A CB  1 
ATOM   68   C CG  . PRO A 1 9  ? -16.124 9.580   -6.581  1.00 6.40  ? 9   PRO A CG  1 
ATOM   69   C CD  . PRO A 1 9  ? -16.202 8.808   -7.890  1.00 6.52  ? 9   PRO A CD  1 
ATOM   70   N N   . ILE A 1 10 ? -12.741 7.312   -4.989  1.00 5.13  ? 10  ILE A N   1 
ATOM   71   C CA  . ILE A 1 10 ? -12.392 6.418   -3.891  1.00 4.75  ? 10  ILE A CA  1 
ATOM   72   C C   . ILE A 1 10 ? -12.854 6.996   -2.558  1.00 5.35  ? 10  ILE A C   1 
ATOM   73   O O   . ILE A 1 10 ? -12.636 8.156   -2.252  1.00 4.81  ? 10  ILE A O   1 
ATOM   74   C CB  . ILE A 1 10 ? -10.902 6.170   -3.920  1.00 4.63  ? 10  ILE A CB  1 
ATOM   75   C CG1 . ILE A 1 10 ? -10.599 5.517   -5.292  1.00 4.19  ? 10  ILE A CG1 1 
ATOM   76   C CG2 . ILE A 1 10 ? -10.538 5.271   -2.731  1.00 2.89  ? 10  ILE A CG2 1 
ATOM   77   C CD1 . ILE A 1 10 ? -9.121  5.167   -5.533  1.00 9.17  ? 10  ILE A CD1 1 
ATOM   78   N N   . GLU A 1 11 ? -13.544 6.168   -1.791  1.00 6.32  ? 11  GLU A N   1 
ATOM   79   C CA  . GLU A 1 11 ? -14.144 6.594   -0.532  1.00 6.21  ? 11  GLU A CA  1 
ATOM   80   C C   . GLU A 1 11 ? -13.085 6.799   0.577   1.00 5.78  ? 11  GLU A C   1 
ATOM   81   O O   . GLU A 1 11 ? -12.122 6.017   0.727   1.00 5.04  ? 11  GLU A O   1 
ATOM   82   C CB  . GLU A 1 11 ? -15.176 5.552   -0.097  1.00 6.02  ? 11  GLU A CB  1 
ATOM   83   C CG  . GLU A 1 11 ? -16.438 5.580   -0.942  1.00 6.78  ? 11  GLU A CG  1 
ATOM   84   C CD  . GLU A 1 11 ? -17.459 4.541   -0.525  1.00 9.68  ? 11  GLU A CD  1 
ATOM   85   O OE1 . GLU A 1 11 ? -17.466 4.102   0.662   1.00 7.65  ? 11  GLU A OE1 1 
ATOM   86   O OE2 . GLU A 1 11 ? -18.284 4.181   -1.395  1.00 10.21 ? 11  GLU A OE2 1 
ATOM   87   N N   . ASN A 1 12 ? -13.279 7.838   1.375   1.00 6.72  ? 12  ASN A N   1 
ATOM   88   C CA  . ASN A 1 12 ? -12.439 8.029   2.573   1.00 7.64  ? 12  ASN A CA  1 
ATOM   89   C C   . ASN A 1 12 ? -13.088 7.255   3.741   1.00 8.18  ? 12  ASN A C   1 
ATOM   90   O O   . ASN A 1 12 ? -14.268 7.510   4.046   1.00 8.22  ? 12  ASN A O   1 
ATOM   91   C CB  . ASN A 1 12 ? -12.285 9.515   2.913   1.00 6.25  ? 12  ASN A CB  1 
ATOM   92   C CG  . ASN A 1 12 ? -11.396 9.753   4.105   1.00 8.49  ? 12  ASN A CG  1 
ATOM   93   O OD1 . ASN A 1 12 ? -10.616 8.875   4.473   1.00 7.50  ? 12  ASN A OD1 1 
ATOM   94   N ND2 . ASN A 1 12 ? -11.494 10.947  4.720   1.00 10.14 ? 12  ASN A ND2 1 
ATOM   95   N N   . ASP A 1 13 ? -12.360 6.287   4.324   1.00 9.11  ? 13  ASP A N   1 
ATOM   96   C CA  . ASP A 1 13 ? -12.829 5.538   5.511   1.00 9.47  ? 13  ASP A CA  1 
ATOM   97   C C   . ASP A 1 13 ? -14.199 4.903   5.234   1.00 8.95  ? 13  ASP A C   1 
ATOM   98   O O   . ASP A 1 13 ? -15.173 5.095   5.985   1.00 9.56  ? 13  ASP A O   1 
ATOM   99   C CB  . ASP A 1 13 ? -12.859 6.525   6.693   1.00 10.98 ? 13  ASP A CB  1 
ATOM   100  C CG  . ASP A 1 13 ? -13.203 5.889   8.022   1.00 14.28 ? 13  ASP A CG  1 
ATOM   101  O OD1 . ASP A 1 13 ? -12.900 4.708   8.259   1.00 16.00 ? 13  ASP A OD1 1 
ATOM   102  O OD2 . ASP A 1 13 ? -13.795 6.539   8.902   1.00 17.31 ? 13  ASP A OD2 1 
ATOM   103  N N   . GLY A 1 14 ? -14.315 4.194   4.116   1.00 7.72  ? 14  GLY A N   1 
ATOM   104  C CA  . GLY A 1 14 ? -15.609 3.670   3.746   1.00 7.45  ? 14  GLY A CA  1 
ATOM   105  C C   . GLY A 1 14 ? -15.392 2.334   3.100   1.00 6.60  ? 14  GLY A C   1 
ATOM   106  O O   . GLY A 1 14 ? -14.924 1.422   3.748   1.00 6.38  ? 14  GLY A O   1 
ATOM   107  N N   . ALA A 1 15 ? -15.762 2.210   1.848   1.00 6.59  ? 15  ALA A N   1 
ATOM   108  C CA  . ALA A 1 15 ? -15.547 0.962   1.116   1.00 7.31  ? 15  ALA A CA  1 
ATOM   109  C C   . ALA A 1 15 ? -14.101 0.496   1.174   1.00 7.68  ? 15  ALA A C   1 
ATOM   110  O O   . ALA A 1 15 ? -13.154 1.282   1.300   1.00 8.08  ? 15  ALA A O   1 
ATOM   111  C CB  . ALA A 1 15 ? -15.966 1.125   -0.322  1.00 7.65  ? 15  ALA A CB  1 
ATOM   112  N N   . GLU A 1 16 ? -13.930 -0.810  1.028   1.00 8.09  ? 16  GLU A N   1 
ATOM   113  C CA  . GLU A 1 16 ? -12.609 -1.386  0.903   1.00 7.79  ? 16  GLU A CA  1 
ATOM   114  C C   . GLU A 1 16 ? -12.177 -1.468  -0.561  1.00 7.89  ? 16  GLU A C   1 
ATOM   115  O O   . GLU A 1 16 ? -13.036 -1.573  -1.484  1.00 6.27  ? 16  GLU A O   1 
ATOM   116  C CB  . GLU A 1 16 ? -12.608 -2.781  1.529   1.00 9.79  ? 16  GLU A CB  1 
ATOM   117  C CG  . GLU A 1 16 ? -12.905 -2.772  3.026   1.00 13.10 ? 16  GLU A CG  1 
ATOM   118  C CD  . GLU A 1 16 ? -13.373 -4.117  3.514   1.00 20.80 ? 16  GLU A CD  1 
ATOM   119  O OE1 . GLU A 1 16 ? -12.553 -4.902  4.031   1.00 22.26 ? 16  GLU A OE1 1 
ATOM   120  O OE2 . GLU A 1 16 ? -14.573 -4.392  3.361   1.00 25.97 ? 16  GLU A OE2 1 
ATOM   121  N N   . TYR A 1 17 ? -10.847 -1.441  -0.783  1.00 5.91  ? 17  TYR A N   1 
ATOM   122  C CA  . TYR A 1 17 ? -10.307 -1.482  -2.154  1.00 6.34  ? 17  TYR A CA  1 
ATOM   123  C C   . TYR A 1 17 ? -9.168  -2.481  -2.203  1.00 6.70  ? 17  TYR A C   1 
ATOM   124  O O   . TYR A 1 17 ? -8.488  -2.665  -1.189  1.00 6.69  ? 17  TYR A O   1 
ATOM   125  C CB  . TYR A 1 17 ? -9.767  -0.100  -2.555  1.00 6.24  ? 17  TYR A CB  1 
ATOM   126  C CG  . TYR A 1 17 ? -10.890 0.884   -2.661  1.00 7.56  ? 17  TYR A CG  1 
ATOM   127  C CD1 . TYR A 1 17 ? -11.555 1.072   -3.866  1.00 6.56  ? 17  TYR A CD1 1 
ATOM   128  C CD2 . TYR A 1 17 ? -11.348 1.570   -1.531  1.00 5.21  ? 17  TYR A CD2 1 
ATOM   129  C CE1 . TYR A 1 17 ? -12.646 1.957   -3.942  1.00 7.08  ? 17  TYR A CE1 1 
ATOM   130  C CE2 . TYR A 1 17 ? -12.427 2.424   -1.596  1.00 7.36  ? 17  TYR A CE2 1 
ATOM   131  C CZ  . TYR A 1 17 ? -13.055 2.622   -2.785  1.00 7.62  ? 17  TYR A CZ  1 
ATOM   132  O OH  . TYR A 1 17 ? -14.102 3.492   -2.864  1.00 7.15  ? 17  TYR A OH  1 
ATOM   133  N N   . TYR A 1 18 ? -8.972  -3.103  -3.366  1.00 7.49  ? 18  TYR A N   1 
ATOM   134  C CA  . TYR A 1 18 ? -7.739  -3.823  -3.645  1.00 6.92  ? 18  TYR A CA  1 
ATOM   135  C C   . TYR A 1 18 ? -6.776  -2.959  -4.468  1.00 7.15  ? 18  TYR A C   1 
ATOM   136  O O   . TYR A 1 18 ? -7.203  -2.258  -5.381  1.00 8.63  ? 18  TYR A O   1 
ATOM   137  C CB  . TYR A 1 18 ? -8.016  -5.116  -4.433  1.00 7.70  ? 18  TYR A CB  1 
ATOM   138  C CG  . TYR A 1 18 ? -8.995  -5.997  -3.712  1.00 11.01 ? 18  TYR A CG  1 
ATOM   139  C CD1 . TYR A 1 18 ? -8.583  -6.783  -2.610  1.00 13.55 ? 18  TYR A CD1 1 
ATOM   140  C CD2 . TYR A 1 18 ? -10.332 -6.038  -4.098  1.00 16.63 ? 18  TYR A CD2 1 
ATOM   141  C CE1 . TYR A 1 18 ? -9.504  -7.591  -1.910  1.00 18.06 ? 18  TYR A CE1 1 
ATOM   142  C CE2 . TYR A 1 18 ? -11.249 -6.840  -3.407  1.00 21.93 ? 18  TYR A CE2 1 
ATOM   143  C CZ  . TYR A 1 18 ? -10.828 -7.592  -2.312  1.00 21.77 ? 18  TYR A CZ  1 
ATOM   144  O OH  . TYR A 1 18 ? -11.738 -8.391  -1.642  1.00 25.75 ? 18  TYR A OH  1 
ATOM   145  N N   . ILE A 1 19 ? -5.479  -3.054  -4.164  1.00 6.36  ? 19  ILE A N   1 
ATOM   146  C CA  . ILE A 1 19 ? -4.494  -2.248  -4.854  1.00 6.80  ? 19  ILE A CA  1 
ATOM   147  C C   . ILE A 1 19 ? -3.806  -3.199  -5.814  1.00 6.47  ? 19  ILE A C   1 
ATOM   148  O O   . ILE A 1 19 ? -3.077  -4.094  -5.359  1.00 6.02  ? 19  ILE A O   1 
ATOM   149  C CB  . ILE A 1 19 ? -3.458  -1.688  -3.873  1.00 6.80  ? 19  ILE A CB  1 
ATOM   150  C CG1 . ILE A 1 19 ? -4.117  -0.732  -2.862  1.00 7.14  ? 19  ILE A CG1 1 
ATOM   151  C CG2 . ILE A 1 19 ? -2.321  -0.895  -4.656  1.00 6.29  ? 19  ILE A CG2 1 
ATOM   152  C CD1 . ILE A 1 19 ? -3.180  -0.260  -1.651  1.00 4.70  ? 19  ILE A CD1 1 
ATOM   153  N N   . LEU A 1 20 ? -4.000  -2.972  -7.110  1.00 6.88  ? 20  LEU A N   1 
ATOM   154  C CA  . LEU A 1 20 ? -3.673  -4.012  -8.120  1.00 6.70  ? 20  LEU A CA  1 
ATOM   155  C C   . LEU A 1 20 ? -2.653  -3.452  -9.066  1.00 7.28  ? 20  LEU A C   1 
ATOM   156  O O   . LEU A 1 20 ? -2.700  -2.280  -9.348  1.00 6.15  ? 20  LEU A O   1 
ATOM   157  C CB  . LEU A 1 20 ? -4.920  -4.411  -8.944  1.00 7.05  ? 20  LEU A CB  1 
ATOM   158  C CG  . LEU A 1 20 ? -6.174  -4.877  -8.187  1.00 7.69  ? 20  LEU A CG  1 
ATOM   159  C CD1 . LEU A 1 20 ? -7.226  -5.383  -9.156  1.00 8.57  ? 20  LEU A CD1 1 
ATOM   160  C CD2 . LEU A 1 20 ? -5.728  -5.971  -7.255  1.00 9.68  ? 20  LEU A CD2 1 
ATOM   161  N N   . PRO A 1 21 ? -1.776  -4.309  -9.601  1.00 6.54  ? 21  PRO A N   1 
ATOM   162  C CA  . PRO A 1 21 ? -0.807  -3.891  -10.614 1.00 7.26  ? 21  PRO A CA  1 
ATOM   163  C C   . PRO A 1 21 ? -1.526  -3.564  -11.891 1.00 8.07  ? 21  PRO A C   1 
ATOM   164  O O   . PRO A 1 21 ? -2.479  -4.259  -12.256 1.00 7.69  ? 21  PRO A O   1 
ATOM   165  C CB  . PRO A 1 21 ? 0.083   -5.136  -10.796 1.00 7.80  ? 21  PRO A CB  1 
ATOM   166  C CG  . PRO A 1 21 ? -0.792  -6.306  -10.396 1.00 8.40  ? 21  PRO A CG  1 
ATOM   167  C CD  . PRO A 1 21 ? -1.665  -5.732  -9.270  1.00 7.32  ? 21  PRO A CD  1 
ATOM   168  N N   . SER A 1 22 ? -1.123  -2.490  -12.553 1.00 9.11  ? 22  SER A N   1 
ATOM   169  C CA  . SER A 1 22 ? -1.597  -2.289  -13.935 1.00 10.72 ? 22  SER A CA  1 
ATOM   170  C C   . SER A 1 22 ? -1.010  -3.325  -14.908 1.00 11.86 ? 22  SER A C   1 
ATOM   171  O O   . SER A 1 22 ? -1.718  -3.882  -15.738 1.00 12.13 ? 22  SER A O   1 
ATOM   172  C CB  . SER A 1 22 ? -1.318  -0.859  -14.404 1.00 11.35 ? 22  SER A CB  1 
ATOM   173  O OG  . SER A 1 22 ? -2.025  0.057   -13.559 1.00 16.60 ? 22  SER A OG  1 
ATOM   174  N N   . VAL A 1 23 ? 0.282   -3.600  -14.810 1.00 11.47 ? 23  VAL A N   1 
ATOM   175  C CA  . VAL A 1 23 ? 0.897   -4.563  -15.724 1.00 12.30 ? 23  VAL A CA  1 
ATOM   176  C C   . VAL A 1 23 ? 0.536   -6.018  -15.365 1.00 12.29 ? 23  VAL A C   1 
ATOM   177  O O   . VAL A 1 23 ? 0.404   -6.366  -14.192 1.00 12.36 ? 23  VAL A O   1 
ATOM   178  C CB  . VAL A 1 23 ? 2.415   -4.355  -15.821 1.00 12.73 ? 23  VAL A CB  1 
ATOM   179  C CG1 . VAL A 1 23 ? 3.022   -5.258  -16.930 1.00 14.29 ? 23  VAL A CG1 1 
ATOM   180  C CG2 . VAL A 1 23 ? 2.722   -2.887  -16.111 1.00 12.83 ? 23  VAL A CG2 1 
ATOM   181  N N   . ARG A 1 24 ? 0.362   -6.857  -16.390 1.00 11.96 ? 24  ARG A N   1 
ATOM   182  C CA  . ARG A 1 24 ? 0.106   -8.297  -16.168 1.00 11.17 ? 24  ARG A CA  1 
ATOM   183  C C   . ARG A 1 24 ? 1.421   -9.103  -16.150 1.00 10.30 ? 24  ARG A C   1 
ATOM   184  O O   . ARG A 1 24 ? 2.459   -8.613  -16.582 1.00 9.94  ? 24  ARG A O   1 
ATOM   185  C CB  . ARG A 1 24 ? -0.873  -8.853  -17.227 1.00 10.54 ? 24  ARG A CB  1 
ATOM   186  C CG  . ARG A 1 24 ? -2.263  -8.231  -17.154 1.00 8.97  ? 24  ARG A CG  1 
ATOM   187  C CD  . ARG A 1 24 ? -3.297  -8.798  -18.128 1.00 8.63  ? 24  ARG A CD  1 
ATOM   188  N NE  . ARG A 1 24 ? -3.228  -8.155  -19.445 1.00 6.26  ? 24  ARG A NE  1 
ATOM   189  C CZ  . ARG A 1 24 ? -3.913  -8.527  -20.538 1.00 8.86  ? 24  ARG A CZ  1 
ATOM   190  N NH1 . ARG A 1 24 ? -3.754  -7.844  -21.658 1.00 7.46  ? 24  ARG A NH1 1 
ATOM   191  N NH2 . ARG A 1 24 ? -4.796  -9.551  -20.538 1.00 4.34  ? 24  ARG A NH2 1 
ATOM   192  N N   . GLY A 1 25 ? 1.389   -10.338 -15.657 1.00 9.61  ? 25  GLY A N   1 
ATOM   193  C CA  . GLY A 1 25 ? 2.577   -11.185 -15.752 1.00 9.47  ? 25  GLY A CA  1 
ATOM   194  C C   . GLY A 1 25 ? 3.611   -10.886 -14.673 1.00 10.08 ? 25  GLY A C   1 
ATOM   195  O O   . GLY A 1 25 ? 4.711   -11.463 -14.677 1.00 9.52  ? 25  GLY A O   1 
ATOM   196  N N   . LYS A 1 26 ? 3.265   -10.001 -13.754 1.00 9.74  ? 26  LYS A N   1 
ATOM   197  C CA  . LYS A 1 26 ? 4.204   -9.555  -12.711 1.00 11.00 ? 26  LYS A CA  1 
ATOM   198  C C   . LYS A 1 26 ? 3.581   -9.459  -11.319 1.00 11.04 ? 26  LYS A C   1 
ATOM   199  O O   . LYS A 1 26 ? 3.623   -8.405  -10.682 1.00 11.55 ? 26  LYS A O   1 
ATOM   200  C CB  . LYS A 1 26 ? 4.838   -8.198  -13.080 1.00 12.01 ? 26  LYS A CB  1 
ATOM   201  C CG  . LYS A 1 26 ? 5.843   -8.283  -14.250 1.00 14.12 ? 26  LYS A CG  1 
ATOM   202  C CD  . LYS A 1 26 ? 6.498   -6.941  -14.541 1.00 20.47 ? 26  LYS A CD  1 
ATOM   203  C CE  . LYS A 1 26 ? 7.163   -6.975  -15.910 1.00 23.10 ? 26  LYS A CE  1 
ATOM   204  N NZ  . LYS A 1 26 ? 8.639   -6.659  -15.873 1.00 26.97 ? 26  LYS A NZ  1 
ATOM   205  N N   . GLY A 1 27 ? 3.045   -10.566 -10.827 1.00 10.54 ? 27  GLY A N   1 
ATOM   206  C CA  . GLY A 1 27 ? 2.494   -10.597 -9.493  1.00 8.83  ? 27  GLY A CA  1 
ATOM   207  C C   . GLY A 1 27 ? 1.082   -10.027 -9.410  1.00 8.87  ? 27  GLY A C   1 
ATOM   208  O O   . GLY A 1 27 ? 0.603   -9.364  -10.357 1.00 6.95  ? 27  GLY A O   1 
ATOM   209  N N   . GLY A 1 28 ? 0.430   -10.304 -8.282  1.00 7.82  ? 28  GLY A N   1 
ATOM   210  C CA  . GLY A 1 28 ? -0.956  -9.906  -8.051  1.00 7.51  ? 28  GLY A CA  1 
ATOM   211  C C   . GLY A 1 28 ? -1.084  -8.682  -7.175  1.00 8.22  ? 28  GLY A C   1 
ATOM   212  O O   . GLY A 1 28 ? -0.141  -7.901  -7.034  1.00 8.53  ? 28  GLY A O   1 
ATOM   213  N N   . GLY A 1 29 ? -2.244  -8.515  -6.553  1.00 7.79  ? 29  GLY A N   1 
ATOM   214  C CA  . GLY A 1 29 ? -2.515  -7.350  -5.708  1.00 7.90  ? 29  GLY A CA  1 
ATOM   215  C C   . GLY A 1 29 ? -1.768  -7.419  -4.379  1.00 8.60  ? 29  GLY A C   1 
ATOM   216  O O   . GLY A 1 29 ? -1.234  -8.463  -3.975  1.00 8.21  ? 29  GLY A O   1 
ATOM   217  N N   . LEU A 1 30 ? -1.730  -6.303  -3.677  1.00 7.90  ? 30  LEU A N   1 
ATOM   218  C CA  . LEU A 1 30 ? -0.895  -6.201  -2.496  1.00 7.32  ? 30  LEU A CA  1 
ATOM   219  C C   . LEU A 1 30 ? -1.509  -7.012  -1.318  1.00 7.31  ? 30  LEU A C   1 
ATOM   220  O O   . LEU A 1 30 ? -2.733  -7.041  -1.129  1.00 8.39  ? 30  LEU A O   1 
ATOM   221  C CB  . LEU A 1 30 ? -0.762  -4.716  -2.119  1.00 7.74  ? 30  LEU A CB  1 
ATOM   222  C CG  . LEU A 1 30 ? 0.097   -3.919  -3.095  1.00 5.15  ? 30  LEU A CG  1 
ATOM   223  C CD1 . LEU A 1 30 ? 0.147   -2.513  -2.541  1.00 6.06  ? 30  LEU A CD1 1 
ATOM   224  C CD2 . LEU A 1 30 ? 1.541   -4.496  -3.128  1.00 7.05  ? 30  LEU A CD2 1 
ATOM   225  N N   . VAL A 1 31 ? -0.646  -7.683  -0.572  1.00 6.82  ? 31  VAL A N   1 
ATOM   226  C CA  . VAL A 1 31 ? -1.074  -8.518  0.545   1.00 6.77  ? 31  VAL A CA  1 
ATOM   227  C C   . VAL A 1 31 ? 0.014   -8.398  1.605   1.00 7.88  ? 31  VAL A C   1 
ATOM   228  O O   . VAL A 1 31 ? 0.743   -7.384  1.601   1.00 7.14  ? 31  VAL A O   1 
ATOM   229  C CB  . VAL A 1 31 ? -1.297  -9.990  0.052   1.00 7.26  ? 31  VAL A CB  1 
ATOM   230  C CG1 . VAL A 1 31 ? -0.009  -10.562 -0.585  1.00 5.06  ? 31  VAL A CG1 1 
ATOM   231  C CG2 . VAL A 1 31 ? -1.752  -10.877 1.143   1.00 2.45  ? 31  VAL A CG2 1 
ATOM   232  N N   . LEU A 1 32 ? 0.115   -9.403  2.510   1.00 6.88  ? 32  LEU A N   1 
ATOM   233  C CA  . LEU A 1 32 ? 1.114   -9.417  3.576   1.00 7.13  ? 32  LEU A CA  1 
ATOM   234  C C   . LEU A 1 32 ? 1.843   -10.750 3.520   1.00 7.46  ? 32  LEU A C   1 
ATOM   235  O O   . LEU A 1 32 ? 1.234   -11.772 3.121   1.00 7.85  ? 32  LEU A O   1 
ATOM   236  C CB  . LEU A 1 32 ? 0.455   -9.220  4.933   1.00 7.70  ? 32  LEU A CB  1 
ATOM   237  C CG  . LEU A 1 32 ? -0.219  -7.852  5.176   1.00 6.77  ? 32  LEU A CG  1 
ATOM   238  C CD1 . LEU A 1 32 ? -1.113  -7.911  6.447   1.00 4.09  ? 32  LEU A CD1 1 
ATOM   239  C CD2 . LEU A 1 32 ? 0.896   -6.789  5.371   1.00 9.10  ? 32  LEU A CD2 1 
ATOM   240  N N   . ALA A 1 33 ? 3.110   -10.729 3.931   1.00 7.90  ? 33  ALA A N   1 
ATOM   241  C CA  . ALA A 1 33 ? 3.949   -11.932 3.954   1.00 7.63  ? 33  ALA A CA  1 
ATOM   242  C C   . ALA A 1 33 ? 4.976   -11.859 5.053   1.00 8.30  ? 33  ALA A C   1 
ATOM   243  O O   . ALA A 1 33 ? 5.314   -10.765 5.534   1.00 8.23  ? 33  ALA A O   1 
ATOM   244  C CB  . ALA A 1 33 ? 4.656   -12.101 2.610   1.00 6.95  ? 33  ALA A CB  1 
ATOM   245  N N   . LYS A 1 34 ? 5.491   -13.024 5.464   1.00 10.12 ? 34  LYS A N   1 
ATOM   246  C CA  . LYS A 1 34 ? 6.651   -13.089 6.348   1.00 12.31 ? 34  LYS A CA  1 
ATOM   247  C C   . LYS A 1 34 ? 7.876   -12.871 5.519   1.00 15.40 ? 34  LYS A C   1 
ATOM   248  O O   . LYS A 1 34 ? 8.056   -13.523 4.462   1.00 17.20 ? 34  LYS A O   1 
ATOM   249  C CB  . LYS A 1 34 ? 6.764   -14.460 7.049   1.00 12.53 ? 34  LYS A CB  1 
ATOM   250  C CG  . LYS A 1 34 ? 5.578   -14.778 7.879   1.00 12.93 ? 34  LYS A CG  1 
ATOM   251  C CD  . LYS A 1 34 ? 5.728   -16.168 8.462   1.00 15.80 ? 34  LYS A CD  1 
ATOM   252  C CE  . LYS A 1 34 ? 4.390   -16.780 8.746   1.00 21.04 ? 34  LYS A CE  1 
ATOM   253  N NZ  . LYS A 1 34 ? 4.566   -18.006 9.620   1.00 20.29 ? 34  LYS A NZ  1 
ATOM   254  N N   . SER A 1 35 ? 8.712   -11.946 5.963   1.00 17.10 ? 35  SER A N   1 
ATOM   255  C CA  . SER A 1 35 ? 9.963   -11.692 5.273   1.00 19.27 ? 35  SER A CA  1 
ATOM   256  C C   . SER A 1 35 ? 11.122  -11.923 6.209   1.00 19.74 ? 35  SER A C   1 
ATOM   257  O O   . SER A 1 35 ? 11.060  -11.578 7.416   1.00 19.97 ? 35  SER A O   1 
ATOM   258  C CB  . SER A 1 35 ? 10.009  -10.272 4.709   1.00 20.46 ? 35  SER A CB  1 
ATOM   259  O OG  . SER A 1 35 ? 9.201   -10.196 3.540   1.00 24.80 ? 35  SER A OG  1 
ATOM   260  N N   . GLY A 1 36 ? 12.176  -12.521 5.649   1.00 19.82 ? 36  GLY A N   1 
ATOM   261  C CA  . GLY A 1 36 ? 13.365  -12.882 6.415   1.00 19.42 ? 36  GLY A CA  1 
ATOM   262  C C   . GLY A 1 36 ? 13.071  -13.591 7.709   1.00 18.62 ? 36  GLY A C   1 
ATOM   263  O O   . GLY A 1 36 ? 12.569  -14.698 7.699   1.00 19.06 ? 36  GLY A O   1 
ATOM   264  N N   . GLY A 1 37 ? 13.373  -12.950 8.828   1.00 18.25 ? 37  GLY A N   1 
ATOM   265  C CA  . GLY A 1 37 ? 13.250  -13.599 10.120  1.00 17.68 ? 37  GLY A CA  1 
ATOM   266  C C   . GLY A 1 37 ? 11.865  -13.468 10.749  1.00 16.86 ? 37  GLY A C   1 
ATOM   267  O O   . GLY A 1 37 ? 11.661  -13.957 11.850  1.00 17.35 ? 37  GLY A O   1 
ATOM   268  N N   . GLU A 1 38 ? 10.922  -12.823 10.059  1.00 15.40 ? 38  GLU A N   1 
ATOM   269  C CA  . GLU A 1 38 ? 9.575   -12.627 10.597  1.00 14.01 ? 38  GLU A CA  1 
ATOM   270  C C   . GLU A 1 38 ? 8.852   -13.964 10.811  1.00 12.40 ? 38  GLU A C   1 
ATOM   271  O O   . GLU A 1 38 ? 8.888   -14.846 9.942   1.00 12.22 ? 38  GLU A O   1 
ATOM   272  C CB  . GLU A 1 38 ? 8.730   -11.754 9.654   1.00 14.14 ? 38  GLU A CB  1 
ATOM   273  C CG  . GLU A 1 38 ? 9.120   -10.284 9.685   1.00 15.31 ? 38  GLU A CG  1 
ATOM   274  C CD  . GLU A 1 38 ? 8.338   -9.412  8.715   1.00 19.78 ? 38  GLU A CD  1 
ATOM   275  O OE1 . GLU A 1 38 ? 7.811   -9.915  7.689   1.00 19.23 ? 38  GLU A OE1 1 
ATOM   276  O OE2 . GLU A 1 38 ? 8.276   -8.186  8.984   1.00 20.04 ? 38  GLU A OE2 1 
ATOM   277  N N   . LYS A 1 39 ? 8.188   -14.090 11.956  1.00 10.56 ? 39  LYS A N   1 
ATOM   278  C CA  . LYS A 1 39 ? 7.291   -15.196 12.217  1.00 11.10 ? 39  LYS A CA  1 
ATOM   279  C C   . LYS A 1 39 ? 5.796   -14.773 12.200  1.00 9.92  ? 39  LYS A C   1 
ATOM   280  O O   . LYS A 1 39 ? 4.924   -15.564 12.552  1.00 11.87 ? 39  LYS A O   1 
ATOM   281  C CB  . LYS A 1 39 ? 7.628   -15.880 13.552  1.00 11.34 ? 39  LYS A CB  1 
ATOM   282  C CG  . LYS A 1 39 ? 9.049   -16.442 13.672  1.00 14.00 ? 39  LYS A CG  1 
ATOM   283  C CD  . LYS A 1 39 ? 9.327   -16.799 15.119  1.00 18.73 ? 39  LYS A CD  1 
ATOM   284  C CE  . LYS A 1 39 ? 10.209  -18.032 15.255  1.00 24.03 ? 39  LYS A CE  1 
ATOM   285  N NZ  . LYS A 1 39 ? 9.755   -18.938 16.390  1.00 25.93 ? 39  LYS A NZ  1 
ATOM   286  N N   . CYS A 1 40 ? 5.520   -13.522 11.855  1.00 8.35  ? 40  CYS A N   1 
ATOM   287  C CA  . CYS A 1 40 ? 4.150   -13.016 11.667  1.00 6.75  ? 40  CYS A CA  1 
ATOM   288  C C   . CYS A 1 40 ? 4.176   -12.326 10.313  1.00 6.40  ? 40  CYS A C   1 
ATOM   289  O O   . CYS A 1 40 ? 5.177   -11.672 10.016  1.00 5.48  ? 40  CYS A O   1 
ATOM   290  C CB  . CYS A 1 40 ? 3.790   -12.005 12.757  1.00 6.68  ? 40  CYS A CB  1 
ATOM   291  S SG  . CYS A 1 40 ? 2.156   -11.253 12.607  1.00 7.19  ? 40  CYS A SG  1 
ATOM   292  N N   . PRO A 1 41 ? 3.146   -12.467 9.470   1.00 6.33  ? 41  PRO A N   1 
ATOM   293  C CA  . PRO A 1 41 ? 3.173   -11.841 8.149   1.00 5.96  ? 41  PRO A CA  1 
ATOM   294  C C   . PRO A 1 41 ? 2.948   -10.343 8.254   1.00 6.20  ? 41  PRO A C   1 
ATOM   295  O O   . PRO A 1 41 ? 1.795   -9.926  8.328   1.00 8.46  ? 41  PRO A O   1 
ATOM   296  C CB  . PRO A 1 41 ? 1.975   -12.484 7.431   1.00 4.98  ? 41  PRO A CB  1 
ATOM   297  C CG  . PRO A 1 41 ? 1.712   -13.746 8.197   1.00 6.40  ? 41  PRO A CG  1 
ATOM   298  C CD  . PRO A 1 41 ? 1.926   -13.295 9.630   1.00 7.19  ? 41  PRO A CD  1 
ATOM   299  N N   . LEU A 1 42 ? 4.023   -9.568  8.267   1.00 6.16  ? 42  LEU A N   1 
ATOM   300  C CA  . LEU A 1 42 ? 3.914   -8.112  8.536   1.00 5.71  ? 42  LEU A CA  1 
ATOM   301  C C   . LEU A 1 42 ? 4.347   -7.258  7.358   1.00 5.82  ? 42  LEU A C   1 
ATOM   302  O O   . LEU A 1 42 ? 4.183   -6.068  7.385   1.00 7.14  ? 42  LEU A O   1 
ATOM   303  C CB  . LEU A 1 42 ? 4.757   -7.749  9.804   1.00 5.25  ? 42  LEU A CB  1 
ATOM   304  C CG  . LEU A 1 42 ? 4.270   -8.430  11.109  1.00 3.34  ? 42  LEU A CG  1 
ATOM   305  C CD1 . LEU A 1 42 ? 5.294   -8.135  12.224  1.00 5.99  ? 42  LEU A CD1 1 
ATOM   306  C CD2 . LEU A 1 42 ? 2.917   -7.880  11.554  1.00 5.94  ? 42  LEU A CD2 1 
ATOM   307  N N   . SER A 1 43 ? 4.945   -7.867  6.344   1.00 6.38  ? 43  SER A N   1 
ATOM   308  C CA  . SER A 1 43 ? 5.535   -7.120  5.235   1.00 5.02  ? 43  SER A CA  1 
ATOM   309  C C   . SER A 1 43 ? 4.563   -7.008  4.082   1.00 6.56  ? 43  SER A C   1 
ATOM   310  O O   . SER A 1 43 ? 4.033   -8.005  3.645   1.00 6.84  ? 43  SER A O   1 
ATOM   311  C CB  . SER A 1 43 ? 6.830   -7.862  4.729   1.00 6.14  ? 43  SER A CB  1 
ATOM   312  O OG  . SER A 1 43 ? 7.838   -7.808  5.758   1.00 9.75  ? 43  SER A OG  1 
ATOM   313  N N   . VAL A 1 44 ? 4.380   -5.797  3.548   1.00 6.37  ? 44  VAL A N   1 
ATOM   314  C CA  . VAL A 1 44 ? 3.496   -5.597  2.372   1.00 6.10  ? 44  VAL A CA  1 
ATOM   315  C C   . VAL A 1 44 ? 4.227   -6.117  1.108   1.00 6.86  ? 44  VAL A C   1 
ATOM   316  O O   . VAL A 1 44 ? 5.372   -5.721  0.800   1.00 7.75  ? 44  VAL A O   1 
ATOM   317  C CB  . VAL A 1 44 ? 3.095   -4.131  2.250   1.00 5.65  ? 44  VAL A CB  1 
ATOM   318  C CG1 . VAL A 1 44 ? 2.339   -3.814  0.947   1.00 6.92  ? 44  VAL A CG1 1 
ATOM   319  C CG2 . VAL A 1 44 ? 2.189   -3.747  3.436   1.00 5.76  ? 44  VAL A CG2 1 
ATOM   320  N N   . VAL A 1 45 ? 3.555   -7.015  0.398   1.00 5.60  ? 45  VAL A N   1 
ATOM   321  C CA  . VAL A 1 45 ? 4.137   -7.586  -0.825  1.00 6.20  ? 45  VAL A CA  1 
ATOM   322  C C   . VAL A 1 45 ? 3.035   -7.732  -1.853  1.00 5.52  ? 45  VAL A C   1 
ATOM   323  O O   . VAL A 1 45 ? 1.840   -7.823  -1.517  1.00 6.81  ? 45  VAL A O   1 
ATOM   324  C CB  . VAL A 1 45 ? 4.825   -9.006  -0.582  1.00 6.44  ? 45  VAL A CB  1 
ATOM   325  C CG1 . VAL A 1 45 ? 5.852   -9.001  0.514   1.00 5.95  ? 45  VAL A CG1 1 
ATOM   326  C CG2 . VAL A 1 45 ? 3.765   -10.053 -0.255  1.00 6.91  ? 45  VAL A CG2 1 
ATOM   327  N N   . GLN A 1 46 ? 3.398   -7.839  -3.124  1.00 7.19  ? 46  GLN A N   1 
ATOM   328  C CA  . GLN A 1 46 ? 2.353   -8.285  -4.007  1.00 8.22  ? 46  GLN A CA  1 
ATOM   329  C C   . GLN A 1 46 ? 2.168   -9.801  -3.946  1.00 8.08  ? 46  GLN A C   1 
ATOM   330  O O   . GLN A 1 46 ? 3.111   -10.565 -3.723  1.00 6.73  ? 46  GLN A O   1 
ATOM   331  C CB  . GLN A 1 46 ? 2.446   -7.626  -5.399  1.00 9.10  ? 46  GLN A CB  1 
ATOM   332  C CG  . GLN A 1 46 ? 3.328   -8.055  -6.272  1.00 12.08 ? 46  GLN A CG  1 
ATOM   333  C CD  . GLN A 1 46 ? 3.328   -7.140  -7.522  1.00 10.44 ? 46  GLN A CD  1 
ATOM   334  O OE1 . GLN A 1 46 ? 2.360   -7.124  -8.294  1.00 10.86 ? 46  GLN A OE1 1 
ATOM   335  N NE2 . GLN A 1 46 ? 4.439   -6.493  -7.761  1.00 2.00  ? 46  GLN A NE2 1 
ATOM   336  N N   . SER A 1 47 ? 0.940   -10.238 -4.118  1.00 8.87  ? 47  SER A N   1 
ATOM   337  C CA  . SER A 1 47 ? 0.700   -11.661 -4.123  1.00 10.16 ? 47  SER A CA  1 
ATOM   338  C C   . SER A 1 47 ? 1.548   -12.346 -5.239  1.00 11.37 ? 47  SER A C   1 
ATOM   339  O O   . SER A 1 47 ? 1.703   -11.796 -6.349  1.00 9.23  ? 47  SER A O   1 
ATOM   340  C CB  . SER A 1 47 ? -0.792  -11.923 -4.315  1.00 11.31 ? 47  SER A CB  1 
ATOM   341  O OG  . SER A 1 47 ? -0.994  -13.294 -4.587  1.00 13.34 ? 47  SER A OG  1 
ATOM   342  N N   . PRO A 1 48 ? 2.106   -13.522 -4.924  1.00 12.74 ? 48  PRO A N   1 
ATOM   343  C CA  . PRO A 1 48 ? 2.877   -14.304 -5.904  1.00 13.61 ? 48  PRO A CA  1 
ATOM   344  C C   . PRO A 1 48 ? 2.011   -14.632 -7.114  1.00 13.04 ? 48  PRO A C   1 
ATOM   345  O O   . PRO A 1 48 ? 2.542   -14.685 -8.223  1.00 12.96 ? 48  PRO A O   1 
ATOM   346  C CB  . PRO A 1 48 ? 3.232   -15.584 -5.135  1.00 14.30 ? 48  PRO A CB  1 
ATOM   347  C CG  . PRO A 1 48 ? 3.171   -15.167 -3.699  1.00 15.00 ? 48  PRO A CG  1 
ATOM   348  C CD  . PRO A 1 48 ? 2.039   -14.197 -3.610  1.00 13.61 ? 48  PRO A CD  1 
ATOM   349  N N   . SER A 1 49 ? 0.708   -14.827 -6.914  1.00 11.79 ? 49  SER A N   1 
ATOM   350  C CA  . SER A 1 49 ? -0.182  -15.182 -8.011  1.00 11.56 ? 49  SER A CA  1 
ATOM   351  C C   . SER A 1 49 ? -0.787  -13.974 -8.683  1.00 10.86 ? 49  SER A C   1 
ATOM   352  O O   . SER A 1 49 ? -1.433  -13.146 -8.015  1.00 9.08  ? 49  SER A O   1 
ATOM   353  C CB  . SER A 1 49 ? -1.345  -16.034 -7.494  1.00 12.87 ? 49  SER A CB  1 
ATOM   354  O OG  . SER A 1 49 ? -2.323  -16.133 -8.523  1.00 15.43 ? 49  SER A OG  1 
ATOM   355  N N   . GLU A 1 50 ? -0.630  -13.899 -10.007 1.00 10.03 ? 50  GLU A N   1 
ATOM   356  C CA  . GLU A 1 50 ? -1.187  -12.811 -10.803 1.00 11.03 ? 50  GLU A CA  1 
ATOM   357  C C   . GLU A 1 50 ? -2.707  -12.729 -10.694 1.00 11.88 ? 50  GLU A C   1 
ATOM   358  O O   . GLU A 1 50 ? -3.292  -11.673 -10.973 1.00 11.24 ? 50  GLU A O   1 
ATOM   359  C CB  . GLU A 1 50 ? -0.846  -12.994 -12.279 1.00 11.82 ? 50  GLU A CB  1 
ATOM   360  C CG  . GLU A 1 50 ? 0.550   -12.546 -12.676 1.00 12.94 ? 50  GLU A CG  1 
ATOM   361  C CD  . GLU A 1 50 ? 1.626   -13.487 -12.189 1.00 16.22 ? 50  GLU A CD  1 
ATOM   362  O OE1 . GLU A 1 50 ? 2.782   -13.018 -12.040 1.00 18.01 ? 50  GLU A OE1 1 
ATOM   363  O OE2 . GLU A 1 50 ? 1.335   -14.680 -11.930 1.00 15.56 ? 50  GLU A OE2 1 
ATOM   364  N N   . LEU A 1 51 ? -3.328  -13.844 -10.314 1.00 10.55 ? 51  LEU A N   1 
ATOM   365  C CA  . LEU A 1 51 ? -4.784  -13.904 -10.248 1.00 12.27 ? 51  LEU A CA  1 
ATOM   366  C C   . LEU A 1 51 ? -5.327  -13.204 -9.008  1.00 13.01 ? 51  LEU A C   1 
ATOM   367  O O   . LEU A 1 51 ? -6.496  -12.748 -8.983  1.00 13.48 ? 51  LEU A O   1 
ATOM   368  C CB  . LEU A 1 51 ? -5.235  -15.352 -10.265 1.00 11.27 ? 51  LEU A CB  1 
ATOM   369  C CG  . LEU A 1 51 ? -5.007  -16.133 -11.551 1.00 12.14 ? 51  LEU A CG  1 
ATOM   370  C CD1 . LEU A 1 51 ? -5.700  -17.463 -11.476 1.00 12.67 ? 51  LEU A CD1 1 
ATOM   371  C CD2 . LEU A 1 51 ? -5.504  -15.358 -12.756 1.00 9.95  ? 51  LEU A CD2 1 
ATOM   372  N N   . SER A 1 52 ? -4.482  -13.110 -7.980  1.00 12.04 ? 52  SER A N   1 
ATOM   373  C CA  . SER A 1 52 ? -4.951  -12.655 -6.679  1.00 12.17 ? 52  SER A CA  1 
ATOM   374  C C   . SER A 1 52 ? -5.127  -11.139 -6.572  1.00 12.46 ? 52  SER A C   1 
ATOM   375  O O   . SER A 1 52 ? -4.268  -10.336 -6.988  1.00 11.56 ? 52  SER A O   1 
ATOM   376  C CB  . SER A 1 52 ? -4.037  -13.161 -5.568  1.00 13.18 ? 52  SER A CB  1 
ATOM   377  O OG  . SER A 1 52 ? -4.447  -12.630 -4.320  1.00 13.27 ? 52  SER A OG  1 
ATOM   378  N N   . ASN A 1 53 ? -6.253  -10.746 -5.999  1.00 11.24 ? 53  ASN A N   1 
ATOM   379  C CA  . ASN A 1 53 ? -6.446  -9.339  -5.664  1.00 11.17 ? 53  ASN A CA  1 
ATOM   380  C C   . ASN A 1 53 ? -5.724  -8.922  -4.391  1.00 10.47 ? 53  ASN A C   1 
ATOM   381  O O   . ASN A 1 53 ? -5.695  -7.749  -4.109  1.00 10.36 ? 53  ASN A O   1 
ATOM   382  C CB  . ASN A 1 53 ? -7.912  -9.019  -5.508  1.00 11.90 ? 53  ASN A CB  1 
ATOM   383  C CG  . ASN A 1 53 ? -8.658  -9.088  -6.807  1.00 14.84 ? 53  ASN A CG  1 
ATOM   384  O OD1 . ASN A 1 53 ? -8.260  -8.507  -7.823  1.00 17.92 ? 53  ASN A OD1 1 
ATOM   385  N ND2 . ASN A 1 53 ? -9.756  -9.819  -6.791  1.00 20.84 ? 53  ASN A ND2 1 
ATOM   386  N N   . GLY A 1 54 ? -5.165  -9.880  -3.638  1.00 9.67  ? 54  GLY A N   1 
ATOM   387  C CA  . GLY A 1 54 ? -4.482  -9.586  -2.380  1.00 9.65  ? 54  GLY A CA  1 
ATOM   388  C C   . GLY A 1 54 ? -5.468  -9.269  -1.258  1.00 8.56  ? 54  GLY A C   1 
ATOM   389  O O   . GLY A 1 54 ? -6.580  -9.827  -1.235  1.00 9.98  ? 54  GLY A O   1 
ATOM   390  N N   . LEU A 1 55 ? -5.099  -8.401  -0.310  1.00 8.08  ? 55  LEU A N   1 
ATOM   391  C CA  . LEU A 1 55 ? -6.001  -8.090  0.819   1.00 6.22  ? 55  LEU A CA  1 
ATOM   392  C C   . LEU A 1 55 ? -6.673  -6.716  0.652   1.00 8.54  ? 55  LEU A C   1 
ATOM   393  O O   . LEU A 1 55 ? -6.026  -5.793  0.154   1.00 8.27  ? 55  LEU A O   1 
ATOM   394  C CB  . LEU A 1 55 ? -5.195  -8.067  2.133   1.00 7.13  ? 55  LEU A CB  1 
ATOM   395  C CG  . LEU A 1 55 ? -4.517  -9.414  2.485   1.00 4.46  ? 55  LEU A CG  1 
ATOM   396  C CD1 . LEU A 1 55 ? -3.543  -9.116  3.583   1.00 6.34  ? 55  LEU A CD1 1 
ATOM   397  C CD2 . LEU A 1 55 ? -5.578  -10.402 2.892   1.00 9.07  ? 55  LEU A CD2 1 
ATOM   398  N N   . PRO A 1 56 ? -7.905  -6.549  1.152   1.00 7.83  ? 56  PRO A N   1 
ATOM   399  C CA  . PRO A 1 56 ? -8.622  -5.286  1.018   1.00 8.17  ? 56  PRO A CA  1 
ATOM   400  C C   . PRO A 1 56 ? -8.014  -4.196  1.940   1.00 7.37  ? 56  PRO A C   1 
ATOM   401  O O   . PRO A 1 56 ? -7.525  -4.529  3.027   1.00 6.83  ? 56  PRO A O   1 
ATOM   402  C CB  . PRO A 1 56 ? -10.048 -5.651  1.467   1.00 9.18  ? 56  PRO A CB  1 
ATOM   403  C CG  . PRO A 1 56 ? -9.830  -6.834  2.438   1.00 9.57  ? 56  PRO A CG  1 
ATOM   404  C CD  . PRO A 1 56 ? -8.660  -7.561  1.928   1.00 9.26  ? 56  PRO A CD  1 
ATOM   405  N N   . VAL A 1 57 ? -8.013  -2.933  1.504   1.00 6.44  ? 57  VAL A N   1 
ATOM   406  C CA  . VAL A 1 57 ? -7.582  -1.850  2.411   1.00 5.31  ? 57  VAL A CA  1 
ATOM   407  C C   . VAL A 1 57 ? -8.679  -0.806  2.525   1.00 6.34  ? 57  VAL A C   1 
ATOM   408  O O   . VAL A 1 57 ? -9.569  -0.733  1.652   1.00 6.66  ? 57  VAL A O   1 
ATOM   409  C CB  . VAL A 1 57 ? -6.327  -1.133  1.915   1.00 4.18  ? 57  VAL A CB  1 
ATOM   410  C CG1 . VAL A 1 57 ? -5.199  -2.146  1.640   1.00 5.70  ? 57  VAL A CG1 1 
ATOM   411  C CG2 . VAL A 1 57 ? -6.597  -0.295  0.600   1.00 7.36  ? 57  VAL A CG2 1 
ATOM   412  N N   . ARG A 1 58 ? -8.614  -0.025  3.595   1.00 6.76  ? 58  ARG A N   1 
ATOM   413  C CA  . ARG A 1 58 ? -9.467  1.135   3.807   1.00 8.78  ? 58  ARG A CA  1 
ATOM   414  C C   . ARG A 1 58 ? -8.547  2.338   3.853   1.00 9.21  ? 58  ARG A C   1 
ATOM   415  O O   . ARG A 1 58 ? -7.533  2.290   4.533   1.00 9.50  ? 58  ARG A O   1 
ATOM   416  C CB  . ARG A 1 58 ? -10.183 1.004   5.139   1.00 8.97  ? 58  ARG A CB  1 
ATOM   417  C CG  . ARG A 1 58 ? -11.216 2.091   5.405   1.00 13.08 ? 58  ARG A CG  1 
ATOM   418  C CD  . ARG A 1 58 ? -12.262 1.747   6.498   1.00 12.70 ? 58  ARG A CD  1 
ATOM   419  N NE  . ARG A 1 58 ? -13.306 0.850   5.999   1.00 14.39 ? 58  ARG A NE  1 
ATOM   420  C CZ  . ARG A 1 58 ? -13.709 -0.263  6.612   1.00 18.61 ? 58  ARG A CZ  1 
ATOM   421  N NH1 . ARG A 1 58 ? -13.162 -0.644  7.769   1.00 20.14 ? 58  ARG A NH1 1 
ATOM   422  N NH2 . ARG A 1 58 ? -14.661 -1.000  6.062   1.00 21.12 ? 58  ARG A NH2 1 
ATOM   423  N N   . PHE A 1 59 ? -8.889  3.392   3.129   1.00 8.81  ? 59  PHE A N   1 
ATOM   424  C CA  . PHE A 1 59 ? -8.081  4.630   3.152   1.00 9.48  ? 59  PHE A CA  1 
ATOM   425  C C   . PHE A 1 59 ? -8.576  5.522   4.291   1.00 10.05 ? 59  PHE A C   1 
ATOM   426  O O   . PHE A 1 59 ? -9.771  5.599   4.564   1.00 9.16  ? 59  PHE A O   1 
ATOM   427  C CB  . PHE A 1 59 ? -8.121  5.372   1.795   1.00 9.23  ? 59  PHE A CB  1 
ATOM   428  C CG  . PHE A 1 59 ? -7.527  4.576   0.678   1.00 10.22 ? 59  PHE A CG  1 
ATOM   429  C CD1 . PHE A 1 59 ? -6.154  4.394   0.613   1.00 10.29 ? 59  PHE A CD1 1 
ATOM   430  C CD2 . PHE A 1 59 ? -8.343  3.928   -0.260  1.00 12.38 ? 59  PHE A CD2 1 
ATOM   431  C CE1 . PHE A 1 59 ? -5.567  3.616   -0.395  1.00 8.17  ? 59  PHE A CE1 1 
ATOM   432  C CE2 . PHE A 1 59 ? -7.773  3.154   -1.249  1.00 10.33 ? 59  PHE A CE2 1 
ATOM   433  C CZ  . PHE A 1 59 ? -6.384  3.003   -1.335  1.00 7.64  ? 59  PHE A CZ  1 
ATOM   434  N N   . LYS A 1 60 ? -7.630  6.162   4.975   1.00 9.97  ? 60  LYS A N   1 
ATOM   435  C CA  . LYS A 1 60 ? -7.961  6.966   6.138   1.00 12.20 ? 60  LYS A CA  1 
ATOM   436  C C   . LYS A 1 60 ? -7.282  8.323   6.000   1.00 12.63 ? 60  LYS A C   1 
ATOM   437  O O   . LYS A 1 60 ? -6.094  8.454   6.256   1.00 13.01 ? 60  LYS A O   1 
ATOM   438  C CB  . LYS A 1 60 ? -7.459  6.267   7.393   1.00 12.25 ? 60  LYS A CB  1 
ATOM   439  C CG  . LYS A 1 60 ? -7.992  4.878   7.592   1.00 16.80 ? 60  LYS A CG  1 
ATOM   440  C CD  . LYS A 1 60 ? -9.150  4.933   8.516   1.00 19.57 ? 60  LYS A CD  1 
ATOM   441  C CE  . LYS A 1 60 ? -9.204  3.681   9.335   1.00 24.85 ? 60  LYS A CE  1 
ATOM   442  N NZ  . LYS A 1 60 ? -9.003  3.905   10.802  1.00 31.61 ? 60  LYS A NZ  1 
ATOM   443  N N   . ALA A 1 61 ? -8.027  9.332   5.577   1.00 13.09 ? 61  ALA A N   1 
ATOM   444  C CA  . ALA A 1 61 ? -7.457  10.659  5.379   1.00 13.77 ? 61  ALA A CA  1 
ATOM   445  C C   . ALA A 1 61 ? -8.134  11.561  6.416   1.00 15.59 ? 61  ALA A C   1 
ATOM   446  O O   . ALA A 1 61 ? -9.345  11.457  6.617   1.00 15.84 ? 61  ALA A O   1 
ATOM   447  C CB  . ALA A 1 61 ? -7.746  11.152  3.982   1.00 12.26 ? 61  ALA A CB  1 
ATOM   448  N N   . SER A 1 62 ? -7.362  12.447  7.042   1.00 17.72 ? 62  SER A N   1 
ATOM   449  C CA  . SER A 1 62 ? -7.863  13.204  8.189   1.00 20.99 ? 62  SER A CA  1 
ATOM   450  C C   . SER A 1 62 ? -8.913  14.236  7.848   1.00 22.50 ? 62  SER A C   1 
ATOM   451  O O   . SER A 1 62 ? -9.910  14.367  8.589   1.00 23.67 ? 62  SER A O   1 
ATOM   452  C CB  . SER A 1 62 ? -6.739  13.810  9.033   1.00 21.14 ? 62  SER A CB  1 
ATOM   453  O OG  . SER A 1 62 ? -6.692  13.105  10.268  1.00 24.23 ? 62  SER A OG  1 
ATOM   454  N N   . PRO A 1 63 ? -8.728  14.986  6.760   1.00 23.19 ? 63  PRO A N   1 
ATOM   455  C CA  . PRO A 1 63 ? -9.788  15.912  6.349   1.00 23.66 ? 63  PRO A CA  1 
ATOM   456  C C   . PRO A 1 63 ? -11.158 15.190  6.376   1.00 24.27 ? 63  PRO A C   1 
ATOM   457  O O   . PRO A 1 63 ? -11.230 13.982  6.051   1.00 23.24 ? 63  PRO A O   1 
ATOM   458  C CB  . PRO A 1 63 ? -9.404  16.270  4.904   1.00 23.80 ? 63  PRO A CB  1 
ATOM   459  C CG  . PRO A 1 63 ? -7.898  16.103  4.837   1.00 23.83 ? 63  PRO A CG  1 
ATOM   460  C CD  . PRO A 1 63 ? -7.551  15.036  5.863   1.00 23.21 ? 63  PRO A CD  1 
ATOM   461  N N   . ARG A 1 64 ? -12.224 15.897  6.772   1.00 24.95 ? 64  ARG A N   1 
ATOM   462  C CA  . ARG A 1 64 ? -13.566 15.333  6.559   1.00 25.18 ? 64  ARG A CA  1 
ATOM   463  C C   . ARG A 1 64 ? -14.049 15.592  5.123   1.00 23.79 ? 64  ARG A C   1 
ATOM   464  O O   . ARG A 1 64 ? -14.731 16.592  4.802   1.00 23.87 ? 64  ARG A O   1 
ATOM   465  C CB  . ARG A 1 64 ? -14.603 15.723  7.630   1.00 26.56 ? 64  ARG A CB  1 
ATOM   466  C CG  . ARG A 1 64 ? -15.459 14.487  8.058   1.00 30.49 ? 64  ARG A CG  1 
ATOM   467  C CD  . ARG A 1 64 ? -14.725 13.096  7.870   1.00 34.50 ? 64  ARG A CD  1 
ATOM   468  N NE  . ARG A 1 64 ? -15.351 12.215  6.863   1.00 38.86 ? 64  ARG A NE  1 
ATOM   469  C CZ  . ARG A 1 64 ? -15.308 10.866  6.850   1.00 39.76 ? 64  ARG A CZ  1 
ATOM   470  N NH1 . ARG A 1 64 ? -14.668 10.183  7.796   1.00 39.74 ? 64  ARG A NH1 1 
ATOM   471  N NH2 . ARG A 1 64 ? -15.924 10.192  5.880   1.00 39.42 ? 64  ARG A NH2 1 
ATOM   472  N N   . SER A 1 65 ? -13.596 14.690  4.262   1.00 21.42 ? 65  SER A N   1 
ATOM   473  C CA  . SER A 1 65 ? -14.064 14.595  2.905   1.00 18.78 ? 65  SER A CA  1 
ATOM   474  C C   . SER A 1 65 ? -14.610 13.171  2.792   1.00 16.26 ? 65  SER A C   1 
ATOM   475  O O   . SER A 1 65 ? -14.123 12.245  3.466   1.00 14.61 ? 65  SER A O   1 
ATOM   476  C CB  . SER A 1 65 ? -12.917 14.831  1.932   1.00 19.22 ? 65  SER A CB  1 
ATOM   477  O OG  . SER A 1 65 ? -11.727 14.172  2.361   1.00 21.40 ? 65  SER A OG  1 
ATOM   478  N N   . LYS A 1 66 ? -15.638 13.020  1.968   1.00 13.72 ? 66  LYS A N   1 
ATOM   479  C CA  . LYS A 1 66 ? -16.251 11.724  1.787   1.00 11.73 ? 66  LYS A CA  1 
ATOM   480  C C   . LYS A 1 66 ? -15.364 10.865  0.887   1.00 10.24 ? 66  LYS A C   1 
ATOM   481  O O   . LYS A 1 66 ? -15.352 9.637   1.010   1.00 10.63 ? 66  LYS A O   1 
ATOM   482  C CB  . LYS A 1 66 ? -17.646 11.866  1.183   1.00 11.08 ? 66  LYS A CB  1 
ATOM   483  C CG  . LYS A 1 66 ? -18.702 12.387  2.181   1.00 12.15 ? 66  LYS A CG  1 
ATOM   484  C CD  . LYS A 1 66 ? -19.894 12.961  1.438   1.00 12.11 ? 66  LYS A CD  1 
ATOM   485  C CE  . LYS A 1 66 ? -20.706 11.839  0.803   1.00 13.80 ? 66  LYS A CE  1 
ATOM   486  N NZ  . LYS A 1 66 ? -21.861 11.285  1.641   1.00 13.85 ? 66  LYS A NZ  1 
ATOM   487  N N   . TYR A 1 67 ? -14.601 11.522  0.020   1.00 9.45  ? 67  TYR A N   1 
ATOM   488  C CA  . TYR A 1 67 ? -13.772 10.861  -1.003  1.00 8.44  ? 67  TYR A CA  1 
ATOM   489  C C   . TYR A 1 67 ? -12.318 11.402  -1.000  1.00 8.82  ? 67  TYR A C   1 
ATOM   490  O O   . TYR A 1 67 ? -12.086 12.598  -0.809  1.00 9.61  ? 67  TYR A O   1 
ATOM   491  C CB  . TYR A 1 67 ? -14.384 11.076  -2.399  1.00 8.47  ? 67  TYR A CB  1 
ATOM   492  C CG  . TYR A 1 67 ? -15.822 10.564  -2.578  1.00 7.20  ? 67  TYR A CG  1 
ATOM   493  C CD1 . TYR A 1 67 ? -16.062 9.211   -2.900  1.00 7.68  ? 67  TYR A CD1 1 
ATOM   494  C CD2 . TYR A 1 67 ? -16.913 11.404  -2.435  1.00 7.09  ? 67  TYR A CD2 1 
ATOM   495  C CE1 . TYR A 1 67 ? -17.345 8.741   -3.097  1.00 4.15  ? 67  TYR A CE1 1 
ATOM   496  C CE2 . TYR A 1 67 ? -18.215 10.929  -2.600  1.00 6.85  ? 67  TYR A CE2 1 
ATOM   497  C CZ  . TYR A 1 67 ? -18.413 9.583   -2.901  1.00 5.79  ? 67  TYR A CZ  1 
ATOM   498  O OH  . TYR A 1 67 ? -19.679 9.095   -3.080  1.00 6.19  ? 67  TYR A OH  1 
ATOM   499  N N   . ILE A 1 68 ? -11.345 10.525  -1.222  1.00 7.68  ? 68  ILE A N   1 
ATOM   500  C CA  . ILE A 1 68 ? -9.935  10.925  -1.246  1.00 7.49  ? 68  ILE A CA  1 
ATOM   501  C C   . ILE A 1 68 ? -9.551  11.501  -2.620  1.00 8.65  ? 68  ILE A C   1 
ATOM   502  O O   . ILE A 1 68 ? -10.293 11.327  -3.602  1.00 10.23 ? 68  ILE A O   1 
ATOM   503  C CB  . ILE A 1 68 ? -9.007  9.735   -0.868  1.00 7.24  ? 68  ILE A CB  1 
ATOM   504  C CG1 . ILE A 1 68 ? -9.153  8.575   -1.839  1.00 9.15  ? 68  ILE A CG1 1 
ATOM   505  C CG2 . ILE A 1 68 ? -9.185  9.328   0.666   1.00 8.25  ? 68  ILE A CG2 1 
ATOM   506  C CD1 . ILE A 1 68 ? -7.973  7.563   -1.651  1.00 10.24 ? 68  ILE A CD1 1 
ATOM   507  N N   . SER A 1 69 ? -8.435  12.215  -2.690  1.00 8.04  ? 69  SER A N   1 
ATOM   508  C CA  . SER A 1 69 ? -7.973  12.751  -3.967  1.00 8.35  ? 69  SER A CA  1 
ATOM   509  C C   . SER A 1 69 ? -6.471  12.464  -4.055  1.00 7.86  ? 69  SER A C   1 
ATOM   510  O O   . SER A 1 69 ? -5.855  12.072  -3.073  1.00 6.35  ? 69  SER A O   1 
ATOM   511  C CB  . SER A 1 69 ? -8.257  14.248  -4.077  1.00 9.72  ? 69  SER A CB  1 
ATOM   512  O OG  . SER A 1 69 ? -7.510  14.956  -3.103  1.00 13.21 ? 69  SER A OG  1 
ATOM   513  N N   . VAL A 1 70 ? -5.880  12.674  -5.223  1.00 7.65  ? 70  VAL A N   1 
ATOM   514  C CA  . VAL A 1 70 ? -4.420  12.606  -5.345  1.00 7.70  ? 70  VAL A CA  1 
ATOM   515  C C   . VAL A 1 70 ? -3.783  13.711  -4.536  1.00 8.33  ? 70  VAL A C   1 
ATOM   516  O O   . VAL A 1 70 ? -4.398  14.759  -4.303  1.00 8.69  ? 70  VAL A O   1 
ATOM   517  C CB  . VAL A 1 70 ? -3.957  12.748  -6.800  1.00 7.94  ? 70  VAL A CB  1 
ATOM   518  C CG1 . VAL A 1 70 ? -4.489  11.597  -7.619  1.00 10.32 ? 70  VAL A CG1 1 
ATOM   519  C CG2 . VAL A 1 70 ? -4.428  14.037  -7.363  1.00 5.33  ? 70  VAL A CG2 1 
ATOM   520  N N   . GLY A 1 71 ? -2.562  13.456  -4.083  1.00 8.56  ? 71  GLY A N   1 
ATOM   521  C CA  . GLY A 1 71 ? -1.792  14.410  -3.328  1.00 8.87  ? 71  GLY A CA  1 
ATOM   522  C C   . GLY A 1 71 ? -2.255  14.608  -1.894  1.00 10.00 ? 71  GLY A C   1 
ATOM   523  O O   . GLY A 1 71 ? -1.782  15.538  -1.246  1.00 11.13 ? 71  GLY A O   1 
ATOM   524  N N   . MET A 1 72 ? -3.192  13.797  -1.418  1.00 7.64  ? 72  MET A N   1 
ATOM   525  C CA  . MET A 1 72 ? -3.754  13.980  -0.086  1.00 7.93  ? 72  MET A CA  1 
ATOM   526  C C   . MET A 1 72 ? -3.070  12.957  0.819   1.00 6.89  ? 72  MET A C   1 
ATOM   527  O O   . MET A 1 72 ? -3.086  11.765  0.498   1.00 5.51  ? 72  MET A O   1 
ATOM   528  C CB  . MET A 1 72 ? -5.252  13.691  -0.128  1.00 8.35  ? 72  MET A CB  1 
ATOM   529  C CG  . MET A 1 72 ? -5.963  13.770  1.206   1.00 10.10 ? 72  MET A CG  1 
ATOM   530  S SD  . MET A 1 72 ? -7.757  13.355  0.981   1.00 14.35 ? 72  MET A SD  1 
ATOM   531  C CE  . MET A 1 72 ? -8.332  14.983  0.424   1.00 12.53 ? 72  MET A CE  1 
ATOM   532  N N   . LEU A 1 73 ? -2.494  13.411  1.933   1.00 6.65  ? 73  LEU A N   1 
ATOM   533  C CA  . LEU A 1 73 ? -1.897  12.447  2.880   1.00 6.75  ? 73  LEU A CA  1 
ATOM   534  C C   . LEU A 1 73 ? -2.986  11.579  3.517   1.00 6.47  ? 73  LEU A C   1 
ATOM   535  O O   . LEU A 1 73 ? -4.094  12.040  3.860   1.00 5.65  ? 73  LEU A O   1 
ATOM   536  C CB  . LEU A 1 73 ? -1.043  13.136  3.967   1.00 7.33  ? 73  LEU A CB  1 
ATOM   537  C CG  . LEU A 1 73 ? 0.247   13.488  3.225   1.00 10.32 ? 73  LEU A CG  1 
ATOM   538  C CD1 . LEU A 1 73 ? 0.781   14.722  3.664   1.00 6.09  ? 73  LEU A CD1 1 
ATOM   539  C CD2 . LEU A 1 73 ? 1.276   12.406  3.269   1.00 8.01  ? 73  LEU A CD2 1 
ATOM   540  N N   . LEU A 1 74 ? -2.680  10.296  3.637   1.00 6.38  ? 74  LEU A N   1 
ATOM   541  C CA  . LEU A 1 74 ? -3.607  9.372   4.227   1.00 7.75  ? 74  LEU A CA  1 
ATOM   542  C C   . LEU A 1 74 ? -2.875  8.200   4.843   1.00 7.69  ? 74  LEU A C   1 
ATOM   543  O O   . LEU A 1 74 ? -1.693  7.985   4.548   1.00 7.38  ? 74  LEU A O   1 
ATOM   544  C CB  . LEU A 1 74 ? -4.535  8.861   3.157   1.00 6.31  ? 74  LEU A CB  1 
ATOM   545  C CG  . LEU A 1 74 ? -3.969  8.505   1.775   1.00 10.75 ? 74  LEU A CG  1 
ATOM   546  C CD1 . LEU A 1 74 ? -3.495  7.081   1.834   1.00 8.68  ? 74  LEU A CD1 1 
ATOM   547  C CD2 . LEU A 1 74 ? -5.104  8.653   0.858   1.00 10.23 ? 74  LEU A CD2 1 
ATOM   548  N N   . GLY A 1 75 ? -3.590  7.463   5.687   1.00 7.24  ? 75  GLY A N   1 
ATOM   549  C CA  . GLY A 1 75 ? -3.157  6.143   6.130   1.00 7.80  ? 75  GLY A CA  1 
ATOM   550  C C   . GLY A 1 75 ? -3.839  5.059   5.320   1.00 7.19  ? 75  GLY A C   1 
ATOM   551  O O   . GLY A 1 75 ? -4.860  5.330   4.643   1.00 6.73  ? 75  GLY A O   1 
ATOM   552  N N   . ILE A 1 76 ? -3.289  3.838   5.376   1.00 5.10  ? 76  ILE A N   1 
ATOM   553  C CA  . ILE A 1 76 ? -3.827  2.719   4.630   1.00 5.79  ? 76  ILE A CA  1 
ATOM   554  C C   . ILE A 1 76 ? -4.003  1.613   5.645   1.00 6.36  ? 76  ILE A C   1 
ATOM   555  O O   . ILE A 1 76 ? -3.019  1.224   6.294   1.00 5.81  ? 76  ILE A O   1 
ATOM   556  C CB  . ILE A 1 76 ? -2.859  2.265   3.489   1.00 7.45  ? 76  ILE A CB  1 
ATOM   557  C CG1 . ILE A 1 76 ? -2.610  3.404   2.495   1.00 8.46  ? 76  ILE A CG1 1 
ATOM   558  C CG2 . ILE A 1 76 ? -3.360  0.894   2.848   1.00 7.93  ? 76  ILE A CG2 1 
ATOM   559  C CD1 . ILE A 1 76 ? -2.291  2.945   1.131   1.00 20.79 ? 76  ILE A CD1 1 
ATOM   560  N N   . GLU A 1 77 ? -5.241  1.183   5.882   1.00 6.19  ? 77  GLU A N   1 
ATOM   561  C CA  . GLU A 1 77 ? -5.472  0.130   6.873   1.00 6.34  ? 77  GLU A CA  1 
ATOM   562  C C   . GLU A 1 77 ? -5.741  -1.147  6.107   1.00 6.67  ? 77  GLU A C   1 
ATOM   563  O O   . GLU A 1 77 ? -6.636  -1.166  5.237   1.00 7.18  ? 77  GLU A O   1 
ATOM   564  C CB  . GLU A 1 77 ? -6.702  0.422   7.699   1.00 6.18  ? 77  GLU A CB  1 
ATOM   565  C CG  . GLU A 1 77 ? -7.035  -0.700  8.690   1.00 8.61  ? 77  GLU A CG  1 
ATOM   566  C CD  . GLU A 1 77 ? -8.294  -0.445  9.494   1.00 13.38 ? 77  GLU A CD  1 
ATOM   567  O OE1 . GLU A 1 77 ? -8.892  0.661   9.422   1.00 14.03 ? 77  GLU A OE1 1 
ATOM   568  O OE2 . GLU A 1 77 ? -8.680  -1.379  10.225  1.00 14.37 ? 77  GLU A OE2 1 
ATOM   569  N N   . VAL A 1 78 ? -5.009  -2.205  6.423   1.00 6.93  ? 78  VAL A N   1 
ATOM   570  C CA  . VAL A 1 78 ? -5.250  -3.519  5.811   1.00 6.75  ? 78  VAL A CA  1 
ATOM   571  C C   . VAL A 1 78 ? -6.345  -4.174  6.635   1.00 6.90  ? 78  VAL A C   1 
ATOM   572  O O   . VAL A 1 78 ? -6.125  -4.562  7.801   1.00 7.00  ? 78  VAL A O   1 
ATOM   573  C CB  . VAL A 1 78 ? -3.957  -4.369  5.750   1.00 7.36  ? 78  VAL A CB  1 
ATOM   574  C CG1 . VAL A 1 78 ? -4.260  -5.672  4.956   1.00 6.29  ? 78  VAL A CG1 1 
ATOM   575  C CG2 . VAL A 1 78 ? -2.859  -3.532  4.979   1.00 6.83  ? 78  VAL A CG2 1 
ATOM   576  N N   . ILE A 1 79 ? -7.536  -4.274  6.029   1.00 6.39  ? 79  ILE A N   1 
ATOM   577  C CA  . ILE A 1 79 ? -8.790  -4.686  6.717   1.00 7.60  ? 79  ILE A CA  1 
ATOM   578  C C   . ILE A 1 79 ? -8.856  -6.141  7.134   1.00 7.47  ? 79  ILE A C   1 
ATOM   579  O O   . ILE A 1 79 ? -9.542  -6.492  8.097   1.00 8.34  ? 79  ILE A O   1 
ATOM   580  C CB  . ILE A 1 79 ? -10.015 -4.399  5.788   1.00 7.71  ? 79  ILE A CB  1 
ATOM   581  C CG1 . ILE A 1 79 ? -10.234 -2.909  5.685   1.00 14.04 ? 79  ILE A CG1 1 
ATOM   582  C CG2 . ILE A 1 79 ? -11.310 -4.984  6.431   1.00 13.33 ? 79  ILE A CG2 1 
ATOM   583  C CD1 . ILE A 1 79 ? -9.992  -2.121  6.901   1.00 14.97 ? 79  ILE A CD1 1 
ATOM   584  N N   . GLU A 1 80 ? -8.212  -7.011  6.367   1.00 5.90  ? 80  GLU A N   1 
ATOM   585  C CA  . GLU A 1 80 ? -8.106  -8.399  6.769   1.00 7.43  ? 80  GLU A CA  1 
ATOM   586  C C   . GLU A 1 80 ? -6.625  -8.619  6.943   1.00 7.25  ? 80  GLU A C   1 
ATOM   587  O O   . GLU A 1 80 ? -5.865  -8.406  5.992   1.00 7.30  ? 80  GLU A O   1 
ATOM   588  C CB  . GLU A 1 80 ? -8.621  -9.294  5.665   1.00 6.66  ? 80  GLU A CB  1 
ATOM   589  C CG  . GLU A 1 80 ? -10.065 -9.032  5.330   1.00 10.13 ? 80  GLU A CG  1 
ATOM   590  C CD  . GLU A 1 80 ? -10.545 -9.789  4.112   1.00 12.07 ? 80  GLU A CD  1 
ATOM   591  O OE1 . GLU A 1 80 ? -9.729  -10.376 3.369   1.00 13.78 ? 80  GLU A OE1 1 
ATOM   592  O OE2 . GLU A 1 80 ? -11.761 -9.784  3.913   1.00 15.82 ? 80  GLU A OE2 1 
ATOM   593  N N   . SER A 1 81 ? -6.198  -9.010  8.151   1.00 6.58  ? 81  SER A N   1 
ATOM   594  C CA  . SER A 1 81 ? -4.779  -9.177  8.433   1.00 7.24  ? 81  SER A CA  1 
ATOM   595  C C   . SER A 1 81 ? -4.574  -10.280 9.483   1.00 7.19  ? 81  SER A C   1 
ATOM   596  O O   . SER A 1 81 ? -5.504  -10.611 10.233  1.00 6.98  ? 81  SER A O   1 
ATOM   597  C CB  . SER A 1 81 ? -4.155  -7.847  8.937   1.00 8.76  ? 81  SER A CB  1 
ATOM   598  O OG  . SER A 1 81 ? -4.788  -7.407  10.139  1.00 10.20 ? 81  SER A OG  1 
ATOM   599  N N   . PRO A 1 82 ? -3.356  -10.813 9.577   1.00 6.33  ? 82  PRO A N   1 
ATOM   600  C CA  . PRO A 1 82 ? -3.067  -11.911 10.487  1.00 6.86  ? 82  PRO A CA  1 
ATOM   601  C C   . PRO A 1 82 ? -3.427  -11.590 11.938  1.00 7.21  ? 82  PRO A C   1 
ATOM   602  O O   . PRO A 1 82 ? -3.302  -10.414 12.363  1.00 6.01  ? 82  PRO A O   1 
ATOM   603  C CB  . PRO A 1 82 ? -1.555  -12.088 10.327  1.00 6.37  ? 82  PRO A CB  1 
ATOM   604  C CG  . PRO A 1 82 ? -1.267  -11.641 8.947   1.00 8.33  ? 82  PRO A CG  1 
ATOM   605  C CD  . PRO A 1 82 ? -2.177  -10.431 8.778   1.00 7.67  ? 82  PRO A CD  1 
ATOM   606  N N   . GLU A 1 83 ? -3.916  -12.588 12.682  1.00 7.91  ? 83  GLU A N   1 
ATOM   607  C CA  . GLU A 1 83 ? -4.216  -12.387 14.113  1.00 9.92  ? 83  GLU A CA  1 
ATOM   608  C C   . GLU A 1 83 ? -2.995  -11.825 14.828  1.00 9.21  ? 83  GLU A C   1 
ATOM   609  O O   . GLU A 1 83 ? -3.145  -11.103 15.809  1.00 10.44 ? 83  GLU A O   1 
ATOM   610  C CB  . GLU A 1 83 ? -4.633  -13.674 14.844  1.00 9.94  ? 83  GLU A CB  1 
ATOM   611  C CG  . GLU A 1 83 ? -5.600  -13.434 16.018  1.00 12.84 ? 83  GLU A CG  1 
ATOM   612  C CD  . GLU A 1 83 ? -4.972  -13.536 17.402  1.00 16.90 ? 83  GLU A CD  1 
ATOM   613  O OE1 . GLU A 1 83 ? -3.737  -13.748 17.528  1.00 11.77 ? 83  GLU A OE1 1 
ATOM   614  O OE2 . GLU A 1 83 ? -5.742  -13.407 18.380  1.00 16.01 ? 83  GLU A OE2 1 
ATOM   615  N N   . CYS A 1 84 ? -1.801  -12.209 14.381  1.00 8.61  ? 84  CYS A N   1 
ATOM   616  C CA  . CYS A 1 84 ? -0.574  -11.782 15.077  1.00 7.57  ? 84  CYS A CA  1 
ATOM   617  C C   . CYS A 1 84 ? -0.187  -10.320 14.793  1.00 8.65  ? 84  CYS A C   1 
ATOM   618  O O   . CYS A 1 84 ? 0.676   -9.745  15.479  1.00 9.79  ? 84  CYS A O   1 
ATOM   619  C CB  . CYS A 1 84 ? 0.578   -12.734 14.758  1.00 8.70  ? 84  CYS A CB  1 
ATOM   620  S SG  . CYS A 1 84 ? 0.940   -12.799 12.990  1.00 8.62  ? 84  CYS A SG  1 
ATOM   621  N N   . ALA A 1 85 ? -0.805  -9.700  13.785  1.00 6.11  ? 85  ALA A N   1 
ATOM   622  C CA  . ALA A 1 85 ? -0.425  -8.333  13.424  1.00 5.74  ? 85  ALA A CA  1 
ATOM   623  C C   . ALA A 1 85 ? -1.067  -7.374  14.403  1.00 6.11  ? 85  ALA A C   1 
ATOM   624  O O   . ALA A 1 85 ? -2.126  -7.709  14.957  1.00 5.59  ? 85  ALA A O   1 
ATOM   625  C CB  . ALA A 1 85 ? -0.905  -8.031  11.981  1.00 4.98  ? 85  ALA A CB  1 
ATOM   626  N N   . PRO A 1 86 ? -0.488  -6.178  14.582  1.00 7.03  ? 86  PRO A N   1 
ATOM   627  C CA  . PRO A 1 86 ? -1.117  -5.125  15.407  1.00 7.15  ? 86  PRO A CA  1 
ATOM   628  C C   . PRO A 1 86 ? -2.394  -4.732  14.701  1.00 7.62  ? 86  PRO A C   1 
ATOM   629  O O   . PRO A 1 86 ? -2.466  -4.795  13.487  1.00 7.91  ? 86  PRO A O   1 
ATOM   630  C CB  . PRO A 1 86 ? -0.137  -3.936  15.311  1.00 7.57  ? 86  PRO A CB  1 
ATOM   631  C CG  . PRO A 1 86 ? 1.147   -4.481  14.787  1.00 7.66  ? 86  PRO A CG  1 
ATOM   632  C CD  . PRO A 1 86 ? 0.792   -5.732  14.011  1.00 6.71  ? 86  PRO A CD  1 
ATOM   633  N N   . LYS A 1 87 ? -3.413  -4.386  15.470  1.00 8.06  ? 87  LYS A N   1 
ATOM   634  C CA  . LYS A 1 87 ? -4.706  -4.055  14.893  1.00 8.44  ? 87  LYS A CA  1 
ATOM   635  C C   . LYS A 1 87 ? -5.118  -2.729  15.496  1.00 8.37  ? 87  LYS A C   1 
ATOM   636  O O   . LYS A 1 87 ? -5.026  -2.571  16.732  1.00 8.36  ? 87  LYS A O   1 
ATOM   637  C CB  . LYS A 1 87 ? -5.730  -5.094  15.362  1.00 8.60  ? 87  LYS A CB  1 
ATOM   638  C CG  . LYS A 1 87 ? -6.282  -5.942  14.269  1.00 16.29 ? 87  LYS A CG  1 
ATOM   639  C CD  . LYS A 1 87 ? -5.277  -6.926  13.763  1.00 12.77 ? 87  LYS A CD  1 
ATOM   640  C CE  . LYS A 1 87 ? -5.789  -8.354  13.829  1.00 10.77 ? 87  LYS A CE  1 
ATOM   641  N NZ  . LYS A 1 87 ? -6.029  -8.908  12.445  1.00 12.26 ? 87  LYS A NZ  1 
ATOM   642  N N   . PRO A 1 88 ? -5.637  -1.796  14.688  1.00 9.17  ? 88  PRO A N   1 
ATOM   643  C CA  . PRO A 1 88 ? -5.758  -1.922  13.214  1.00 9.33  ? 88  PRO A CA  1 
ATOM   644  C C   . PRO A 1 88 ? -4.394  -1.961  12.540  1.00 9.03  ? 88  PRO A C   1 
ATOM   645  O O   . PRO A 1 88 ? -3.453  -1.356  13.037  1.00 8.39  ? 88  PRO A O   1 
ATOM   646  C CB  . PRO A 1 88 ? -6.426  -0.622  12.769  1.00 9.73  ? 88  PRO A CB  1 
ATOM   647  C CG  . PRO A 1 88 ? -6.358  0.294   13.965  1.00 12.35 ? 88  PRO A CG  1 
ATOM   648  C CD  . PRO A 1 88 ? -6.223  -0.563  15.209  1.00 8.95  ? 88  PRO A CD  1 
ATOM   649  N N   . SER A 1 89 ? -4.323  -2.690  11.444  1.00 7.99  ? 89  SER A N   1 
ATOM   650  C CA  . SER A 1 89 ? -3.053  -2.929  10.772  1.00 7.03  ? 89  SER A CA  1 
ATOM   651  C C   . SER A 1 89 ? -2.866  -1.804  9.791   1.00 6.83  ? 89  SER A C   1 
ATOM   652  O O   . SER A 1 89 ? -3.508  -1.785  8.726   1.00 8.53  ? 89  SER A O   1 
ATOM   653  C CB  . SER A 1 89 ? -3.079  -4.282  10.033  1.00 6.49  ? 89  SER A CB  1 
ATOM   654  O OG  . SER A 1 89 ? -3.407  -5.328  10.901  1.00 8.97  ? 89  SER A OG  1 
ATOM   655  N N   . MET A 1 90 ? -1.968  -0.878  10.130  1.00 6.49  ? 90  MET A N   1 
ATOM   656  C CA  . MET A 1 90 ? -1.752  0.322   9.302   1.00 6.69  ? 90  MET A CA  1 
ATOM   657  C C   . MET A 1 90 ? -0.395  0.221   8.614   1.00 6.00  ? 90  MET A C   1 
ATOM   658  O O   . MET A 1 90 ? 0.622   -0.106  9.247   1.00 7.04  ? 90  MET A O   1 
ATOM   659  C CB  . MET A 1 90 ? -1.752  1.592   10.180  1.00 6.13  ? 90  MET A CB  1 
ATOM   660  C CG  . MET A 1 90 ? -2.977  1.761   11.106  1.00 7.15  ? 90  MET A CG  1 
ATOM   661  S SD  . MET A 1 90 ? -4.471  1.907   10.124  1.00 8.71  ? 90  MET A SD  1 
ATOM   662  C CE  . MET A 1 90 ? -4.173  3.297   9.094   1.00 7.96  ? 90  MET A CE  1 
ATOM   663  N N   . TRP A 1 91 ? -0.351  0.543   7.324   1.00 4.29  ? 91  TRP A N   1 
ATOM   664  C CA  . TRP A 1 91 ? 0.957   0.656   6.676   1.00 4.76  ? 91  TRP A CA  1 
ATOM   665  C C   . TRP A 1 91 ? 1.844   1.738   7.348   1.00 4.70  ? 91  TRP A C   1 
ATOM   666  O O   . TRP A 1 91 ? 1.373   2.847   7.724   1.00 5.48  ? 91  TRP A O   1 
ATOM   667  C CB  . TRP A 1 91 ? 0.747   1.115   5.238   1.00 3.95  ? 91  TRP A CB  1 
ATOM   668  C CG  . TRP A 1 91 ? 0.272   0.137   4.257   1.00 6.28  ? 91  TRP A CG  1 
ATOM   669  C CD1 . TRP A 1 91 ? -0.293  -1.124  4.479   1.00 7.95  ? 91  TRP A CD1 1 
ATOM   670  C CD2 . TRP A 1 91 ? 0.264   0.329   2.826   1.00 5.31  ? 91  TRP A CD2 1 
ATOM   671  N NE1 . TRP A 1 91 ? -0.560  -1.729  3.260   1.00 8.56  ? 91  TRP A NE1 1 
ATOM   672  C CE2 . TRP A 1 91 ? -0.266  -0.851  2.239   1.00 5.52  ? 91  TRP A CE2 1 
ATOM   673  C CE3 . TRP A 1 91 ? 0.670   1.381   1.984   1.00 7.12  ? 91  TRP A CE3 1 
ATOM   674  C CZ2 . TRP A 1 91 ? -0.399  -1.020  0.841   1.00 4.86  ? 91  TRP A CZ2 1 
ATOM   675  C CZ3 . TRP A 1 91 ? 0.524   1.230   0.589   1.00 4.04  ? 91  TRP A CZ3 1 
ATOM   676  C CH2 . TRP A 1 91 ? 0.031   0.036   0.026   1.00 7.40  ? 91  TRP A CH2 1 
ATOM   677  N N   . SER A 1 92 ? 3.144   1.450   7.403   1.00 4.76  ? 92  SER A N   1 
ATOM   678  C CA  . SER A 1 92 ? 4.164   2.433   7.791   1.00 4.78  ? 92  SER A CA  1 
ATOM   679  C C   . SER A 1 92 ? 5.436   1.978   7.134   1.00 6.73  ? 92  SER A C   1 
ATOM   680  O O   . SER A 1 92 ? 5.450   0.897   6.522   1.00 7.42  ? 92  SER A O   1 
ATOM   681  C CB  . SER A 1 92 ? 4.375   2.478   9.319   1.00 5.46  ? 92  SER A CB  1 
ATOM   682  O OG  . SER A 1 92 ? 4.736   1.212   9.866   1.00 4.92  ? 92  SER A OG  1 
ATOM   683  N N   . VAL A 1 93 ? 6.498   2.785   7.271   1.00 6.38  ? 93  VAL A N   1 
ATOM   684  C CA  . VAL A 1 93 ? 7.788   2.418   6.666   1.00 7.94  ? 93  VAL A CA  1 
ATOM   685  C C   . VAL A 1 93 ? 8.802   1.983   7.747   1.00 10.52 ? 93  VAL A C   1 
ATOM   686  O O   . VAL A 1 93 ? 8.899   2.613   8.796   1.00 10.93 ? 93  VAL A O   1 
ATOM   687  C CB  . VAL A 1 93 ? 8.292   3.551   5.762   1.00 7.30  ? 93  VAL A CB  1 
ATOM   688  C CG1 . VAL A 1 93 ? 9.765   3.287   5.327   1.00 5.72  ? 93  VAL A CG1 1 
ATOM   689  C CG2 . VAL A 1 93 ? 7.351   3.670   4.555   1.00 8.01  ? 93  VAL A CG2 1 
ATOM   690  N N   . LYS A 1 94 ? 9.522   0.894   7.488   1.00 12.72 ? 94  LYS A N   1 
ATOM   691  C CA  . LYS A 1 94 ? 10.577  0.466   8.388   1.00 16.47 ? 94  LYS A CA  1 
ATOM   692  C C   . LYS A 1 94 ? 11.929  0.219   7.679   1.00 19.07 ? 94  LYS A C   1 
ATOM   693  O O   . LYS A 1 94 ? 11.956  -0.126  6.495   1.00 15.58 ? 94  LYS A O   1 
ATOM   694  C CB  . LYS A 1 94 ? 10.132  -0.770  9.140   1.00 17.93 ? 94  LYS A CB  1 
ATOM   695  C CG  . LYS A 1 94 ? 9.971   -1.988  8.274   1.00 20.79 ? 94  LYS A CG  1 
ATOM   696  C CD  . LYS A 1 94 ? 10.316  -3.235  9.113   1.00 29.02 ? 94  LYS A CD  1 
ATOM   697  C CE  . LYS A 1 94 ? 10.458  -4.449  8.215   1.00 33.40 ? 94  LYS A CE  1 
ATOM   698  N NZ  . LYS A 1 94 ? 11.805  -5.105  8.363   1.00 36.73 ? 94  LYS A NZ  1 
ATOM   699  N N   . SER A 1 95 ? 13.037  0.427   8.409   1.00 22.41 ? 95  SER A N   1 
ATOM   700  C CA  . SER A 1 95 ? 14.380  0.076   7.910   1.00 26.70 ? 95  SER A CA  1 
ATOM   701  C C   . SER A 1 95 ? 14.533  -1.446  7.860   1.00 28.76 ? 95  SER A C   1 
ATOM   702  O O   . SER A 1 95 ? 13.948  -2.161  8.696   1.00 29.80 ? 95  SER A O   1 
ATOM   703  C CB  . SER A 1 95 ? 15.461  0.653   8.813   1.00 26.94 ? 95  SER A CB  1 
ATOM   704  O OG  . SER A 1 95 ? 15.062  1.916   9.314   1.00 30.38 ? 95  SER A OG  1 
ATOM   705  N N   . GLY A 1 96 ? 15.331  -1.934  6.904   1.00 31.11 ? 96  GLY A N   1 
ATOM   706  C CA  . GLY A 1 96 ? 15.389  -3.363  6.587   1.00 32.29 ? 96  GLY A CA  1 
ATOM   707  C C   . GLY A 1 96 ? 14.108  -3.924  5.971   1.00 34.11 ? 96  GLY A C   1 
ATOM   708  O O   . GLY A 1 96 ? 13.264  -3.168  5.400   1.00 32.98 ? 96  GLY A O   1 
ATOM   709  O OXT . GLY A 1 96 ? 13.934  -5.167  6.041   1.00 34.86 ? 96  GLY A OXT 1 
ATOM   710  N N   . TRP B 2 1  ? 22.100  -4.011  5.203   1.00 10.63 ? 97  TRP B N   1 
ATOM   711  C CA  . TRP B 2 1  ? 21.078  -2.996  4.878   1.00 10.79 ? 97  TRP B CA  1 
ATOM   712  C C   . TRP B 2 1  ? 20.268  -3.377  3.616   1.00 12.15 ? 97  TRP B C   1 
ATOM   713  O O   . TRP B 2 1  ? 20.796  -3.984  2.683   1.00 12.45 ? 97  TRP B O   1 
ATOM   714  C CB  . TRP B 2 1  ? 21.759  -1.649  4.670   1.00 9.92  ? 97  TRP B CB  1 
ATOM   715  C CG  . TRP B 2 1  ? 20.833  -0.570  4.421   1.00 8.24  ? 97  TRP B CG  1 
ATOM   716  C CD1 . TRP B 2 1  ? 20.184  0.167   5.363   1.00 6.20  ? 97  TRP B CD1 1 
ATOM   717  C CD2 . TRP B 2 1  ? 20.388  -0.089  3.143   1.00 8.58  ? 97  TRP B CD2 1 
ATOM   718  N NE1 . TRP B 2 1  ? 19.394  1.104   4.760   1.00 4.27  ? 97  TRP B NE1 1 
ATOM   719  C CE2 . TRP B 2 1  ? 19.464  0.957   3.396   1.00 6.95  ? 97  TRP B CE2 1 
ATOM   720  C CE3 . TRP B 2 1  ? 20.653  -0.452  1.803   1.00 7.29  ? 97  TRP B CE3 1 
ATOM   721  C CZ2 . TRP B 2 1  ? 18.828  1.667   2.373   1.00 7.73  ? 97  TRP B CZ2 1 
ATOM   722  C CZ3 . TRP B 2 1  ? 20.029  0.268   0.774   1.00 9.28  ? 97  TRP B CZ3 1 
ATOM   723  C CH2 . TRP B 2 1  ? 19.115  1.314   1.070   1.00 8.89  ? 97  TRP B CH2 1 
ATOM   724  N N   . LYS B 2 2  ? 18.986  -3.001  3.584   1.00 12.40 ? 98  LYS B N   1 
ATOM   725  C CA  . LYS B 2 2  ? 18.192  -3.096  2.373   1.00 11.85 ? 98  LYS B CA  1 
ATOM   726  C C   . LYS B 2 2  ? 17.201  -1.921  2.370   1.00 10.44 ? 98  LYS B C   1 
ATOM   727  O O   . LYS B 2 2  ? 17.092  -1.197  3.386   1.00 9.88  ? 98  LYS B O   1 
ATOM   728  C CB  . LYS B 2 2  ? 17.470  -4.443  2.252   1.00 13.71 ? 98  LYS B CB  1 
ATOM   729  C CG  . LYS B 2 2  ? 16.387  -4.708  3.305   1.00 17.73 ? 98  LYS B CG  1 
ATOM   730  C CD  . LYS B 2 2  ? 15.746  -6.094  3.050   1.00 23.88 ? 98  LYS B CD  1 
ATOM   731  C CE  . LYS B 2 2  ? 16.339  -7.131  3.945   1.00 26.05 ? 98  LYS B CE  1 
ATOM   732  N NZ  . LYS B 2 2  ? 17.537  -6.614  4.643   1.00 30.59 ? 98  LYS B NZ  1 
ATOM   733  N N   . LEU B 2 3  ? 16.519  -1.722  1.237   1.00 8.91  ? 99  LEU B N   1 
ATOM   734  C CA  . LEU B 2 3  ? 15.650  -0.571  1.068   1.00 7.92  ? 99  LEU B CA  1 
ATOM   735  C C   . LEU B 2 3  ? 14.602  -0.601  2.160   1.00 8.17  ? 99  LEU B C   1 
ATOM   736  O O   . LEU B 2 3  ? 14.153  -1.700  2.493   1.00 8.32  ? 99  LEU B O   1 
ATOM   737  C CB  . LEU B 2 3  ? 14.963  -0.612  -0.292  1.00 8.98  ? 99  LEU B CB  1 
ATOM   738  C CG  . LEU B 2 3  ? 15.862  -0.221  -1.494  1.00 7.01  ? 99  LEU B CG  1 
ATOM   739  C CD1 . LEU B 2 3  ? 15.051  -0.459  -2.785  1.00 10.66 ? 99  LEU B CD1 1 
ATOM   740  C CD2 . LEU B 2 3  ? 16.338  1.241   -1.416  1.00 10.03 ? 99  LEU B CD2 1 
ATOM   741  N N   . PRO B 2 4  ? 14.205  0.572   2.685   1.00 7.40  ? 100 PRO B N   1 
ATOM   742  C CA  . PRO B 2 4  ? 13.121  0.644   3.677   1.00 8.12  ? 100 PRO B CA  1 
ATOM   743  C C   . PRO B 2 4  ? 11.871  0.080   3.061   1.00 7.84  ? 100 PRO B C   1 
ATOM   744  O O   . PRO B 2 4  ? 11.602  0.324   1.863   1.00 8.91  ? 100 PRO B O   1 
ATOM   745  C CB  . PRO B 2 4  ? 12.944  2.142   3.894   1.00 7.67  ? 100 PRO B CB  1 
ATOM   746  C CG  . PRO B 2 4  ? 14.361  2.716   3.630   1.00 9.52  ? 100 PRO B CG  1 
ATOM   747  C CD  . PRO B 2 4  ? 14.738  1.925   2.370   1.00 8.88  ? 100 PRO B CD  1 
ATOM   748  N N   . SER B 2 5  ? 11.116  -0.660  3.841   1.00 7.78  ? 101 SER B N   1 
ATOM   749  C CA  . SER B 2 5  ? 9.979   -1.361  3.305   1.00 7.75  ? 101 SER B CA  1 
ATOM   750  C C   . SER B 2 5  ? 8.661   -1.000  3.976   1.00 7.23  ? 101 SER B C   1 
ATOM   751  O O   . SER B 2 5  ? 8.647   -0.469  5.071   1.00 7.60  ? 101 SER B O   1 
ATOM   752  C CB  . SER B 2 5  ? 10.195  -2.867  3.380   1.00 9.14  ? 101 SER B CB  1 
ATOM   753  O OG  . SER B 2 5  ? 10.376  -3.343  4.698   1.00 10.25 ? 101 SER B OG  1 
ATOM   754  N N   . VAL B 2 6  ? 7.556   -1.299  3.305   1.00 5.32  ? 102 VAL B N   1 
ATOM   755  C CA  . VAL B 2 6  ? 6.256   -1.009  3.892   1.00 4.99  ? 102 VAL B CA  1 
ATOM   756  C C   . VAL B 2 6  ? 5.845   -2.200  4.779   1.00 5.33  ? 102 VAL B C   1 
ATOM   757  O O   . VAL B 2 6  ? 5.885   -3.327  4.321   1.00 6.85  ? 102 VAL B O   1 
ATOM   758  C CB  . VAL B 2 6  ? 5.211   -0.687  2.804   1.00 5.19  ? 102 VAL B CB  1 
ATOM   759  C CG1 . VAL B 2 6  ? 3.879   -0.284  3.442   1.00 5.97  ? 102 VAL B CG1 1 
ATOM   760  C CG2 . VAL B 2 6  ? 5.732   0.533   1.950   1.00 5.37  ? 102 VAL B CG2 1 
ATOM   761  N N   . THR B 2 7  ? 5.424   -1.917  6.010   1.00 4.23  ? 103 THR B N   1 
ATOM   762  C CA  . THR B 2 7  ? 5.090   -2.952  7.006   1.00 5.25  ? 103 THR B CA  1 
ATOM   763  C C   . THR B 2 7  ? 3.765   -2.595  7.684   1.00 4.15  ? 103 THR B C   1 
ATOM   764  O O   . THR B 2 7  ? 3.352   -1.432  7.645   1.00 4.75  ? 103 THR B O   1 
ATOM   765  C CB  . THR B 2 7  ? 6.228   -2.998  8.056   1.00 4.89  ? 103 THR B CB  1 
ATOM   766  O OG1 . THR B 2 7  ? 5.998   -4.054  9.004   1.00 4.56  ? 103 THR B OG1 1 
ATOM   767  C CG2 . THR B 2 7  ? 6.255   -1.692  8.930   1.00 2.72  ? 103 THR B CG2 1 
ATOM   768  N N   . VAL B 2 8  ? 3.123   -3.574  8.329   1.00 4.65  ? 104 VAL B N   1 
ATOM   769  C CA  . VAL B 2 8  ? 2.089   -3.261  9.299   1.00 3.99  ? 104 VAL B CA  1 
ATOM   770  C C   . VAL B 2 8  ? 2.545   -3.576  10.731  1.00 5.02  ? 104 VAL B C   1 
ATOM   771  O O   . VAL B 2 8  ? 1.752   -3.517  11.658  1.00 4.90  ? 104 VAL B O   1 
ATOM   772  C CB  . VAL B 2 8  ? 0.775   -3.994  8.986   1.00 2.97  ? 104 VAL B CB  1 
ATOM   773  C CG1 . VAL B 2 8  ? 0.175   -3.553  7.637   1.00 4.79  ? 104 VAL B CG1 1 
ATOM   774  C CG2 . VAL B 2 8  ? 0.945   -5.497  9.042   1.00 4.58  ? 104 VAL B CG2 1 
ATOM   775  N N   . GLY B 2 9  ? 3.834   -3.850  10.906  1.00 3.99  ? 105 GLY B N   1 
ATOM   776  C CA  . GLY B 2 9  ? 4.323   -4.316  12.189  1.00 4.04  ? 105 GLY B CA  1 
ATOM   777  C C   . GLY B 2 9  ? 4.569   -3.209  13.211  1.00 3.64  ? 105 GLY B C   1 
ATOM   778  O O   . GLY B 2 9  ? 4.995   -3.520  14.289  1.00 5.48  ? 105 GLY B O   1 
ATOM   779  N N   . ASN B 2 10 ? 4.274   -1.952  12.921  1.00 3.51  ? 106 ASN B N   1 
ATOM   780  C CA  . ASN B 2 10 ? 4.610   -0.893  13.897  1.00 5.17  ? 106 ASN B CA  1 
ATOM   781  C C   . ASN B 2 10 ? 3.344   -0.495  14.608  1.00 4.51  ? 106 ASN B C   1 
ATOM   782  O O   . ASN B 2 10 ? 2.483   0.079   13.979  1.00 5.35  ? 106 ASN B O   1 
ATOM   783  C CB  . ASN B 2 10 ? 5.228   0.326   13.204  1.00 4.93  ? 106 ASN B CB  1 
ATOM   784  C CG  . ASN B 2 10 ? 5.691   1.393   14.220  1.00 8.16  ? 106 ASN B CG  1 
ATOM   785  O OD1 . ASN B 2 10 ? 5.284   1.374   15.393  1.00 8.20  ? 106 ASN B OD1 1 
ATOM   786  N ND2 . ASN B 2 10 ? 6.561   2.302   13.779  1.00 8.61  ? 106 ASN B ND2 1 
ATOM   787  N N   . PRO B 2 11 ? 3.194   -0.829  15.889  1.00 4.03  ? 107 PRO B N   1 
ATOM   788  C CA  . PRO B 2 11 ? 1.918   -0.592  16.575  1.00 4.70  ? 107 PRO B CA  1 
ATOM   789  C C   . PRO B 2 11 ? 1.750   0.873   16.983  1.00 7.78  ? 107 PRO B C   1 
ATOM   790  O O   . PRO B 2 11 ? 0.736   1.228   17.599  1.00 8.89  ? 107 PRO B O   1 
ATOM   791  C CB  . PRO B 2 11 ? 1.994   -1.513  17.792  1.00 4.38  ? 107 PRO B CB  1 
ATOM   792  C CG  . PRO B 2 11 ? 3.532   -1.480  18.168  1.00 3.50  ? 107 PRO B CG  1 
ATOM   793  C CD  . PRO B 2 11 ? 4.216   -1.433  16.769  1.00 3.02  ? 107 PRO B CD  1 
ATOM   794  N N   . LYS B 2 12 ? 2.740   1.704   16.692  1.00 8.41  ? 108 LYS B N   1 
ATOM   795  C CA  . LYS B 2 12 ? 2.783   3.049   17.254  1.00 10.82 ? 108 LYS B CA  1 
ATOM   796  C C   . LYS B 2 12 ? 2.317   4.123   16.241  1.00 10.83 ? 108 LYS B C   1 
ATOM   797  O O   . LYS B 2 12 ? 2.498   5.315   16.499  1.00 13.13 ? 108 LYS B O   1 
ATOM   798  C CB  . LYS B 2 12 ? 4.224   3.382   17.712  1.00 10.92 ? 108 LYS B CB  1 
ATOM   799  C CG  . LYS B 2 12 ? 4.945   2.347   18.678  1.00 13.11 ? 108 LYS B CG  1 
ATOM   800  C CD  . LYS B 2 12 ? 6.298   2.877   19.239  1.00 17.10 ? 108 LYS B CD  1 
ATOM   801  C CE  . LYS B 2 12 ? 7.565   2.454   18.444  1.00 17.88 ? 108 LYS B CE  1 
ATOM   802  N NZ  . LYS B 2 12 ? 7.364   1.348   17.419  1.00 17.36 ? 108 LYS B NZ  1 
ATOM   803  N N   . VAL B 2 13 ? 1.741   3.748   15.106  1.00 10.45 ? 109 VAL B N   1 
ATOM   804  C CA  . VAL B 2 13 ? 1.425   4.750   14.071  1.00 9.96  ? 109 VAL B CA  1 
ATOM   805  C C   . VAL B 2 13 ? -0.042  5.190   14.093  1.00 11.05 ? 109 VAL B C   1 
ATOM   806  O O   . VAL B 2 13 ? -0.871  4.559   14.760  1.00 11.26 ? 109 VAL B O   1 
ATOM   807  C CB  . VAL B 2 13 ? 1.859   4.294   12.634  1.00 10.59 ? 109 VAL B CB  1 
ATOM   808  C CG1 . VAL B 2 13 ? 3.336   3.972   12.601  1.00 11.60 ? 109 VAL B CG1 1 
ATOM   809  C CG2 . VAL B 2 13 ? 1.025   3.118   12.166  1.00 7.98  ? 109 VAL B CG2 1 
ATOM   810  N N   . SER B 2 14 ? -0.385  6.280   13.398  1.00 11.46 ? 110 SER B N   1 
ATOM   811  C CA  . SER B 2 14 ? -1.753  6.807   13.502  1.00 12.29 ? 110 SER B CA  1 
ATOM   812  C C   . SER B 2 14 ? -2.713  5.850   12.849  1.00 11.41 ? 110 SER B C   1 
ATOM   813  O O   . SER B 2 14 ? -2.399  5.237   11.825  1.00 10.58 ? 110 SER B O   1 
ATOM   814  C CB  . SER B 2 14 ? -1.911  8.186   12.855  1.00 12.56 ? 110 SER B CB  1 
ATOM   815  O OG  . SER B 2 14 ? -1.440  8.090   11.538  1.00 19.84 ? 110 SER B OG  1 
ATOM   816  N N   . VAL B 2 15 ? -3.888  5.733   13.446  1.00 10.89 ? 111 VAL B N   1 
ATOM   817  C CA  . VAL B 2 15 ? -4.933  4.887   12.856  1.00 12.15 ? 111 VAL B CA  1 
ATOM   818  C C   . VAL B 2 15 ? -5.881  5.699   11.953  1.00 13.03 ? 111 VAL B C   1 
ATOM   819  O O   . VAL B 2 15 ? -6.814  5.161   11.363  1.00 13.81 ? 111 VAL B O   1 
ATOM   820  C CB  . VAL B 2 15 ? -5.704  4.151   13.960  1.00 11.85 ? 111 VAL B CB  1 
ATOM   821  C CG1 . VAL B 2 15 ? -4.746  3.358   14.839  1.00 12.22 ? 111 VAL B CG1 1 
ATOM   822  C CG2 . VAL B 2 15 ? -6.413  5.124   14.786  1.00 8.86  ? 111 VAL B CG2 1 
ATOM   823  N N   . PHE B 2 16 ? -5.657  7.016   11.896  1.00 14.46 ? 112 PHE B N   1 
ATOM   824  C CA  . PHE B 2 16 ? -6.337  7.916   10.966  1.00 14.88 ? 112 PHE B CA  1 
ATOM   825  C C   . PHE B 2 16 ? -5.323  8.956   10.499  1.00 14.13 ? 112 PHE B C   1 
ATOM   826  O O   . PHE B 2 16 ? -4.602  9.574   11.319  1.00 15.87 ? 112 PHE B O   1 
ATOM   827  C CB  . PHE B 2 16 ? -7.509  8.609   11.666  1.00 16.32 ? 112 PHE B CB  1 
ATOM   828  C CG  . PHE B 2 16 ? -8.789  8.552   10.880  1.00 20.40 ? 112 PHE B CG  1 
ATOM   829  C CD1 . PHE B 2 16 ? -8.874  9.145   9.610   1.00 24.80 ? 112 PHE B CD1 1 
ATOM   830  C CD2 . PHE B 2 16 ? -9.905  7.893   11.391  1.00 24.06 ? 112 PHE B CD2 1 
ATOM   831  C CE1 . PHE B 2 16 ? -10.060 9.099   8.858   1.00 25.18 ? 112 PHE B CE1 1 
ATOM   832  C CE2 . PHE B 2 16 ? -11.106 7.853   10.653  1.00 27.83 ? 112 PHE B CE2 1 
ATOM   833  C CZ  . PHE B 2 16 ? -11.178 8.461   9.379   1.00 26.66 ? 112 PHE B CZ  1 
ATOM   834  N N   . GLY B 2 17 ? -5.260  9.180   9.211   1.00 12.43 ? 113 GLY B N   1 
ATOM   835  C CA  . GLY B 2 17 ? -4.183  9.945   8.631   1.00 10.28 ? 113 GLY B CA  1 
ATOM   836  C C   . GLY B 2 17 ? -2.939  9.065   8.420   1.00 9.47  ? 113 GLY B C   1 
ATOM   837  O O   . GLY B 2 17 ? -2.891  7.924   8.834   1.00 8.41  ? 113 GLY B O   1 
ATOM   838  N N   . GLY B 2 18 ? -1.931  9.611   7.782   1.00 10.12 ? 114 GLY B N   1 
ATOM   839  C CA  . GLY B 2 18 ? -0.756  8.791   7.480   1.00 9.11  ? 114 GLY B CA  1 
ATOM   840  C C   . GLY B 2 18 ? 0.139   9.545   6.535   1.00 9.78  ? 114 GLY B C   1 
ATOM   841  O O   . GLY B 2 18 ? -0.197  10.655  6.094   1.00 9.00  ? 114 GLY B O   1 
ATOM   842  N N   . PRO B 2 19 ? 1.318   8.970   6.282   1.00 8.12  ? 115 PRO B N   1 
ATOM   843  C CA  . PRO B 2 19 ? 2.345   9.612   5.470   1.00 9.28  ? 115 PRO B CA  1 
ATOM   844  C C   . PRO B 2 19 ? 2.297   9.193   4.006   1.00 8.50  ? 115 PRO B C   1 
ATOM   845  O O   . PRO B 2 19 ? 3.204   9.570   3.277   1.00 10.13 ? 115 PRO B O   1 
ATOM   846  C CB  . PRO B 2 19 ? 3.640   9.074   6.087   1.00 7.98  ? 115 PRO B CB  1 
ATOM   847  C CG  . PRO B 2 19 ? 3.258   7.600   6.472   1.00 6.77  ? 115 PRO B CG  1 
ATOM   848  C CD  . PRO B 2 19 ? 1.785   7.721   6.893   1.00 9.05  ? 115 PRO B CD  1 
ATOM   849  N N   . PHE B 2 20 ? 1.238   8.531   3.549   1.00 6.32  ? 116 PHE B N   1 
ATOM   850  C CA  . PHE B 2 20 ? 1.217   8.122   2.148   1.00 6.04  ? 116 PHE B CA  1 
ATOM   851  C C   . PHE B 2 20 ? 0.360   9.082   1.336   1.00 4.78  ? 116 PHE B C   1 
ATOM   852  O O   . PHE B 2 20 ? -0.466  9.756   1.892   1.00 5.94  ? 116 PHE B O   1 
ATOM   853  C CB  . PHE B 2 20 ? 0.660   6.694   2.032   1.00 6.09  ? 116 PHE B CB  1 
ATOM   854  C CG  . PHE B 2 20 ? 1.484   5.719   2.806   1.00 7.20  ? 116 PHE B CG  1 
ATOM   855  C CD1 . PHE B 2 20 ? 2.688   5.265   2.283   1.00 7.30  ? 116 PHE B CD1 1 
ATOM   856  C CD2 . PHE B 2 20 ? 1.100   5.354   4.093   1.00 5.43  ? 116 PHE B CD2 1 
ATOM   857  C CE1 . PHE B 2 20 ? 3.533   4.395   3.053   1.00 7.80  ? 116 PHE B CE1 1 
ATOM   858  C CE2 . PHE B 2 20 ? 1.888   4.515   4.869   1.00 3.06  ? 116 PHE B CE2 1 
ATOM   859  C CZ  . PHE B 2 20 ? 3.096   4.014   4.330   1.00 5.38  ? 116 PHE B CZ  1 
ATOM   860  N N   . LYS B 2 21 ? 0.544   9.066   0.030   1.00 6.76  ? 117 LYS B N   1 
ATOM   861  C CA  . LYS B 2 21 ? -0.299  9.836   -0.890  1.00 6.48  ? 117 LYS B CA  1 
ATOM   862  C C   . LYS B 2 21 ? -0.460  8.968   -2.107  1.00 7.78  ? 117 LYS B C   1 
ATOM   863  O O   . LYS B 2 21 ? 0.390   8.112   -2.385  1.00 7.96  ? 117 LYS B O   1 
ATOM   864  C CB  . LYS B 2 21 ? 0.418   11.115  -1.336  1.00 6.40  ? 117 LYS B CB  1 
ATOM   865  C CG  . LYS B 2 21 ? 0.557   12.215  -0.336  1.00 5.76  ? 117 LYS B CG  1 
ATOM   866  C CD  . LYS B 2 21 ? 1.353   13.413  -0.931  1.00 7.47  ? 117 LYS B CD  1 
ATOM   867  C CE  . LYS B 2 21 ? 1.664   14.436  0.111   1.00 9.12  ? 117 LYS B CE  1 
ATOM   868  N NZ  . LYS B 2 21 ? 2.472   15.526  -0.527  1.00 6.49  ? 117 LYS B NZ  1 
ATOM   869  N N   . ILE B 2 22 ? -1.498  9.234   -2.886  1.00 7.76  ? 118 ILE B N   1 
ATOM   870  C CA  . ILE B 2 22 ? -1.635  8.597   -4.212  1.00 7.43  ? 118 ILE B CA  1 
ATOM   871  C C   . ILE B 2 22 ? -1.460  9.670   -5.268  1.00 7.28  ? 118 ILE B C   1 
ATOM   872  O O   . ILE B 2 22 ? -1.973  10.786  -5.073  1.00 6.52  ? 118 ILE B O   1 
ATOM   873  C CB  . ILE B 2 22 ? -3.046  7.991   -4.356  1.00 7.70  ? 118 ILE B CB  1 
ATOM   874  C CG1 . ILE B 2 22 ? -3.205  6.841   -3.350  1.00 7.17  ? 118 ILE B CG1 1 
ATOM   875  C CG2 . ILE B 2 22 ? -3.306  7.514   -5.823  1.00 9.04  ? 118 ILE B CG2 1 
ATOM   876  C CD1 . ILE B 2 22 ? -4.687  6.435   -3.114  1.00 8.78  ? 118 ILE B CD1 1 
ATOM   877  N N   . GLU B 2 23 ? -0.679  9.385   -6.323  1.00 6.64  ? 119 GLU B N   1 
ATOM   878  C CA  . GLU B 2 23 ? -0.459  10.369  -7.415  1.00 7.66  ? 119 GLU B CA  1 
ATOM   879  C C   . GLU B 2 23 ? -0.672  9.736   -8.781  1.00 8.14  ? 119 GLU B C   1 
ATOM   880  O O   . GLU B 2 23 ? -0.672  8.528   -8.925  1.00 9.13  ? 119 GLU B O   1 
ATOM   881  C CB  . GLU B 2 23 ? 0.964   10.989  -7.346  1.00 8.26  ? 119 GLU B CB  1 
ATOM   882  C CG  . GLU B 2 23 ? 1.372   11.555  -5.988  1.00 9.76  ? 119 GLU B CG  1 
ATOM   883  C CD  . GLU B 2 23 ? 0.880   12.961  -5.784  1.00 14.31 ? 119 GLU B CD  1 
ATOM   884  O OE1 . GLU B 2 23 ? 1.288   13.599  -4.775  1.00 15.41 ? 119 GLU B OE1 1 
ATOM   885  O OE2 . GLU B 2 23 ? 0.106   13.439  -6.653  1.00 12.89 ? 119 GLU B OE2 1 
ATOM   886  N N   . GLU B 2 24 ? -0.806  10.559  -9.804  1.00 9.35  ? 120 GLU B N   1 
ATOM   887  C CA  . GLU B 2 24 ? -0.935  10.054  -11.159 1.00 11.76 ? 120 GLU B CA  1 
ATOM   888  C C   . GLU B 2 24 ? 0.410   9.604   -11.637 1.00 12.79 ? 120 GLU B C   1 
ATOM   889  O O   . GLU B 2 24 ? 1.403   10.235  -11.309 1.00 13.31 ? 120 GLU B O   1 
ATOM   890  C CB  . GLU B 2 24 ? -1.415  11.177  -12.058 1.00 11.97 ? 120 GLU B CB  1 
ATOM   891  C CG  . GLU B 2 24 ? -2.745  11.739  -11.613 1.00 15.43 ? 120 GLU B CG  1 
ATOM   892  C CD  . GLU B 2 24 ? -3.934  11.015  -12.210 1.00 20.32 ? 120 GLU B CD  1 
ATOM   893  O OE1 . GLU B 2 24 ? -3.750  10.020  -12.957 1.00 23.21 ? 120 GLU B OE1 1 
ATOM   894  O OE2 . GLU B 2 24 ? -5.061  11.468  -11.950 1.00 19.52 ? 120 GLU B OE2 1 
ATOM   895  N N   . GLY B 2 25 ? 0.450   8.531   -12.409 1.00 13.85 ? 121 GLY B N   1 
ATOM   896  C CA  . GLY B 2 25 ? 1.714   8.057   -12.943 1.00 17.29 ? 121 GLY B CA  1 
ATOM   897  C C   . GLY B 2 25 ? 1.503   7.188   -14.156 1.00 18.80 ? 121 GLY B C   1 
ATOM   898  O O   . GLY B 2 25 ? 0.735   6.245   -14.105 1.00 20.57 ? 121 GLY B O   1 
ATOM   899  N N   . LYS B 2 26 ? 2.199   7.502   -15.243 1.00 20.16 ? 122 LYS B N   1 
ATOM   900  C CA  . LYS B 2 26 ? 2.150   6.723   -16.494 1.00 20.90 ? 122 LYS B CA  1 
ATOM   901  C C   . LYS B 2 26 ? 1.159   5.530   -16.579 1.00 20.37 ? 122 LYS B C   1 
ATOM   902  O O   . LYS B 2 26 ? 1.471   4.408   -16.148 1.00 21.62 ? 122 LYS B O   1 
ATOM   903  C CB  . LYS B 2 26 ? 3.575   6.251   -16.832 1.00 22.01 ? 122 LYS B CB  1 
ATOM   904  C CG  . LYS B 2 26 ? 4.325   5.635   -15.642 1.00 22.97 ? 122 LYS B CG  1 
ATOM   905  C CD  . LYS B 2 26 ? 5.445   4.713   -16.148 1.00 28.83 ? 122 LYS B CD  1 
ATOM   906  C CE  . LYS B 2 26 ? 5.048   3.235   -16.083 1.00 31.44 ? 122 LYS B CE  1 
ATOM   907  N NZ  . LYS B 2 26 ? 6.208   2.333   -15.809 1.00 33.62 ? 122 LYS B NZ  1 
ATOM   908  N N   . SER B 2 27 ? -0.022  5.785   -17.135 1.00 19.68 ? 123 SER B N   1 
ATOM   909  C CA  . SER B 2 27 ? -1.099  4.786   -17.325 1.00 18.91 ? 123 SER B CA  1 
ATOM   910  C C   . SER B 2 27 ? -1.685  4.188   -16.049 1.00 17.36 ? 123 SER B C   1 
ATOM   911  O O   . SER B 2 27 ? -2.245  3.095   -16.081 1.00 17.53 ? 123 SER B O   1 
ATOM   912  C CB  . SER B 2 27 ? -0.703  3.661   -18.312 1.00 19.93 ? 123 SER B CB  1 
ATOM   913  O OG  . SER B 2 27 ? -0.014  2.610   -17.645 1.00 24.09 ? 123 SER B OG  1 
ATOM   914  N N   . GLY B 2 28 ? -1.570  4.909   -14.935 1.00 14.52 ? 124 GLY B N   1 
ATOM   915  C CA  . GLY B 2 28 ? -2.260  4.508   -13.707 1.00 11.50 ? 124 GLY B CA  1 
ATOM   916  C C   . GLY B 2 28 ? -1.956  5.465   -12.567 1.00 9.87  ? 124 GLY B C   1 
ATOM   917  O O   . GLY B 2 28 ? -1.859  6.672   -12.787 1.00 8.75  ? 124 GLY B O   1 
ATOM   918  N N   . TYR B 2 29 ? -1.801  4.918   -11.356 1.00 7.32  ? 125 TYR B N   1 
ATOM   919  C CA  . TYR B 2 29 ? -1.467  5.697   -10.180 1.00 6.35  ? 125 TYR B CA  1 
ATOM   920  C C   . TYR B 2 29 ? -0.199  5.136   -9.543  1.00 5.89  ? 125 TYR B C   1 
ATOM   921  O O   . TYR B 2 29 ? 0.228   4.027   -9.875  1.00 4.10  ? 125 TYR B O   1 
ATOM   922  C CB  . TYR B 2 29 ? -2.605  5.648   -9.144  1.00 4.73  ? 125 TYR B CB  1 
ATOM   923  C CG  . TYR B 2 29 ? -3.918  6.109   -9.744  1.00 5.80  ? 125 TYR B CG  1 
ATOM   924  C CD1 . TYR B 2 29 ? -4.153  7.459   -9.986  1.00 4.05  ? 125 TYR B CD1 1 
ATOM   925  C CD2 . TYR B 2 29 ? -4.905  5.179   -10.086 1.00 5.49  ? 125 TYR B CD2 1 
ATOM   926  C CE1 . TYR B 2 29 ? -5.395  7.900   -10.577 1.00 2.66  ? 125 TYR B CE1 1 
ATOM   927  C CE2 . TYR B 2 29 ? -6.096  5.571   -10.656 1.00 5.71  ? 125 TYR B CE2 1 
ATOM   928  C CZ  . TYR B 2 29 ? -6.333  6.924   -10.920 1.00 5.31  ? 125 TYR B CZ  1 
ATOM   929  O OH  . TYR B 2 29 ? -7.501  7.295   -11.499 1.00 9.31  ? 125 TYR B OH  1 
ATOM   930  N N   . LYS B 2 30 ? 0.424   5.931   -8.684  1.00 5.45  ? 126 LYS B N   1 
ATOM   931  C CA  . LYS B 2 30 ? 1.504   5.437   -7.834  1.00 6.76  ? 126 LYS B CA  1 
ATOM   932  C C   . LYS B 2 30 ? 1.222   5.851   -6.420  1.00 7.27  ? 126 LYS B C   1 
ATOM   933  O O   . LYS B 2 30 ? 0.447   6.811   -6.182  1.00 7.83  ? 126 LYS B O   1 
ATOM   934  C CB  . LYS B 2 30 ? 2.875   5.964   -8.287  1.00 7.36  ? 126 LYS B CB  1 
ATOM   935  C CG  . LYS B 2 30 ? 2.995   7.518   -8.207  1.00 8.27  ? 126 LYS B CG  1 
ATOM   936  C CD  . LYS B 2 30 ? 4.450   7.956   -8.606  1.00 8.62  ? 126 LYS B CD  1 
ATOM   937  C CE  . LYS B 2 30 ? 4.615   9.451   -8.622  1.00 9.03  ? 126 LYS B CE  1 
ATOM   938  N NZ  . LYS B 2 30 ? 6.073   9.751   -8.862  1.00 5.71  ? 126 LYS B NZ  1 
ATOM   939  N N   . ASP B 2 31 ? 1.769   5.053   -5.500  1.00 7.80  ? 127 ASP B N   1 
ATOM   940  C CA  . ASP B 2 31 ? 1.802   5.318   -4.055  1.00 9.40  ? 127 ASP B CA  1 
ATOM   941  C C   . ASP B 2 31 ? 3.134   6.009   -3.734  1.00 8.27  ? 127 ASP B C   1 
ATOM   942  O O   . ASP B 2 31 ? 4.212   5.569   -4.201  1.00 8.46  ? 127 ASP B O   1 
ATOM   943  C CB  . ASP B 2 31 ? 1.780   4.015   -3.264  1.00 10.52 ? 127 ASP B CB  1 
ATOM   944  C CG  . ASP B 2 31 ? 0.500   3.208   -3.450  1.00 15.26 ? 127 ASP B CG  1 
ATOM   945  O OD1 . ASP B 2 31 ? -0.589  3.819   -3.537  1.00 21.86 ? 127 ASP B OD1 1 
ATOM   946  O OD2 . ASP B 2 31 ? 0.471   1.945   -3.325  1.00 22.70 ? 127 ASP B OD2 1 
ATOM   947  N N   . VAL B 2 32 ? 3.070   7.063   -2.922  1.00 9.02  ? 128 VAL B N   1 
ATOM   948  C CA  . VAL B 2 32 ? 4.272   7.754   -2.466  1.00 7.72  ? 128 VAL B CA  1 
ATOM   949  C C   . VAL B 2 32 ? 4.304   7.914   -0.956  1.00 7.32  ? 128 VAL B C   1 
ATOM   950  O O   . VAL B 2 32 ? 3.265   7.850   -0.303  1.00 5.52  ? 128 VAL B O   1 
ATOM   951  C CB  . VAL B 2 32 ? 4.516   9.146   -3.144  1.00 7.46  ? 128 VAL B CB  1 
ATOM   952  C CG1 . VAL B 2 32 ? 4.529   9.025   -4.694  1.00 7.94  ? 128 VAL B CG1 1 
ATOM   953  C CG2 . VAL B 2 32 ? 3.435   10.160  -2.623  1.00 8.93  ? 128 VAL B CG2 1 
ATOM   954  N N   . TYR B 2 33 ? 5.512   8.058   -0.406  1.00 7.41  ? 129 TYR B N   1 
ATOM   955  C CA  . TYR B 2 33 ? 5.711   8.174   1.033   1.00 7.51  ? 129 TYR B CA  1 
ATOM   956  C C   . TYR B 2 33 ? 6.313   9.515   1.365   1.00 8.73  ? 129 TYR B C   1 
ATOM   957  O O   . TYR B 2 33 ? 7.370   9.837   0.847   1.00 7.12  ? 129 TYR B O   1 
ATOM   958  C CB  . TYR B 2 33 ? 6.664   7.036   1.478   1.00 8.04  ? 129 TYR B CB  1 
ATOM   959  C CG  . TYR B 2 33 ? 7.137   7.140   2.896   1.00 9.72  ? 129 TYR B CG  1 
ATOM   960  C CD1 . TYR B 2 33 ? 6.236   6.999   3.984   1.00 11.11 ? 129 TYR B CD1 1 
ATOM   961  C CD2 . TYR B 2 33 ? 8.483   7.340   3.174   1.00 13.12 ? 129 TYR B CD2 1 
ATOM   962  C CE1 . TYR B 2 33 ? 6.693   7.122   5.310   1.00 9.91  ? 129 TYR B CE1 1 
ATOM   963  C CE2 . TYR B 2 33 ? 8.940   7.446   4.496   1.00 13.35 ? 129 TYR B CE2 1 
ATOM   964  C CZ  . TYR B 2 33 ? 8.036   7.331   5.539   1.00 13.29 ? 129 TYR B CZ  1 
ATOM   965  O OH  . TYR B 2 33 ? 8.507   7.394   6.826   1.00 19.22 ? 129 TYR B OH  1 
ATOM   966  N N   . SER B 2 34 ? 5.611   10.314  2.187   1.00 10.40 ? 130 SER B N   1 
ATOM   967  C CA  . SER B 2 34 ? 6.063   11.641  2.587   1.00 11.42 ? 130 SER B CA  1 
ATOM   968  C C   . SER B 2 34 ? 7.123   11.457  3.666   1.00 12.27 ? 130 SER B C   1 
ATOM   969  O O   . SER B 2 34 ? 6.798   11.186  4.827   1.00 12.09 ? 130 SER B O   1 
ATOM   970  C CB  . SER B 2 34 ? 4.890   12.457  3.117   1.00 11.43 ? 130 SER B CB  1 
ATOM   971  O OG  . SER B 2 34 ? 3.937   12.632  2.083   1.00 12.51 ? 130 SER B OG  1 
ATOM   972  N N   . SER B 2 35 ? 8.387   11.527  3.268   1.00 12.65 ? 131 SER B N   1 
ATOM   973  C CA  . SER B 2 35 ? 9.473   11.183  4.185   1.00 14.78 ? 131 SER B CA  1 
ATOM   974  C C   . SER B 2 35 ? 9.677   12.275  5.239   1.00 14.76 ? 131 SER B C   1 
ATOM   975  O O   . SER B 2 35 ? 9.184   13.410  5.077   1.00 14.63 ? 131 SER B O   1 
ATOM   976  C CB  . SER B 2 35 ? 10.758  10.851  3.408   1.00 15.17 ? 131 SER B CB  1 
ATOM   977  O OG  . SER B 2 35 ? 11.308  12.027  2.831   1.00 19.70 ? 131 SER B OG  1 
ATOM   978  N N   . SER B 2 36 ? 10.351  11.944  6.343   1.00 15.96 ? 132 SER B N   1 
ATOM   979  C CA  . SER B 2 36 ? 10.449  12.934  7.433   1.00 17.65 ? 132 SER B CA  1 
ATOM   980  C C   . SER B 2 36 ? 11.282  14.147  7.002   1.00 17.25 ? 132 SER B C   1 
ATOM   981  O O   . SER B 2 36 ? 11.219  15.225  7.608   1.00 16.95 ? 132 SER B O   1 
ATOM   982  C CB  . SER B 2 36 ? 10.987  12.314  8.731   1.00 19.07 ? 132 SER B CB  1 
ATOM   983  O OG  . SER B 2 36 ? 11.934  11.273  8.470   1.00 23.43 ? 132 SER B OG  1 
ATOM   984  N N   . LYS B 2 37 ? 12.033  13.982  5.925   1.00 16.23 ? 133 LYS B N   1 
ATOM   985  C CA  . LYS B 2 37 ? 12.797  15.104  5.403   1.00 16.48 ? 133 LYS B CA  1 
ATOM   986  C C   . LYS B 2 37 ? 12.096  15.964  4.398   1.00 15.72 ? 133 LYS B C   1 
ATOM   987  O O   . LYS B 2 37 ? 12.678  16.899  3.866   1.00 16.90 ? 133 LYS B O   1 
ATOM   988  C CB  . LYS B 2 37 ? 14.054  14.596  4.790   1.00 16.59 ? 133 LYS B CB  1 
ATOM   989  C CG  . LYS B 2 37 ? 14.850  13.923  5.804   1.00 17.05 ? 133 LYS B CG  1 
ATOM   990  C CD  . LYS B 2 37 ? 16.203  13.902  5.316   1.00 16.79 ? 133 LYS B CD  1 
ATOM   991  C CE  . LYS B 2 37 ? 17.061  13.788  6.492   1.00 15.32 ? 133 LYS B CE  1 
ATOM   992  N NZ  . LYS B 2 37 ? 18.362  13.113  6.043   1.00 5.13  ? 133 LYS B NZ  1 
ATOM   993  N N   . GLY B 2 38 ? 10.857  15.660  4.113   1.00 15.02 ? 134 GLY B N   1 
ATOM   994  C CA  . GLY B 2 38 ? 10.082  16.623  3.376   1.00 14.90 ? 134 GLY B CA  1 
ATOM   995  C C   . GLY B 2 38 ? 10.081  16.368  1.886   1.00 13.58 ? 134 GLY B C   1 
ATOM   996  O O   . GLY B 2 38 ? 9.642   17.232  1.155   1.00 15.58 ? 134 GLY B O   1 
ATOM   997  N N   . ARG B 2 39 ? 10.599  15.229  1.447   1.00 12.15 ? 135 ARG B N   1 
ATOM   998  C CA  . ARG B 2 39 ? 10.466  14.794  0.044   1.00 11.98 ? 135 ARG B CA  1 
ATOM   999  C C   . ARG B 2 39 ? 9.543   13.582  -0.062  1.00 11.68 ? 135 ARG B C   1 
ATOM   1000 O O   . ARG B 2 39 ? 9.706   12.622  0.700   1.00 12.38 ? 135 ARG B O   1 
ATOM   1001 C CB  . ARG B 2 39 ? 11.828  14.489  -0.613  1.00 11.63 ? 135 ARG B CB  1 
ATOM   1002 C CG  . ARG B 2 39 ? 11.766  14.585  -2.147  1.00 12.50 ? 135 ARG B CG  1 
ATOM   1003 C CD  . ARG B 2 39 ? 13.063  14.872  -2.879  1.00 6.82  ? 135 ARG B CD  1 
ATOM   1004 N NE  . ARG B 2 39 ? 14.071  13.820  -2.707  1.00 9.72  ? 135 ARG B NE  1 
ATOM   1005 C CZ  . ARG B 2 39 ? 14.131  12.671  -3.381  1.00 11.33 ? 135 ARG B CZ  1 
ATOM   1006 N NH1 . ARG B 2 39 ? 13.245  12.379  -4.324  1.00 11.19 ? 135 ARG B NH1 1 
ATOM   1007 N NH2 . ARG B 2 39 ? 15.112  11.801  -3.136  1.00 12.76 ? 135 ARG B NH2 1 
ATOM   1008 N N   . ASP B 2 40 ? 8.583   13.627  -0.985  1.00 9.57  ? 136 ASP B N   1 
ATOM   1009 C CA  . ASP B 2 40 ? 7.717   12.466  -1.241  1.00 9.51  ? 136 ASP B CA  1 
ATOM   1010 C C   . ASP B 2 40 ? 8.501   11.489  -2.083  1.00 8.42  ? 136 ASP B C   1 
ATOM   1011 O O   . ASP B 2 40 ? 9.030   11.860  -3.117  1.00 8.31  ? 136 ASP B O   1 
ATOM   1012 C CB  . ASP B 2 40 ? 6.475   12.870  -2.030  1.00 9.49  ? 136 ASP B CB  1 
ATOM   1013 C CG  . ASP B 2 40 ? 5.488   13.688  -1.200  1.00 12.42 ? 136 ASP B CG  1 
ATOM   1014 O OD1 . ASP B 2 40 ? 5.572   13.691  0.053   1.00 11.49 ? 136 ASP B OD1 1 
ATOM   1015 O OD2 . ASP B 2 40 ? 4.588   14.343  -1.725  1.00 13.81 ? 136 ASP B OD2 1 
ATOM   1016 N N   . LEU B 2 41 ? 8.566   10.246  -1.638  1.00 5.39  ? 137 LEU B N   1 
ATOM   1017 C CA  . LEU B 2 41 ? 9.365   9.206   -2.300  1.00 5.52  ? 137 LEU B CA  1 
ATOM   1018 C C   . LEU B 2 41 ? 8.460   8.118   -2.890  1.00 5.36  ? 137 LEU B C   1 
ATOM   1019 O O   . LEU B 2 41 ? 7.538   7.662   -2.215  1.00 5.96  ? 137 LEU B O   1 
ATOM   1020 C CB  . LEU B 2 41 ? 10.369  8.607   -1.286  1.00 5.31  ? 137 LEU B CB  1 
ATOM   1021 C CG  . LEU B 2 41 ? 11.265  9.612   -0.545  1.00 5.15  ? 137 LEU B CG  1 
ATOM   1022 C CD1 . LEU B 2 41 ? 12.147  8.859   0.418   1.00 9.19  ? 137 LEU B CD1 1 
ATOM   1023 C CD2 . LEU B 2 41 ? 12.147  10.322  -1.537  1.00 7.73  ? 137 LEU B CD2 1 
ATOM   1024 N N   . ASP B 2 42 ? 8.718   7.695   -4.132  1.00 5.15  ? 138 ASP B N   1 
ATOM   1025 C CA  . ASP B 2 42 ? 7.919   6.657   -4.788  1.00 5.92  ? 138 ASP B CA  1 
ATOM   1026 C C   . ASP B 2 42 ? 8.035   5.324   -4.036  1.00 6.96  ? 138 ASP B C   1 
ATOM   1027 O O   . ASP B 2 42 ? 9.116   4.941   -3.592  1.00 6.30  ? 138 ASP B O   1 
ATOM   1028 C CB  . ASP B 2 42 ? 8.467   6.400   -6.157  1.00 6.71  ? 138 ASP B CB  1 
ATOM   1029 C CG  . ASP B 2 42 ? 8.209   7.520   -7.133  1.00 6.60  ? 138 ASP B CG  1 
ATOM   1030 O OD1 . ASP B 2 42 ? 7.295   8.376   -6.933  1.00 6.27  ? 138 ASP B OD1 1 
ATOM   1031 O OD2 . ASP B 2 42 ? 8.921   7.629   -8.149  1.00 7.49  ? 138 ASP B OD2 1 
ATOM   1032 N N   . ASP B 2 43 ? 6.927   4.596   -3.939  1.00 6.21  ? 139 ASP B N   1 
ATOM   1033 C CA  . ASP B 2 43 ? 6.978   3.224   -3.496  1.00 6.99  ? 139 ASP B CA  1 
ATOM   1034 C C   . ASP B 2 43 ? 7.051   2.350   -4.737  1.00 6.52  ? 139 ASP B C   1 
ATOM   1035 O O   . ASP B 2 43 ? 6.320   2.572   -5.737  1.00 7.57  ? 139 ASP B O   1 
ATOM   1036 C CB  . ASP B 2 43 ? 5.721   2.830   -2.701  1.00 5.45  ? 139 ASP B CB  1 
ATOM   1037 C CG  . ASP B 2 43 ? 5.671   3.405   -1.293  1.00 13.09 ? 139 ASP B CG  1 
ATOM   1038 O OD1 . ASP B 2 43 ? 6.756   3.608   -0.616  1.00 15.99 ? 139 ASP B OD1 1 
ATOM   1039 O OD2 . ASP B 2 43 ? 4.522   3.431   -0.701  1.00 21.63 ? 139 ASP B OD2 1 
ATOM   1040 N N   . GLY B 2 44 ? 7.934   1.360   -4.701  1.00 7.10  ? 140 GLY B N   1 
ATOM   1041 C CA  . GLY B 2 44 ? 8.143   0.498   -5.862  1.00 6.56  ? 140 GLY B CA  1 
ATOM   1042 C C   . GLY B 2 44 ? 8.322   -0.925  -5.388  1.00 7.20  ? 140 GLY B C   1 
ATOM   1043 O O   . GLY B 2 44 ? 8.102   -1.224  -4.190  1.00 6.92  ? 140 GLY B O   1 
ATOM   1044 N N   . ILE B 2 45 ? 8.663   -1.823  -6.308  1.00 7.06  ? 141 ILE B N   1 
ATOM   1045 C CA  . ILE B 2 45 ? 8.829   -3.246  -5.981  1.00 7.78  ? 141 ILE B CA  1 
ATOM   1046 C C   . ILE B 2 45 ? 10.290  -3.707  -6.048  1.00 8.69  ? 141 ILE B C   1 
ATOM   1047 O O   . ILE B 2 45 ? 11.025  -3.379  -6.985  1.00 8.52  ? 141 ILE B O   1 
ATOM   1048 C CB  . ILE B 2 45 ? 7.971   -4.126  -6.936  1.00 7.95  ? 141 ILE B CB  1 
ATOM   1049 C CG1 . ILE B 2 45 ? 6.484   -3.824  -6.787  1.00 7.73  ? 141 ILE B CG1 1 
ATOM   1050 C CG2 . ILE B 2 45 ? 8.185   -5.611  -6.691  1.00 7.54  ? 141 ILE B CG2 1 
ATOM   1051 C CD1 . ILE B 2 45 ? 5.893   -4.053  -5.406  1.00 10.28 ? 141 ILE B CD1 1 
ATOM   1052 N N   . GLU B 2 46 ? 10.696  -4.496  -5.067  1.00 7.96  ? 142 GLU B N   1 
ATOM   1053 C CA  . GLU B 2 46 ? 12.013  -5.113  -5.058  1.00 10.86 ? 142 GLU B CA  1 
ATOM   1054 C C   . GLU B 2 46 ? 11.787  -6.579  -4.749  1.00 10.58 ? 142 GLU B C   1 
ATOM   1055 O O   . GLU B 2 46 ? 11.007  -6.931  -3.837  1.00 10.73 ? 142 GLU B O   1 
ATOM   1056 C CB  . GLU B 2 46 ? 12.911  -4.445  -4.017  1.00 10.76 ? 142 GLU B CB  1 
ATOM   1057 C CG  . GLU B 2 46 ? 14.311  -5.046  -3.990  1.00 16.06 ? 142 GLU B CG  1 
ATOM   1058 C CD  . GLU B 2 46 ? 15.335  -4.266  -4.796  1.00 20.11 ? 142 GLU B CD  1 
ATOM   1059 O OE1 . GLU B 2 46 ? 15.011  -3.692  -5.872  1.00 23.55 ? 142 GLU B OE1 1 
ATOM   1060 O OE2 . GLU B 2 46 ? 16.501  -4.236  -4.352  1.00 25.73 ? 142 GLU B OE2 1 
ATOM   1061 N N   . VAL B 2 47 ? 12.387  -7.452  -5.537  1.00 11.49 ? 143 VAL B N   1 
ATOM   1062 C CA  . VAL B 2 47 ? 12.185  -8.879  -5.288  1.00 14.23 ? 143 VAL B CA  1 
ATOM   1063 C C   . VAL B 2 47 ? 13.215  -9.312  -4.228  1.00 15.12 ? 143 VAL B C   1 
ATOM   1064 O O   . VAL B 2 47 ? 14.424  -9.093  -4.418  1.00 15.72 ? 143 VAL B O   1 
ATOM   1065 C CB  . VAL B 2 47 ? 12.271  -9.700  -6.576  1.00 14.01 ? 143 VAL B CB  1 
ATOM   1066 C CG1 . VAL B 2 47 ? 12.242  -11.191 -6.258  1.00 17.23 ? 143 VAL B CG1 1 
ATOM   1067 C CG2 . VAL B 2 47 ? 11.131  -9.321  -7.546  1.00 16.77 ? 143 VAL B CG2 1 
ATOM   1068 N N   . ASN B 2 48 ? 12.743  -9.849  -3.096  1.00 16.02 ? 144 ASN B N   1 
ATOM   1069 C CA  . ASN B 2 48 ? 13.655  -10.223 -1.996  1.00 16.60 ? 144 ASN B CA  1 
ATOM   1070 C C   . ASN B 2 48 ? 14.211  -11.630 -2.082  1.00 17.47 ? 144 ASN B C   1 
ATOM   1071 O O   . ASN B 2 48 ? 14.014  -12.322 -3.078  1.00 17.18 ? 144 ASN B O   1 
ATOM   1072 C CB  . ASN B 2 48 ? 13.057  -9.975  -0.608  1.00 16.14 ? 144 ASN B CB  1 
ATOM   1073 C CG  . ASN B 2 48 ? 11.995  -10.984 -0.230  1.00 17.48 ? 144 ASN B CG  1 
ATOM   1074 O OD1 . ASN B 2 48 ? 11.878  -12.025 -0.839  1.00 19.90 ? 144 ASN B OD1 1 
ATOM   1075 N ND2 . ASN B 2 48 ? 11.218  -10.665 0.796   1.00 19.04 ? 144 ASN B ND2 1 
ATOM   1076 N N   . LYS B 2 49 ? 14.921  -12.025 -1.025  1.00 18.01 ? 145 LYS B N   1 
ATOM   1077 C CA  . LYS B 2 49 ? 15.698  -13.255 -1.045  1.00 20.02 ? 145 LYS B CA  1 
ATOM   1078 C C   . LYS B 2 49 ? 14.807  -14.492 -1.054  1.00 19.99 ? 145 LYS B C   1 
ATOM   1079 O O   . LYS B 2 49 ? 15.249  -15.558 -1.417  1.00 19.98 ? 145 LYS B O   1 
ATOM   1080 C CB  . LYS B 2 49 ? 16.691  -13.307 0.121   1.00 20.50 ? 145 LYS B CB  1 
ATOM   1081 C CG  . LYS B 2 49 ? 16.092  -13.736 1.430   1.00 23.26 ? 145 LYS B CG  1 
ATOM   1082 C CD  . LYS B 2 49 ? 17.117  -13.625 2.561   1.00 27.00 ? 145 LYS B CD  1 
ATOM   1083 C CE  . LYS B 2 49 ? 16.454  -12.967 3.765   1.00 29.16 ? 145 LYS B CE  1 
ATOM   1084 N NZ  . LYS B 2 49 ? 14.999  -12.764 3.460   1.00 29.98 ? 145 LYS B NZ  1 
ATOM   1085 N N   . LYS B 2 50 ? 13.550  -14.334 -0.686  1.00 20.88 ? 146 LYS B N   1 
ATOM   1086 C CA  . LYS B 2 50 ? 12.612  -15.448 -0.798  1.00 20.79 ? 146 LYS B CA  1 
ATOM   1087 C C   . LYS B 2 50 ? 11.569  -15.250 -1.919  1.00 20.06 ? 146 LYS B C   1 
ATOM   1088 O O   . LYS B 2 50 ? 10.438  -15.771 -1.839  1.00 19.76 ? 146 LYS B O   1 
ATOM   1089 C CB  . LYS B 2 50 ? 11.999  -15.757 0.566   1.00 21.99 ? 146 LYS B CB  1 
ATOM   1090 C CG  . LYS B 2 50 ? 12.903  -16.666 1.431   1.00 24.21 ? 146 LYS B CG  1 
ATOM   1091 C CD  . LYS B 2 50 ? 12.149  -17.199 2.653   1.00 29.61 ? 146 LYS B CD  1 
ATOM   1092 C CE  . LYS B 2 50 ? 11.478  -16.068 3.443   1.00 31.01 ? 146 LYS B CE  1 
ATOM   1093 N NZ  . LYS B 2 50 ? 9.964   -16.094 3.369   1.00 32.64 ? 146 LYS B NZ  1 
ATOM   1094 N N   . LYS B 2 51 ? 11.988  -14.510 -2.958  1.00 17.52 ? 147 LYS B N   1 
ATOM   1095 C CA  . LYS B 2 51 ? 11.223  -14.311 -4.192  1.00 16.71 ? 147 LYS B CA  1 
ATOM   1096 C C   . LYS B 2 51 ? 9.904   -13.554 -3.986  1.00 15.14 ? 147 LYS B C   1 
ATOM   1097 O O   . LYS B 2 51 ? 8.977   -13.655 -4.797  1.00 15.38 ? 147 LYS B O   1 
ATOM   1098 C CB  . LYS B 2 51 ? 10.968  -15.642 -4.899  1.00 17.67 ? 147 LYS B CB  1 
ATOM   1099 C CG  . LYS B 2 51 ? 10.563  -15.487 -6.363  1.00 21.69 ? 147 LYS B CG  1 
ATOM   1100 C CD  . LYS B 2 51 ? 11.681  -14.862 -7.207  1.00 26.50 ? 147 LYS B CD  1 
ATOM   1101 C CE  . LYS B 2 51 ? 11.292  -14.797 -8.703  1.00 29.96 ? 147 LYS B CE  1 
ATOM   1102 N NZ  . LYS B 2 51 ? 10.089  -13.919 -8.979  1.00 30.64 ? 147 LYS B NZ  1 
ATOM   1103 N N   . GLU B 2 52 ? 9.855   -12.769 -2.919  1.00 13.00 ? 148 GLU B N   1 
ATOM   1104 C CA  . GLU B 2 52 ? 8.708   -11.927 -2.605  1.00 13.12 ? 148 GLU B CA  1 
ATOM   1105 C C   . GLU B 2 52 ? 8.848   -10.609 -3.328  1.00 11.12 ? 148 GLU B C   1 
ATOM   1106 O O   . GLU B 2 52 ? 9.928   -10.041 -3.387  1.00 10.36 ? 148 GLU B O   1 
ATOM   1107 C CB  . GLU B 2 52 ? 8.599   -11.698 -1.082  1.00 13.51 ? 148 GLU B CB  1 
ATOM   1108 C CG  . GLU B 2 52 ? 7.910   -12.842 -0.304  1.00 18.45 ? 148 GLU B CG  1 
ATOM   1109 C CD  . GLU B 2 52 ? 8.797   -13.423 0.752   1.00 25.13 ? 148 GLU B CD  1 
ATOM   1110 O OE1 . GLU B 2 52 ? 9.902   -12.887 0.959   1.00 28.07 ? 148 GLU B OE1 1 
ATOM   1111 O OE2 . GLU B 2 52 ? 8.425   -14.436 1.366   1.00 25.26 ? 148 GLU B OE2 1 
ATOM   1112 N N   . LYS B 2 53 ? 7.756   -10.116 -3.901  1.00 10.06 ? 149 LYS B N   1 
ATOM   1113 C CA  . LYS B 2 53 ? 7.810   -8.837  -4.554  1.00 7.36  ? 149 LYS B CA  1 
ATOM   1114 C C   . LYS B 2 53 ? 7.441   -7.822  -3.469  1.00 7.33  ? 149 LYS B C   1 
ATOM   1115 O O   . LYS B 2 53 ? 6.274   -7.522  -3.271  1.00 6.17  ? 149 LYS B O   1 
ATOM   1116 C CB  . LYS B 2 53 ? 6.791   -8.775  -5.707  1.00 7.63  ? 149 LYS B CB  1 
ATOM   1117 C CG  . LYS B 2 53 ? 7.156   -9.650  -6.939  1.00 10.28 ? 149 LYS B CG  1 
ATOM   1118 C CD  . LYS B 2 53 ? 6.079   -9.639  -8.024  1.00 15.42 ? 149 LYS B CD  1 
ATOM   1119 C CE  . LYS B 2 53 ? 6.377   -10.686 -9.112  1.00 18.71 ? 149 LYS B CE  1 
ATOM   1120 N NZ  . LYS B 2 53 ? 7.382   -10.134 -10.069 1.00 24.04 ? 149 LYS B NZ  1 
ATOM   1121 N N   . ARG B 2 54 ? 8.450   -7.282  -2.802  1.00 6.80  ? 150 ARG B N   1 
ATOM   1122 C CA  . ARG B 2 54 ? 8.264   -6.393  -1.640  1.00 7.23  ? 150 ARG B CA  1 
ATOM   1123 C C   . ARG B 2 54 ? 7.953   -4.960  -2.055  1.00 6.37  ? 150 ARG B C   1 
ATOM   1124 O O   . ARG B 2 54 ? 8.610   -4.403  -2.967  1.00 7.45  ? 150 ARG B O   1 
ATOM   1125 C CB  . ARG B 2 54 ? 9.551   -6.384  -0.812  1.00 9.14  ? 150 ARG B CB  1 
ATOM   1126 C CG  . ARG B 2 54 ? 9.986   -7.710  -0.309  1.00 13.30 ? 150 ARG B CG  1 
ATOM   1127 C CD  . ARG B 2 54 ? 10.800  -7.587  0.974   1.00 24.90 ? 150 ARG B CD  1 
ATOM   1128 N NE  . ARG B 2 54 ? 9.933   -7.089  2.059   1.00 27.55 ? 150 ARG B NE  1 
ATOM   1129 C CZ  . ARG B 2 54 ? 10.379  -6.616  3.209   1.00 29.15 ? 150 ARG B CZ  1 
ATOM   1130 N NH1 . ARG B 2 54 ? 9.523   -6.173  4.114   1.00 34.85 ? 150 ARG B NH1 1 
ATOM   1131 N NH2 . ARG B 2 54 ? 11.674  -6.569  3.456   1.00 31.06 ? 150 ARG B NH2 1 
ATOM   1132 N N   . LEU B 2 55 ? 7.009   -4.323  -1.355  1.00 7.18  ? 151 LEU B N   1 
ATOM   1133 C CA  . LEU B 2 55 ? 6.711   -2.882  -1.579  1.00 6.99  ? 151 LEU B CA  1 
ATOM   1134 C C   . LEU B 2 55 ? 7.716   -2.133  -0.716  1.00 7.32  ? 151 LEU B C   1 
ATOM   1135 O O   . LEU B 2 55 ? 7.767   -2.339  0.503   1.00 7.11  ? 151 LEU B O   1 
ATOM   1136 C CB  . LEU B 2 55 ? 5.247   -2.517  -1.222  1.00 7.64  ? 151 LEU B CB  1 
ATOM   1137 C CG  . LEU B 2 55 ? 4.846   -1.081  -1.560  1.00 6.41  ? 151 LEU B CG  1 
ATOM   1138 C CD1 . LEU B 2 55 ? 4.756   -0.949  -3.113  1.00 5.18  ? 151 LEU B CD1 1 
ATOM   1139 C CD2 . LEU B 2 55 ? 3.547   -0.828  -0.863  1.00 7.99  ? 151 LEU B CD2 1 
ATOM   1140 N N   . VAL B 2 56 ? 8.569   -1.353  -1.381  1.00 6.71  ? 152 VAL B N   1 
ATOM   1141 C CA  . VAL B 2 56 ? 9.656   -0.664  -0.723  1.00 6.46  ? 152 VAL B CA  1 
ATOM   1142 C C   . VAL B 2 56 ? 9.714   0.785   -1.178  1.00 7.50  ? 152 VAL B C   1 
ATOM   1143 O O   . VAL B 2 56 ? 9.100   1.170   -2.186  1.00 6.78  ? 152 VAL B O   1 
ATOM   1144 C CB  . VAL B 2 56 ? 11.036  -1.342  -1.021  1.00 6.62  ? 152 VAL B CB  1 
ATOM   1145 C CG1 . VAL B 2 56 ? 11.058  -2.805  -0.442  1.00 6.86  ? 152 VAL B CG1 1 
ATOM   1146 C CG2 . VAL B 2 56 ? 11.370  -1.299  -2.495  1.00 5.19  ? 152 VAL B CG2 1 
ATOM   1147 N N   . VAL B 2 57 ? 10.463  1.596   -0.434  1.00 6.74  ? 153 VAL B N   1 
ATOM   1148 C CA  . VAL B 2 57 ? 10.750  2.953   -0.883  1.00 7.26  ? 153 VAL B CA  1 
ATOM   1149 C C   . VAL B 2 57 ? 11.770  2.806   -1.976  1.00 7.85  ? 153 VAL B C   1 
ATOM   1150 O O   . VAL B 2 57 ? 12.915  2.342   -1.738  1.00 8.12  ? 153 VAL B O   1 
ATOM   1151 C CB  . VAL B 2 57 ? 11.315  3.855   0.249   1.00 6.73  ? 153 VAL B CB  1 
ATOM   1152 C CG1 . VAL B 2 57 ? 11.440  5.267   -0.301  1.00 9.51  ? 153 VAL B CG1 1 
ATOM   1153 C CG2 . VAL B 2 57 ? 10.327  3.880   1.429   1.00 8.26  ? 153 VAL B CG2 1 
ATOM   1154 N N   . LYS B 2 58 ? 11.356  3.179   -3.187  1.00 6.32  ? 154 LYS B N   1 
ATOM   1155 C CA  . LYS B 2 58 ? 12.167  3.012   -4.377  1.00 7.82  ? 154 LYS B CA  1 
ATOM   1156 C C   . LYS B 2 58 ? 12.079  4.246   -5.235  1.00 6.79  ? 154 LYS B C   1 
ATOM   1157 O O   . LYS B 2 58 ? 11.401  4.283   -6.264  1.00 6.37  ? 154 LYS B O   1 
ATOM   1158 C CB  . LYS B 2 58 ? 11.694  1.774   -5.147  1.00 7.75  ? 154 LYS B CB  1 
ATOM   1159 C CG  . LYS B 2 58 ? 12.859  1.053   -5.826  1.00 10.88 ? 154 LYS B CG  1 
ATOM   1160 C CD  . LYS B 2 58 ? 12.363  -0.221  -6.515  1.00 13.69 ? 154 LYS B CD  1 
ATOM   1161 C CE  . LYS B 2 58 ? 13.502  -0.935  -7.240  1.00 11.77 ? 154 LYS B CE  1 
ATOM   1162 N NZ  . LYS B 2 58 ? 12.940  -1.750  -8.382  1.00 14.20 ? 154 LYS B NZ  1 
ATOM   1163 N N   . ASP B 2 59 ? 12.853  5.241   -4.806  1.00 7.79  ? 155 ASP B N   1 
ATOM   1164 C CA  . ASP B 2 59 ? 12.894  6.593   -5.344  1.00 8.66  ? 155 ASP B CA  1 
ATOM   1165 C C   . ASP B 2 59 ? 13.001  6.572   -6.880  1.00 7.76  ? 155 ASP B C   1 
ATOM   1166 O O   . ASP B 2 59 ? 14.008  6.126   -7.405  1.00 8.53  ? 155 ASP B O   1 
ATOM   1167 C CB  . ASP B 2 59 ? 14.158  7.250   -4.728  1.00 9.83  ? 155 ASP B CB  1 
ATOM   1168 C CG  . ASP B 2 59 ? 14.180  8.789   -4.813  1.00 14.66 ? 155 ASP B CG  1 
ATOM   1169 O OD1 . ASP B 2 59 ? 13.138  9.452   -5.163  1.00 11.01 ? 155 ASP B OD1 1 
ATOM   1170 O OD2 . ASP B 2 59 ? 15.263  9.394   -4.527  1.00 15.00 ? 155 ASP B OD2 1 
ATOM   1171 N N   . GLY B 2 60 ? 11.970  7.045   -7.575  1.00 5.80  ? 156 GLY B N   1 
ATOM   1172 C CA  . GLY B 2 60 ? 12.023  7.244   -9.028  1.00 7.56  ? 156 GLY B CA  1 
ATOM   1173 C C   . GLY B 2 60 ? 11.622  5.981   -9.809  1.00 8.84  ? 156 GLY B C   1 
ATOM   1174 O O   . GLY B 2 60 ? 11.641  5.961   -11.038 1.00 9.37  ? 156 GLY B O   1 
ATOM   1175 N N   . ASN B 2 61 ? 11.281  4.919   -9.107  1.00 8.57  ? 157 ASN B N   1 
ATOM   1176 C CA  . ASN B 2 61 ? 10.865  3.672   -9.745  1.00 8.59  ? 157 ASN B CA  1 
ATOM   1177 C C   . ASN B 2 61 ? 9.539   3.141   -9.200  1.00 8.71  ? 157 ASN B C   1 
ATOM   1178 O O   . ASN B 2 61 ? 9.519   2.086   -8.557  1.00 6.29  ? 157 ASN B O   1 
ATOM   1179 C CB  . ASN B 2 61 ? 11.967  2.632   -9.557  1.00 8.99  ? 157 ASN B CB  1 
ATOM   1180 C CG  . ASN B 2 61 ? 13.164  2.923   -10.398 1.00 13.23 ? 157 ASN B CG  1 
ATOM   1181 O OD1 . ASN B 2 61 ? 13.095  2.908   -11.632 1.00 18.17 ? 157 ASN B OD1 1 
ATOM   1182 N ND2 . ASN B 2 61 ? 14.288  3.198   -9.751  1.00 17.93 ? 157 ASN B ND2 1 
ATOM   1183 N N   . PRO B 2 62 ? 8.440   3.871   -9.423  1.00 8.40  ? 158 PRO B N   1 
ATOM   1184 C CA  . PRO B 2 62 ? 7.156   3.546   -8.789  1.00 7.09  ? 158 PRO B CA  1 
ATOM   1185 C C   . PRO B 2 62 ? 6.489   2.261   -9.295  1.00 7.24  ? 158 PRO B C   1 
ATOM   1186 O O   . PRO B 2 62 ? 6.634   1.880   -10.465 1.00 8.20  ? 158 PRO B O   1 
ATOM   1187 C CB  . PRO B 2 62 ? 6.280   4.766   -9.121  1.00 8.09  ? 158 PRO B CB  1 
ATOM   1188 C CG  . PRO B 2 62 ? 6.860   5.293   -10.406 1.00 7.46  ? 158 PRO B CG  1 
ATOM   1189 C CD  . PRO B 2 62 ? 8.353   5.068   -10.311 1.00 7.30  ? 158 PRO B CD  1 
ATOM   1190 N N   . PHE B 2 63 ? 5.745   1.602   -8.408  1.00 7.02  ? 159 PHE B N   1 
ATOM   1191 C CA  . PHE B 2 63 ? 4.886   0.455   -8.748  1.00 6.17  ? 159 PHE B CA  1 
ATOM   1192 C C   . PHE B 2 63 ? 3.598   1.123   -9.241  1.00 5.88  ? 159 PHE B C   1 
ATOM   1193 O O   . PHE B 2 63 ? 2.979   1.878   -8.477  1.00 8.02  ? 159 PHE B O   1 
ATOM   1194 C CB  . PHE B 2 63 ? 4.640   -0.324  -7.438  1.00 5.84  ? 159 PHE B CB  1 
ATOM   1195 C CG  . PHE B 2 63 ? 3.639   -1.453  -7.542  1.00 5.80  ? 159 PHE B CG  1 
ATOM   1196 C CD1 . PHE B 2 63 ? 3.683   -2.389  -8.566  1.00 9.94  ? 159 PHE B CD1 1 
ATOM   1197 C CD2 . PHE B 2 63 ? 2.693   -1.629  -6.510  1.00 7.58  ? 159 PHE B CD2 1 
ATOM   1198 C CE1 . PHE B 2 63 ? 2.722   -3.462  -8.598  1.00 9.07  ? 159 PHE B CE1 1 
ATOM   1199 C CE2 . PHE B 2 63 ? 1.736   -2.642  -6.538  1.00 8.59  ? 159 PHE B CE2 1 
ATOM   1200 C CZ  . PHE B 2 63 ? 1.760   -3.578  -7.555  1.00 8.45  ? 159 PHE B CZ  1 
ATOM   1201 N N   . ILE B 2 64 ? 3.196   0.860   -10.489 1.00 6.13  ? 160 ILE B N   1 
ATOM   1202 C CA  . ILE B 2 64 ? 1.988   1.499   -11.041 1.00 5.49  ? 160 ILE B CA  1 
ATOM   1203 C C   . ILE B 2 64 ? 0.762   0.635   -10.820 1.00 5.07  ? 160 ILE B C   1 
ATOM   1204 O O   . ILE B 2 64 ? 0.766   -0.577  -11.144 1.00 5.77  ? 160 ILE B O   1 
ATOM   1205 C CB  . ILE B 2 64 ? 2.139   1.799   -12.553 1.00 6.23  ? 160 ILE B CB  1 
ATOM   1206 C CG1 . ILE B 2 64 ? 3.449   2.534   -12.888 1.00 9.11  ? 160 ILE B CG1 1 
ATOM   1207 C CG2 . ILE B 2 64 ? 0.904   2.557   -13.094 1.00 5.94  ? 160 ILE B CG2 1 
ATOM   1208 C CD1 . ILE B 2 64 ? 3.648   3.893   -12.234 1.00 12.71 ? 160 ILE B CD1 1 
ATOM   1209 N N   . ILE B 2 65 ? -0.288  1.252   -10.247 1.00 6.04  ? 161 ILE B N   1 
ATOM   1210 C CA  . ILE B 2 65 ? -1.421  0.518   -9.688  1.00 6.36  ? 161 ILE B CA  1 
ATOM   1211 C C   . ILE B 2 65 ? -2.765  1.089   -10.126 1.00 6.77  ? 161 ILE B C   1 
ATOM   1212 O O   . ILE B 2 65 ? -2.869  2.201   -10.680 1.00 6.12  ? 161 ILE B O   1 
ATOM   1213 C CB  . ILE B 2 65 ? -1.366  0.512   -8.105  1.00 8.07  ? 161 ILE B CB  1 
ATOM   1214 C CG1 . ILE B 2 65 ? -1.302  1.929   -7.560  1.00 8.23  ? 161 ILE B CG1 1 
ATOM   1215 C CG2 . ILE B 2 65 ? -0.114  -0.210  -7.543  1.00 7.43  ? 161 ILE B CG2 1 
ATOM   1216 C CD1 . ILE B 2 65 ? -2.565  2.474   -7.443  1.00 19.52 ? 161 ILE B CD1 1 
ATOM   1217 N N   . ARG B 2 66 ? -3.798  0.292   -9.881  1.00 5.49  ? 162 ARG B N   1 
ATOM   1218 C CA  . ARG B 2 66 ? -5.186  0.710   -10.007 1.00 6.94  ? 162 ARG B CA  1 
ATOM   1219 C C   . ARG B 2 66 ? -5.915  0.148   -8.777  1.00 6.24  ? 162 ARG B C   1 
ATOM   1220 O O   . ARG B 2 66 ? -5.383  -0.753  -8.087  1.00 7.37  ? 162 ARG B O   1 
ATOM   1221 C CB  . ARG B 2 66 ? -5.782  0.190   -11.326 1.00 6.90  ? 162 ARG B CB  1 
ATOM   1222 C CG  . ARG B 2 66 ? -5.513  -1.275  -11.529 1.00 8.29  ? 162 ARG B CG  1 
ATOM   1223 C CD  . ARG B 2 66 ? -5.929  -1.922  -12.852 1.00 13.86 ? 162 ARG B CD  1 
ATOM   1224 N NE  . ARG B 2 66 ? -5.481  -3.287  -12.643 1.00 16.99 ? 162 ARG B NE  1 
ATOM   1225 C CZ  . ARG B 2 66 ? -6.268  -4.360  -12.596 1.00 20.84 ? 162 ARG B CZ  1 
ATOM   1226 N NH1 . ARG B 2 66 ? -7.575  -4.268  -12.833 1.00 19.14 ? 162 ARG B NH1 1 
ATOM   1227 N NH2 . ARG B 2 66 ? -5.715  -5.542  -12.326 1.00 22.19 ? 162 ARG B NH2 1 
ATOM   1228 N N   . PHE B 2 67 ? -7.104  0.680   -8.492  1.00 6.94  ? 163 PHE B N   1 
ATOM   1229 C CA  . PHE B 2 67 ? -7.797  0.416   -7.240  1.00 7.08  ? 163 PHE B CA  1 
ATOM   1230 C C   . PHE B 2 67 ? -9.152  -0.177  -7.539  1.00 6.93  ? 163 PHE B C   1 
ATOM   1231 O O   . PHE B 2 67 ? -10.000 0.471   -8.160  1.00 6.20  ? 163 PHE B O   1 
ATOM   1232 C CB  . PHE B 2 67 ? -7.970  1.729   -6.442  1.00 7.66  ? 163 PHE B CB  1 
ATOM   1233 C CG  . PHE B 2 67 ? -6.682  2.411   -6.145  1.00 8.17  ? 163 PHE B CG  1 
ATOM   1234 C CD1 . PHE B 2 67 ? -5.894  1.971   -5.066  1.00 9.12  ? 163 PHE B CD1 1 
ATOM   1235 C CD2 . PHE B 2 67 ? -6.234  3.480   -6.924  1.00 6.07  ? 163 PHE B CD2 1 
ATOM   1236 C CE1 . PHE B 2 67 ? -4.627  2.563   -4.790  1.00 8.05  ? 163 PHE B CE1 1 
ATOM   1237 C CE2 . PHE B 2 67 ? -4.987  4.105   -6.647  1.00 6.88  ? 163 PHE B CE2 1 
ATOM   1238 C CZ  . PHE B 2 67 ? -4.180  3.661   -5.592  1.00 6.76  ? 163 PHE B CZ  1 
ATOM   1239 N N   . LYS B 2 68 ? -9.348  -1.420  -7.134  1.00 6.10  ? 164 LYS B N   1 
ATOM   1240 C CA  . LYS B 2 68 ? -10.592 -2.127  -7.409  1.00 6.19  ? 164 LYS B CA  1 
ATOM   1241 C C   . LYS B 2 68 ? -11.449 -2.178  -6.164  1.00 5.35  ? 164 LYS B C   1 
ATOM   1242 O O   . LYS B 2 68 ? -11.027 -2.688  -5.145  1.00 3.32  ? 164 LYS B O   1 
ATOM   1243 C CB  . LYS B 2 68 ? -10.293 -3.556  -7.888  1.00 6.97  ? 164 LYS B CB  1 
ATOM   1244 C CG  . LYS B 2 68 ? -11.566 -4.358  -8.239  1.00 10.86 ? 164 LYS B CG  1 
ATOM   1245 C CD  . LYS B 2 68 ? -11.232 -5.832  -8.451  1.00 16.36 ? 164 LYS B CD  1 
ATOM   1246 C CE  . LYS B 2 68 ? -12.101 -6.498  -9.506  1.00 20.68 ? 164 LYS B CE  1 
ATOM   1247 N NZ  . LYS B 2 68 ? -13.556 -6.543  -9.197  1.00 23.91 ? 164 LYS B NZ  1 
ATOM   1248 N N   . LYS B 2 69 ? -12.663 -1.661  -6.255  1.00 4.87  ? 165 LYS B N   1 
ATOM   1249 C CA  . LYS B 2 69 ? -13.542 -1.585  -5.113  1.00 5.78  ? 165 LYS B CA  1 
ATOM   1250 C C   . LYS B 2 69 ? -13.989 -2.961  -4.764  1.00 7.12  ? 165 LYS B C   1 
ATOM   1251 O O   . LYS B 2 69 ? -14.357 -3.741  -5.642  1.00 6.32  ? 165 LYS B O   1 
ATOM   1252 C CB  . LYS B 2 69 ? -14.769 -0.710  -5.416  1.00 5.21  ? 165 LYS B CB  1 
ATOM   1253 C CG  . LYS B 2 69 ? -15.624 -0.477  -4.174  1.00 6.62  ? 165 LYS B CG  1 
ATOM   1254 C CD  . LYS B 2 69 ? -16.729 0.519   -4.503  1.00 7.74  ? 165 LYS B CD  1 
ATOM   1255 C CE  . LYS B 2 69 ? -17.809 0.503   -3.436  1.00 10.61 ? 165 LYS B CE  1 
ATOM   1256 N NZ  . LYS B 2 69 ? -18.947 1.391   -3.841  1.00 11.86 ? 165 LYS B NZ  1 
ATOM   1257 N N   . SER B 2 70 ? -13.940 -3.273  -3.475  1.00 9.79  ? 166 SER B N   1 
ATOM   1258 C CA  . SER B 2 70 ? -14.352 -4.583  -2.998  1.00 14.51 ? 166 SER B CA  1 
ATOM   1259 C C   . SER B 2 70 ? -15.839 -4.840  -3.281  1.00 16.27 ? 166 SER B C   1 
ATOM   1260 O O   . SER B 2 70 ? -16.685 -3.966  -3.073  1.00 15.97 ? 166 SER B O   1 
ATOM   1261 C CB  . SER B 2 70 ? -14.079 -4.689  -1.503  1.00 15.98 ? 166 SER B CB  1 
ATOM   1262 O OG  . SER B 2 70 ? -13.533 -5.964  -1.190  1.00 22.03 ? 166 SER B OG  1 
ATOM   1263 N N   . GLY B 2 71 ? -16.142 -6.041  -3.772  1.00 17.80 ? 167 GLY B N   1 
ATOM   1264 C CA  . GLY B 2 71 ? -17.476 -6.360  -4.241  1.00 20.39 ? 167 GLY B CA  1 
ATOM   1265 C C   . GLY B 2 71 ? -17.598 -6.057  -5.733  1.00 21.58 ? 167 GLY B C   1 
ATOM   1266 O O   . GLY B 2 71 ? -16.608 -5.795  -6.434  1.00 23.18 ? 167 GLY B O   1 
ATOM   1267 O OXT . GLY B 2 71 ? -18.680 -6.065  -6.329  1.00 22.30 ? 167 GLY B OXT 1 
HETATM 1268 O O   . HOH C 3 .  ? -4.961  -5.258  -2.397  1.00 17.66 ? 97  HOH A O   1 
HETATM 1269 O O   . HOH C 3 .  ? 2.690   -0.197  11.088  1.00 10.45 ? 98  HOH A O   1 
HETATM 1270 O O   . HOH C 3 .  ? -11.877 3.541   2.336   1.00 10.78 ? 99  HOH A O   1 
HETATM 1271 O O   . HOH C 3 .  ? -1.039  -4.702  2.293   1.00 16.37 ? 100 HOH A O   1 
HETATM 1272 O O   . HOH C 3 .  ? 7.340   1.550   10.963  1.00 12.64 ? 101 HOH A O   1 
HETATM 1273 O O   . HOH C 3 .  ? 7.702   -4.938  2.203   1.00 15.78 ? 102 HOH A O   1 
HETATM 1274 O O   . HOH C 3 .  ? -11.081 9.469   -5.448  1.00 17.36 ? 103 HOH A O   1 
HETATM 1275 O O   . HOH C 3 .  ? 7.632   -5.895  8.011   1.00 15.94 ? 104 HOH A O   1 
HETATM 1276 O O   . HOH C 3 .  ? -8.031  13.487  -7.456  1.00 10.88 ? 105 HOH A O   1 
HETATM 1277 O O   . HOH C 3 .  ? -13.734 -0.723  -8.789  1.00 11.38 ? 106 HOH A O   1 
HETATM 1278 O O   . HOH C 3 .  ? -3.305  -4.881  0.804   1.00 17.18 ? 107 HOH A O   1 
HETATM 1279 O O   . HOH C 3 .  ? 1.714   5.206   9.172   1.00 15.08 ? 108 HOH A O   1 
HETATM 1280 O O   . HOH C 3 .  ? -6.818  -3.729  10.297  1.00 12.16 ? 109 HOH A O   1 
HETATM 1281 O O   . HOH C 3 .  ? -3.631  10.819  -1.905  1.00 15.45 ? 110 HOH A O   1 
HETATM 1282 O O   . HOH C 3 .  ? -8.665  -5.296  11.883  1.00 20.51 ? 111 HOH A O   1 
HETATM 1283 O O   . HOH C 3 .  ? 0.763   -8.575  -12.929 1.00 11.22 ? 112 HOH A O   1 
HETATM 1284 O O   . HOH C 3 .  ? -4.889  -15.033 11.286  1.00 22.33 ? 113 HOH A O   1 
HETATM 1285 O O   . HOH C 3 .  ? -8.552  -9.655  9.994   1.00 21.71 ? 114 HOH A O   1 
HETATM 1286 O O   . HOH C 3 .  ? -1.297  -0.760  14.874  1.00 16.86 ? 115 HOH A O   1 
HETATM 1287 O O   . HOH C 3 .  ? 4.296   -15.518 4.459   1.00 19.45 ? 116 HOH A O   1 
HETATM 1288 O O   . HOH C 3 .  ? -21.783 10.995  -3.009  1.00 18.63 ? 117 HOH A O   1 
HETATM 1289 O O   . HOH C 3 .  ? 9.169   -7.279  11.222  1.00 29.96 ? 118 HOH A O   1 
HETATM 1290 O O   . HOH C 3 .  ? -10.590 -1.226  12.701  1.00 15.72 ? 119 HOH A O   1 
HETATM 1291 O O   . HOH C 3 .  ? -3.227  -5.009  18.273  1.00 16.09 ? 120 HOH A O   1 
HETATM 1292 O O   . HOH C 3 .  ? -7.440  -13.007 10.809  1.00 28.63 ? 121 HOH A O   1 
HETATM 1293 O O   . HOH C 3 .  ? -12.232 11.490  -8.600  1.00 14.29 ? 122 HOH A O   1 
HETATM 1294 O O   . HOH C 3 .  ? -1.576  -14.867 12.964  1.00 18.67 ? 123 HOH A O   1 
HETATM 1295 O O   . HOH C 3 .  ? -8.255  -12.660 -5.060  1.00 22.74 ? 124 HOH A O   1 
HETATM 1296 O O   . HOH C 3 .  ? 4.852   -5.451  -10.336 1.00 21.92 ? 125 HOH A O   1 
HETATM 1297 O O   . HOH C 3 .  ? -4.094  -8.870  -9.968  1.00 32.16 ? 126 HOH A O   1 
HETATM 1298 O O   . HOH C 3 .  ? 4.010   6.402   9.923   1.00 17.99 ? 127 HOH A O   1 
HETATM 1299 O O   . HOH C 3 .  ? 6.074   5.363   8.409   1.00 14.70 ? 128 HOH A O   1 
HETATM 1300 O O   . HOH C 3 .  ? -17.799 6.424   -5.383  1.00 8.03  ? 129 HOH A O   1 
HETATM 1301 O O   . HOH C 3 .  ? -14.948 14.534  -1.047  1.00 14.50 ? 130 HOH A O   1 
HETATM 1302 O O   . HOH C 3 .  ? -1.013  4.038   7.170   1.00 12.45 ? 131 HOH A O   1 
HETATM 1303 O O   . HOH C 3 .  ? 5.458   -11.761 -3.558  1.00 23.92 ? 132 HOH A O   1 
HETATM 1304 O O   . HOH C 3 .  ? -15.213 3.936   -5.245  1.00 8.26  ? 133 HOH A O   1 
HETATM 1305 O O   . HOH C 3 .  ? -6.383  -1.333  18.667  1.00 11.74 ? 134 HOH A O   1 
HETATM 1306 O O   . HOH C 3 .  ? -9.657  1.845   13.722  1.00 22.32 ? 135 HOH A O   1 
HETATM 1307 O O   . HOH C 3 .  ? -19.766 2.076   -1.308  1.00 20.27 ? 136 HOH A O   1 
HETATM 1308 O O   . HOH C 3 .  ? -17.059 1.214   -8.153  1.00 18.72 ? 137 HOH A O   1 
HETATM 1309 O O   . HOH C 3 .  ? 18.103  -2.599  6.544   1.00 24.43 ? 138 HOH A O   1 
HETATM 1310 O O   . HOH C 3 .  ? -13.307 -7.534  4.619   1.00 26.11 ? 139 HOH A O   1 
HETATM 1311 O O   . HOH C 3 .  ? -7.295  -11.422 12.889  1.00 30.82 ? 140 HOH A O   1 
HETATM 1312 O O   . HOH C 3 .  ? -4.653  12.562  6.331   1.00 29.24 ? 141 HOH A O   1 
HETATM 1313 O O   . HOH C 3 .  ? -2.629  16.365  2.767   1.00 19.26 ? 142 HOH A O   1 
HETATM 1314 O O   . HOH C 3 .  ? -19.624 3.198   1.774   1.00 25.58 ? 143 HOH A O   1 
HETATM 1315 O O   . HOH C 3 .  ? -10.896 -5.164  10.046  1.00 26.17 ? 144 HOH A O   1 
HETATM 1316 O O   . HOH C 3 .  ? -12.717 -3.284  9.436   1.00 31.02 ? 145 HOH A O   1 
HETATM 1317 O O   . HOH C 3 .  ? 0.538   16.751  -2.061  1.00 21.70 ? 146 HOH A O   1 
HETATM 1318 O O   . HOH C 3 .  ? -13.894 -7.755  1.809   1.00 38.17 ? 147 HOH A O   1 
HETATM 1319 O O   . HOH C 3 .  ? -4.966  7.146   -14.770 1.00 33.20 ? 148 HOH A O   1 
HETATM 1320 O O   . HOH C 3 .  ? -11.701 0.870   9.722   1.00 24.02 ? 149 HOH A O   1 
HETATM 1321 O O   . HOH C 3 .  ? -1.251  -8.146  17.602  1.00 33.83 ? 150 HOH A O   1 
HETATM 1322 O O   . HOH C 3 .  ? -1.294  -18.307 -10.426 1.00 26.71 ? 151 HOH A O   1 
HETATM 1323 O O   . HOH C 3 .  ? -17.123 15.002  0.114   1.00 47.45 ? 152 HOH A O   1 
HETATM 1324 O O   . HOH C 3 .  ? -0.183  -15.899 10.902  1.00 38.69 ? 153 HOH A O   1 
HETATM 1325 O O   . HOH C 3 .  ? -0.738  -5.685  -19.078 1.00 28.87 ? 154 HOH A O   1 
HETATM 1326 O O   . HOH C 3 .  ? 2.735   -16.736 -10.991 1.00 31.72 ? 155 HOH A O   1 
HETATM 1327 O O   . HOH C 3 .  ? 0.481   -11.306 18.224  1.00 29.69 ? 156 HOH A O   1 
HETATM 1328 O O   . HOH C 3 .  ? -11.829 12.862  -5.255  1.00 27.29 ? 157 HOH A O   1 
HETATM 1329 O O   . HOH C 3 .  ? -9.254  -7.880  -10.890 1.00 37.37 ? 158 HOH A O   1 
HETATM 1330 O O   . HOH C 3 .  ? -8.232  -11.626 -2.568  1.00 27.86 ? 159 HOH A O   1 
HETATM 1331 O O   . HOH C 3 .  ? -3.525  -7.292  17.828  1.00 40.46 ? 160 HOH A O   1 
HETATM 1332 O O   . HOH C 3 .  ? 7.029   -4.288  -10.935 1.00 39.37 ? 161 HOH A O   1 
HETATM 1333 O O   . HOH C 3 .  ? -1.194  -16.515 15.282  1.00 43.70 ? 162 HOH A O   1 
HETATM 1334 O O   . HOH C 3 .  ? -11.116 14.877  -1.756  1.00 23.66 ? 163 HOH A O   1 
HETATM 1335 O O   . HOH C 3 .  ? 2.413   -14.267 -0.193  1.00 44.90 ? 164 HOH A O   1 
HETATM 1336 O O   . HOH C 3 .  ? -8.699  -8.626  12.411  1.00 34.93 ? 165 HOH A O   1 
HETATM 1337 O O   . HOH C 3 .  ? -15.531 2.660   8.498   1.00 30.93 ? 166 HOH A O   1 
HETATM 1338 O O   . HOH C 3 .  ? 7.480   5.124   11.368  1.00 34.65 ? 167 HOH A O   1 
HETATM 1339 O O   . HOH C 3 .  ? 2.062   -18.630 -7.071  1.00 31.30 ? 168 HOH A O   1 
HETATM 1340 O O   . HOH C 3 .  ? -22.706 10.763  -0.452  1.00 19.29 ? 169 HOH A O   1 
HETATM 1341 O O   . HOH C 3 .  ? -5.751  9.179   -14.003 1.00 28.06 ? 170 HOH A O   1 
HETATM 1342 O O   . HOH C 3 .  ? 10.791  -18.314 10.305  1.00 30.46 ? 171 HOH A O   1 
HETATM 1343 O O   . HOH C 3 .  ? -16.334 -2.327  -0.005  1.00 29.28 ? 172 HOH A O   1 
HETATM 1344 O O   . HOH C 3 .  ? -10.286 -11.231 -4.041  1.00 59.27 ? 173 HOH A O   1 
HETATM 1345 O O   . HOH C 3 .  ? 7.633   -18.402 10.829  1.00 38.87 ? 174 HOH A O   1 
HETATM 1346 O O   . HOH C 3 .  ? -9.867  11.243  13.980  1.00 32.23 ? 175 HOH A O   1 
HETATM 1347 O O   . HOH C 3 .  ? 12.321  0.871   11.313  1.00 25.84 ? 176 HOH A O   1 
HETATM 1348 O O   . HOH C 3 .  ? 12.129  2.923   8.777   1.00 37.31 ? 177 HOH A O   1 
HETATM 1349 O O   . HOH C 3 .  ? -16.213 -3.211  1.837   1.00 32.31 ? 178 HOH A O   1 
HETATM 1350 O O   . HOH C 3 .  ? -8.381  17.690  10.461  1.00 37.90 ? 179 HOH A O   1 
HETATM 1351 O O   . HOH C 3 .  ? -17.592 -2.544  -7.767  1.00 26.78 ? 180 HOH A O   1 
HETATM 1352 O O   . HOH C 3 .  ? -17.043 1.643   7.683   1.00 44.69 ? 181 HOH A O   1 
HETATM 1353 O O   . HOH C 3 .  ? -16.990 7.036   6.983   1.00 27.60 ? 182 HOH A O   1 
HETATM 1354 O O   . HOH C 3 .  ? 7.542   -21.046 11.209  1.00 39.57 ? 183 HOH A O   1 
HETATM 1355 O O   . HOH C 3 .  ? 4.326   -19.789 7.167   1.00 41.96 ? 184 HOH A O   1 
HETATM 1356 O O   . HOH C 3 .  ? -13.318 -7.335  6.999   1.00 44.25 ? 185 HOH A O   1 
HETATM 1357 O O   . HOH C 3 .  ? -9.831  -10.572 -0.506  1.00 49.75 ? 186 HOH A O   1 
HETATM 1358 O O   . HOH C 3 .  ? -2.180  0.838   14.928  1.00 34.31 ? 187 HOH A O   1 
HETATM 1359 O O   . HOH C 3 .  ? -5.457  0.483   -15.483 1.00 40.59 ? 188 HOH A O   1 
HETATM 1360 O O   . HOH C 3 .  ? -12.037 12.584  9.126   1.00 41.67 ? 189 HOH A O   1 
HETATM 1361 O O   . HOH C 3 .  ? -6.505  -8.927  -11.079 1.00 28.96 ? 190 HOH A O   1 
HETATM 1362 O O   . HOH D 3 .  ? 2.107   -2.317  -12.615 1.00 22.07 ? 168 HOH B O   1 
HETATM 1363 O O   . HOH D 3 .  ? -1.137  5.843   9.449   1.00 12.09 ? 169 HOH B O   1 
HETATM 1364 O O   . HOH D 3 .  ? 16.335  -0.035  5.488   1.00 21.09 ? 170 HOH B O   1 
HETATM 1365 O O   . HOH D 3 .  ? 7.321   10.878  -5.276  1.00 25.62 ? 171 HOH B O   1 
HETATM 1366 O O   . HOH D 3 .  ? -7.603  2.957   -13.088 1.00 26.56 ? 172 HOH B O   1 
HETATM 1367 O O   . HOH D 3 .  ? 4.791   -1.114  -12.050 1.00 15.62 ? 173 HOH B O   1 
HETATM 1368 O O   . HOH D 3 .  ? 17.127  -3.403  -1.127  1.00 21.73 ? 174 HOH B O   1 
HETATM 1369 O O   . HOH D 3 .  ? -8.104  2.566   -10.352 1.00 12.73 ? 175 HOH B O   1 
HETATM 1370 O O   . HOH D 3 .  ? 8.240   -4.705  5.299   1.00 20.59 ? 176 HOH B O   1 
HETATM 1371 O O   . HOH D 3 .  ? 3.973   13.937  -4.207  1.00 17.93 ? 177 HOH B O   1 
HETATM 1372 O O   . HOH D 3 .  ? 13.938  -4.323  1.248   1.00 30.42 ? 178 HOH B O   1 
HETATM 1373 O O   . HOH D 3 .  ? 8.228   16.174  -2.344  1.00 23.53 ? 179 HOH B O   1 
HETATM 1374 O O   . HOH D 3 .  ? 11.214  13.666  -5.549  1.00 20.41 ? 180 HOH B O   1 
HETATM 1375 O O   . HOH D 3 .  ? 7.604   -4.393  11.395  1.00 33.24 ? 181 HOH B O   1 
HETATM 1376 O O   . HOH D 3 .  ? 0.638   9.941   10.602  1.00 32.48 ? 182 HOH B O   1 
HETATM 1377 O O   . HOH D 3 .  ? 1.791   7.919   12.137  1.00 29.14 ? 183 HOH B O   1 
HETATM 1378 O O   . HOH D 3 .  ? 8.869   18.726  -0.901  1.00 22.88 ? 184 HOH B O   1 
HETATM 1379 O O   . HOH D 3 .  ? 6.388   15.678  1.652   1.00 27.99 ? 185 HOH B O   1 
HETATM 1380 O O   . HOH D 3 .  ? 20.459  -6.269  1.061   1.00 25.25 ? 186 HOH B O   1 
HETATM 1381 O O   . HOH D 3 .  ? -2.428  12.634  7.746   1.00 29.41 ? 187 HOH B O   1 
HETATM 1382 O O   . HOH D 3 .  ? 18.734  -5.658  -0.322  1.00 27.07 ? 188 HOH B O   1 
HETATM 1383 O O   . HOH D 3 .  ? 8.945   -0.542  -8.942  1.00 18.78 ? 189 HOH B O   1 
HETATM 1384 O O   . HOH D 3 .  ? 9.457   9.996   -9.233  1.00 18.30 ? 190 HOH B O   1 
HETATM 1385 O O   . HOH D 3 .  ? -17.897 4.023   -4.263  1.00 14.31 ? 191 HOH B O   1 
HETATM 1386 O O   . HOH D 3 .  ? -0.092  -1.478  12.262  1.00 13.11 ? 192 HOH B O   1 
HETATM 1387 O O   . HOH D 3 .  ? 3.378   2.850   -5.996  1.00 11.19 ? 193 HOH B O   1 
HETATM 1388 O O   . HOH D 3 .  ? 10.796  9.089   -5.617  1.00 12.26 ? 194 HOH B O   1 
HETATM 1389 O O   . HOH D 3 .  ? 13.864  -6.212  -0.539  1.00 40.40 ? 195 HOH B O   1 
HETATM 1390 O O   . HOH D 3 .  ? 9.874   11.327  -6.897  1.00 21.90 ? 196 HOH B O   1 
HETATM 1391 O O   . HOH D 3 .  ? 5.554   12.653  -5.944  1.00 31.60 ? 197 HOH B O   1 
HETATM 1392 O O   . HOH D 3 .  ? -0.771  13.347  -9.107  1.00 16.69 ? 198 HOH B O   1 
HETATM 1393 O O   . HOH D 3 .  ? 13.923  -6.507  -7.729  1.00 24.05 ? 199 HOH B O   1 
HETATM 1394 O O   . HOH D 3 .  ? 14.700  4.474   -2.696  1.00 26.72 ? 200 HOH B O   1 
HETATM 1395 O O   . HOH D 3 .  ? -4.368  7.562   15.634  1.00 27.21 ? 201 HOH B O   1 
HETATM 1396 O O   . HOH D 3 .  ? 15.025  3.567   -6.914  1.00 33.79 ? 202 HOH B O   1 
HETATM 1397 O O   . HOH D 3 .  ? 7.026   10.042  8.064   1.00 44.65 ? 203 HOH B O   1 
HETATM 1398 O O   . HOH D 3 .  ? 7.828   2.426   -12.780 1.00 24.18 ? 204 HOH B O   1 
HETATM 1399 O O   . HOH D 3 .  ? 8.937   14.702  -4.420  1.00 35.92 ? 205 HOH B O   1 
HETATM 1400 O O   . HOH D 3 .  ? 17.687  6.582   -7.626  1.00 30.27 ? 206 HOH B O   1 
HETATM 1401 O O   . HOH D 3 .  ? 14.147  18.771  5.135   1.00 21.04 ? 207 HOH B O   1 
HETATM 1402 O O   . HOH D 3 .  ? 3.788   15.838  3.977   1.00 30.59 ? 208 HOH B O   1 
HETATM 1403 O O   . HOH D 3 .  ? 17.587  3.068   5.644   1.00 27.90 ? 209 HOH B O   1 
HETATM 1404 O O   . HOH D 3 .  ? 6.168   -13.311 -5.701  1.00 36.35 ? 210 HOH B O   1 
HETATM 1405 O O   . HOH D 3 .  ? 6.616   0.160   -13.852 1.00 22.32 ? 211 HOH B O   1 
HETATM 1406 O O   . HOH D 3 .  ? -1.903  4.223   17.387  1.00 38.58 ? 212 HOH B O   1 
HETATM 1407 O O   . HOH D 3 .  ? -8.978  -2.055  -14.331 1.00 32.92 ? 213 HOH B O   1 
HETATM 1408 O O   . HOH D 3 .  ? -2.260  9.111   -15.427 1.00 25.65 ? 214 HOH B O   1 
HETATM 1409 O O   . HOH D 3 .  ? 15.898  6.744   -9.929  1.00 34.32 ? 215 HOH B O   1 
HETATM 1410 O O   . HOH D 3 .  ? -0.396  1.428   14.712  1.00 29.34 ? 216 HOH B O   1 
HETATM 1411 O O   . HOH D 3 .  ? 6.197   -5.772  14.814  1.00 39.93 ? 217 HOH B O   1 
HETATM 1412 O O   . HOH D 3 .  ? 2.476   12.849  7.214   1.00 29.42 ? 218 HOH B O   1 
HETATM 1413 O O   . HOH D 3 .  ? 1.267   16.305  -4.307  1.00 28.93 ? 219 HOH B O   1 
HETATM 1414 O O   . HOH D 3 .  ? 14.388  -9.153  3.224   1.00 44.04 ? 220 HOH B O   1 
HETATM 1415 O O   . HOH D 3 .  ? 2.021   11.057  9.257   1.00 39.86 ? 221 HOH B O   1 
HETATM 1416 O O   . HOH D 3 .  ? 12.696  6.728   3.796   1.00 36.37 ? 222 HOH B O   1 
HETATM 1417 O O   . HOH D 3 .  ? 4.610   12.772  7.070   1.00 38.23 ? 223 HOH B O   1 
HETATM 1418 O O   . HOH D 3 .  ? 11.033  -4.754  -9.833  1.00 41.40 ? 224 HOH B O   1 
HETATM 1419 O O   . HOH D 3 .  ? 14.850  7.410   2.669   1.00 43.87 ? 225 HOH B O   1 
HETATM 1420 O O   . HOH D 3 .  ? 16.881  3.522   -4.734  1.00 43.22 ? 226 HOH B O   1 
HETATM 1421 O O   . HOH D 3 .  ? 14.091  11.169  5.205   1.00 34.81 ? 227 HOH B O   1 
HETATM 1422 O O   . HOH D 3 .  ? 6.300   8.881   -11.760 1.00 23.65 ? 228 HOH B O   1 
HETATM 1423 O O   . HOH D 3 .  ? 11.200  9.175   6.548   1.00 30.88 ? 229 HOH B O   1 
HETATM 1424 O O   . HOH D 3 .  ? -5.016  13.698  -10.286 1.00 32.78 ? 230 HOH B O   1 
HETATM 1425 O O   . HOH D 3 .  ? -1.068  4.433   -1.889  1.00 36.26 ? 231 HOH B O   1 
HETATM 1426 O O   . HOH D 3 .  ? -1.655  15.583  -6.556  1.00 26.02 ? 232 HOH B O   1 
HETATM 1427 O O   . HOH D 3 .  ? 15.679  -8.294  -9.658  1.00 42.16 ? 233 HOH B O   1 
HETATM 1428 O O   . HOH D 3 .  ? 2.928   6.096   19.225  1.00 48.80 ? 234 HOH B O   1 
HETATM 1429 O O   . HOH D 3 .  ? 8.722   -13.149 -7.489  1.00 38.16 ? 235 HOH B O   1 
HETATM 1430 O O   . HOH D 3 .  ? 12.399  -12.974 2.931   1.00 28.80 ? 236 HOH B O   1 
HETATM 1431 O O   . HOH D 3 .  ? 7.593   4.468   15.139  1.00 27.78 ? 237 HOH B O   1 
HETATM 1432 O O   . HOH D 3 .  ? 7.255   15.104  4.143   1.00 36.75 ? 238 HOH B O   1 
HETATM 1433 O O   . HOH D 3 .  ? 7.062   -7.605  -10.145 1.00 36.02 ? 239 HOH B O   1 
HETATM 1434 O O   . HOH D 3 .  ? 20.466  -6.077  5.491   1.00 30.98 ? 240 HOH B O   1 
HETATM 1435 O O   . HOH D 3 .  ? 19.884  -5.064  9.040   1.00 39.94 ? 241 HOH B O   1 
HETATM 1436 O O   . HOH D 3 .  ? 1.324   11.826  -15.549 1.00 36.55 ? 242 HOH B O   1 
HETATM 1437 O O   . HOH D 3 .  ? 0.184   9.599   -15.482 1.00 63.06 ? 243 HOH B O   1 
HETATM 1438 O O   . HOH D 3 .  ? 10.717  5.167   -13.661 1.00 39.18 ? 244 HOH B O   1 
HETATM 1439 O O   . HOH D 3 .  ? 13.424  12.440  1.881   1.00 27.21 ? 245 HOH B O   1 
HETATM 1440 O O   . HOH D 3 .  ? 17.467  -15.955 -3.698  1.00 30.62 ? 246 HOH B O   1 
HETATM 1441 O O   . HOH D 3 .  ? 7.462   -12.360 -12.213 1.00 37.18 ? 247 HOH B O   1 
HETATM 1442 O O   . HOH D 3 .  ? -21.147 -6.699  -6.141  1.00 41.99 ? 248 HOH B O   1 
HETATM 1443 O O   . HOH D 3 .  ? -15.353 -3.342  -8.221  1.00 34.94 ? 249 HOH B O   1 
HETATM 1444 O O   . HOH D 3 .  ? 8.572   6.343   -13.855 1.00 49.80 ? 250 HOH B O   1 
HETATM 1445 O O   . HOH D 3 .  ? -4.934  2.534   -14.999 1.00 38.12 ? 251 HOH B O   1 
HETATM 1446 O O   . HOH D 3 .  ? 22.825  -2.316  8.170   1.00 25.85 ? 252 HOH B O   1 
HETATM 1447 O O   . HOH D 3 .  ? 6.772   4.668   -13.763 1.00 49.82 ? 253 HOH B O   1 
HETATM 1448 O O   . HOH D 3 .  ? 15.090  6.409   -12.099 1.00 32.43 ? 254 HOH B O   1 
HETATM 1449 O O   . HOH D 3 .  ? 15.054  -4.181  -8.374  1.00 42.60 ? 255 HOH B O   1 
# 
